data_6BE6
#
_entry.id   6BE6
#
_cell.length_a   131.420
_cell.length_b   188.780
_cell.length_c   86.640
_cell.angle_alpha   90.00
_cell.angle_beta   90.00
_cell.angle_gamma   90.00
#
_symmetry.space_group_name_H-M   'P 21 21 2'
#
loop_
_entity.id
_entity.type
_entity.pdbx_description
1 polymer 'Disintegrin and metalloproteinase domain-containing protein 10'
2 branched alpha-D-mannopyranose-(1-3)-alpha-D-mannopyranose-(1-3)-alpha-D-mannopyranose-(1-4)-2-acetamido-2-deoxy-beta-D-glucopyranose-(1-4)-2-acetamido-2-deoxy-beta-D-glucopyranose
3 branched alpha-D-mannopyranose-(1-2)-alpha-D-mannopyranose-(1-3)-[alpha-D-mannopyranose-(1-3)-alpha-D-mannopyranose-(1-6)]alpha-D-mannopyranose-(1-4)-2-acetamido-2-deoxy-beta-D-glucopyranose-(1-4)-2-acetamido-2-deoxy-beta-D-glucopyranose
4 branched alpha-D-mannopyranose-(1-2)-alpha-D-mannopyranose-(1-3)-alpha-D-mannopyranose-(1-4)-2-acetamido-2-deoxy-beta-D-glucopyranose-(1-4)-2-acetamido-2-deoxy-beta-D-glucopyranose
5 branched alpha-D-mannopyranose-(1-2)-alpha-D-mannopyranose-(1-3)-[alpha-D-mannopyranose-(1-3)-[alpha-D-mannopyranose-(1-6)]alpha-D-mannopyranose-(1-6)]alpha-D-mannopyranose-(1-4)-2-acetamido-2-deoxy-beta-D-glucopyranose-(1-4)-2-acetamido-2-deoxy-beta-D-glucopyranose
6 non-polymer 'ZINC ION'
7 non-polymer 'CALCIUM ION'
8 non-polymer 'SULFATE ION'
9 water water
#
_entity_poly.entity_id   1
_entity_poly.type   'polypeptide(L)'
_entity_poly.pdbx_seq_one_letter_code
;TTSAEKNTCQLYIQTDHLFFKYYGTREAVIAQISSHVKAIDTIYQTTDFSGIRQISFMVKRIRINTTADEKDPTNPFRFP
NIGVEKFLELNSEQNHDDYCLAYVFTDRDFDDGVLGLAWVGAPSGSSGGICEKSKLYSDGKKKSLNTGIITVQNYGSHVP
PKVSHITFAHEVGHNFGSPHDSGTECTPGESKNLGQKENGNYIMYARATSGDKLNNNKFSLCSIRQISQVLEKKRNNCFV
ESGQPICGNGMVEQGEECDCGYSDQCKDECCFDANQPEGRKCKLKPGKQCSPSQGPCCTAQCAFKSKSEKCRDDSDCARE
GICNGFTALCPASDPKPQFTDCNRHTQVCINGQCAGSICEKYGLEECTCASSDGKDDKELCHVCCMKKMDPSTCASTGSV
QWSRHFSGRTITLQPGSPCNDFRGYCDVFMRCRLVDADGPLGGHHHHHH
;
_entity_poly.pdbx_strand_id   A,B,C,D
#
# COMPACT_ATOMS: atom_id res chain seq x y z
N GLU A 5 -20.71 11.21 -6.96
CA GLU A 5 -21.41 11.46 -8.21
C GLU A 5 -21.83 10.13 -8.85
N LYS A 6 -20.90 9.49 -9.56
CA LYS A 6 -21.15 8.19 -10.18
C LYS A 6 -20.82 7.11 -9.17
N ASN A 7 -21.78 6.85 -8.27
CA ASN A 7 -21.57 5.96 -7.14
C ASN A 7 -22.56 4.82 -7.05
N THR A 8 -23.47 4.67 -8.02
CA THR A 8 -24.42 3.57 -8.00
C THR A 8 -24.21 2.68 -9.21
N CYS A 9 -24.29 1.37 -9.00
CA CYS A 9 -24.03 0.36 -10.00
C CYS A 9 -25.34 -0.30 -10.39
N GLN A 10 -25.70 -0.20 -11.67
CA GLN A 10 -26.94 -0.78 -12.17
C GLN A 10 -26.76 -2.28 -12.39
N LEU A 11 -27.64 -3.07 -11.78
CA LEU A 11 -27.55 -4.52 -11.81
C LEU A 11 -28.53 -5.11 -12.82
N TYR A 12 -28.29 -6.36 -13.17
CA TYR A 12 -29.20 -7.15 -14.00
C TYR A 12 -29.28 -8.53 -13.39
N ILE A 13 -30.42 -8.85 -12.77
CA ILE A 13 -30.59 -10.08 -12.02
C ILE A 13 -31.45 -11.05 -12.81
N GLN A 14 -30.97 -12.28 -12.95
CA GLN A 14 -31.70 -13.37 -13.59
C GLN A 14 -31.92 -14.49 -12.57
N THR A 15 -32.96 -15.28 -12.82
CA THR A 15 -33.24 -16.46 -11.99
C THR A 15 -33.64 -17.61 -12.90
N ASP A 16 -33.07 -18.78 -12.66
CA ASP A 16 -33.37 -19.95 -13.48
C ASP A 16 -34.63 -20.62 -12.95
N HIS A 17 -34.97 -21.79 -13.52
CA HIS A 17 -36.19 -22.48 -13.12
C HIS A 17 -36.04 -23.14 -11.75
N LEU A 18 -34.83 -23.54 -11.37
CA LEU A 18 -34.65 -24.16 -10.07
C LEU A 18 -34.89 -23.16 -8.94
N PHE A 19 -34.54 -21.89 -9.14
CA PHE A 19 -34.86 -20.87 -8.15
C PHE A 19 -36.36 -20.63 -8.09
N PHE A 20 -37.00 -20.54 -9.27
CA PHE A 20 -38.45 -20.40 -9.32
C PHE A 20 -39.16 -21.61 -8.72
N LYS A 21 -38.57 -22.79 -8.85
CA LYS A 21 -39.20 -23.99 -8.31
C LYS A 21 -39.24 -23.96 -6.79
N TYR A 22 -38.20 -23.41 -6.16
CA TYR A 22 -38.16 -23.41 -4.70
C TYR A 22 -39.20 -22.46 -4.12
N TYR A 23 -39.33 -21.26 -4.69
CA TYR A 23 -40.22 -20.24 -4.14
C TYR A 23 -41.62 -20.29 -4.71
N GLY A 24 -41.82 -20.91 -5.87
CA GLY A 24 -43.15 -21.19 -6.35
C GLY A 24 -43.71 -20.22 -7.39
N THR A 25 -43.76 -18.94 -7.06
CA THR A 25 -44.39 -17.94 -7.91
C THR A 25 -43.38 -16.88 -8.32
N ARG A 26 -43.77 -16.09 -9.33
CA ARG A 26 -42.92 -14.99 -9.76
C ARG A 26 -42.87 -13.87 -8.73
N GLU A 27 -43.94 -13.70 -7.96
CA GLU A 27 -43.94 -12.67 -6.93
C GLU A 27 -42.95 -13.01 -5.82
N ALA A 28 -42.85 -14.29 -5.44
CA ALA A 28 -41.99 -14.66 -4.32
C ALA A 28 -40.51 -14.48 -4.67
N VAL A 29 -40.12 -14.86 -5.90
CA VAL A 29 -38.72 -14.70 -6.29
C VAL A 29 -38.37 -13.22 -6.45
N ILE A 30 -39.30 -12.42 -6.97
CA ILE A 30 -39.07 -10.98 -7.08
C ILE A 30 -38.82 -10.38 -5.70
N ALA A 31 -39.60 -10.81 -4.70
CA ALA A 31 -39.34 -10.35 -3.34
C ALA A 31 -38.00 -10.83 -2.82
N GLN A 32 -37.49 -11.95 -3.35
CA GLN A 32 -36.16 -12.40 -2.96
C GLN A 32 -35.08 -11.53 -3.57
N ILE A 33 -35.20 -11.21 -4.86
CA ILE A 33 -34.17 -10.38 -5.50
C ILE A 33 -34.27 -8.94 -5.01
N SER A 34 -35.46 -8.50 -4.60
CA SER A 34 -35.59 -7.18 -4.00
C SER A 34 -34.92 -7.14 -2.63
N SER A 35 -35.10 -8.20 -1.83
CA SER A 35 -34.47 -8.26 -0.52
C SER A 35 -32.95 -8.41 -0.63
N HIS A 36 -32.47 -9.11 -1.67
CA HIS A 36 -31.04 -9.32 -1.80
C HIS A 36 -30.31 -8.03 -2.18
N VAL A 37 -30.89 -7.25 -3.09
CA VAL A 37 -30.26 -5.99 -3.49
C VAL A 37 -30.28 -5.00 -2.34
N LYS A 38 -31.41 -4.90 -1.63
CA LYS A 38 -31.50 -3.99 -0.49
C LYS A 38 -30.52 -4.39 0.61
N ALA A 39 -30.13 -5.67 0.66
CA ALA A 39 -29.15 -6.09 1.65
C ALA A 39 -27.77 -5.55 1.31
N ILE A 40 -27.28 -5.83 0.09
CA ILE A 40 -25.97 -5.31 -0.30
C ILE A 40 -25.99 -3.80 -0.48
N ASP A 41 -27.17 -3.22 -0.71
CA ASP A 41 -27.27 -1.76 -0.82
C ASP A 41 -26.91 -1.09 0.49
N THR A 42 -27.40 -1.64 1.61
CA THR A 42 -27.10 -1.06 2.91
C THR A 42 -25.66 -1.36 3.34
N ILE A 43 -25.13 -2.52 2.94
CA ILE A 43 -23.78 -2.90 3.35
C ILE A 43 -22.75 -1.98 2.70
N TYR A 44 -22.91 -1.70 1.41
CA TYR A 44 -21.91 -0.89 0.70
C TYR A 44 -22.07 0.60 0.98
N GLN A 45 -23.29 1.08 1.18
CA GLN A 45 -23.50 2.50 1.45
C GLN A 45 -22.88 2.91 2.78
N THR A 46 -22.95 2.03 3.78
CA THR A 46 -22.39 2.31 5.10
C THR A 46 -20.91 1.94 5.21
N THR A 47 -20.24 1.72 4.09
CA THR A 47 -18.82 1.37 4.08
C THR A 47 -18.02 2.54 3.52
N ASP A 48 -16.96 2.90 4.22
CA ASP A 48 -16.10 4.02 3.82
C ASP A 48 -14.99 3.47 2.94
N PHE A 49 -15.11 3.72 1.63
CA PHE A 49 -14.13 3.23 0.66
C PHE A 49 -13.11 4.33 0.35
N SER A 50 -12.24 4.57 1.35
CA SER A 50 -11.15 5.54 1.24
C SER A 50 -11.67 6.93 0.88
N GLY A 51 -12.81 7.31 1.46
CA GLY A 51 -13.45 8.57 1.19
C GLY A 51 -14.65 8.48 0.27
N ILE A 52 -14.77 7.39 -0.48
CA ILE A 52 -15.91 7.16 -1.37
C ILE A 52 -17.01 6.53 -0.53
N ARG A 53 -18.08 7.28 -0.28
CA ARG A 53 -19.17 6.85 0.57
C ARG A 53 -20.46 6.76 -0.23
N GLN A 54 -21.45 6.09 0.38
CA GLN A 54 -22.80 5.98 -0.17
C GLN A 54 -22.79 5.39 -1.58
N ILE A 55 -22.02 4.31 -1.75
CA ILE A 55 -22.00 3.56 -2.99
C ILE A 55 -23.12 2.52 -2.92
N SER A 56 -23.99 2.52 -3.93
CA SER A 56 -25.25 1.78 -3.88
C SER A 56 -25.40 0.91 -5.12
N PHE A 57 -26.48 0.14 -5.14
CA PHE A 57 -26.84 -0.71 -6.26
C PHE A 57 -28.26 -0.39 -6.70
N MET A 58 -28.60 -0.84 -7.91
CA MET A 58 -29.94 -0.63 -8.43
C MET A 58 -30.19 -1.68 -9.52
N VAL A 59 -31.42 -2.18 -9.58
CA VAL A 59 -31.82 -3.18 -10.56
C VAL A 59 -32.30 -2.47 -11.82
N LYS A 60 -31.64 -2.72 -12.94
CA LYS A 60 -32.04 -2.11 -14.20
C LYS A 60 -33.01 -2.99 -15.00
N ARG A 61 -32.97 -4.31 -14.79
CA ARG A 61 -33.83 -5.24 -15.51
C ARG A 61 -33.76 -6.59 -14.81
N ILE A 62 -34.84 -7.36 -14.91
CA ILE A 62 -34.91 -8.69 -14.33
C ILE A 62 -35.29 -9.68 -15.43
N ARG A 63 -35.13 -10.96 -15.12
CA ARG A 63 -35.56 -12.04 -16.01
C ARG A 63 -35.92 -13.23 -15.13
N ILE A 64 -37.21 -13.39 -14.86
CA ILE A 64 -37.70 -14.45 -13.99
C ILE A 64 -38.10 -15.63 -14.88
N ASN A 65 -37.30 -16.70 -14.83
CA ASN A 65 -37.62 -17.92 -15.56
C ASN A 65 -38.46 -18.84 -14.68
N THR A 66 -39.41 -19.52 -15.30
CA THR A 66 -40.26 -20.48 -14.63
C THR A 66 -39.91 -21.89 -15.09
N THR A 67 -40.62 -22.88 -14.55
CA THR A 67 -40.43 -24.26 -14.96
C THR A 67 -40.81 -24.47 -16.42
N ALA A 68 -41.61 -23.57 -17.00
CA ALA A 68 -41.96 -23.68 -18.41
C ALA A 68 -40.75 -23.50 -19.32
N ASP A 69 -39.74 -22.76 -18.86
CA ASP A 69 -38.54 -22.53 -19.65
C ASP A 69 -37.61 -23.73 -19.67
N GLU A 70 -37.81 -24.71 -18.77
CA GLU A 70 -36.97 -25.89 -18.75
C GLU A 70 -37.11 -26.74 -20.00
N LYS A 71 -38.24 -26.66 -20.70
CA LYS A 71 -38.46 -27.39 -21.94
C LYS A 71 -38.06 -26.58 -23.17
N ASP A 72 -37.35 -25.47 -23.00
CA ASP A 72 -36.89 -24.68 -24.13
C ASP A 72 -35.56 -25.23 -24.63
N PRO A 73 -35.48 -25.75 -25.87
CA PRO A 73 -34.22 -26.33 -26.35
C PRO A 73 -33.10 -25.31 -26.46
N THR A 74 -33.41 -24.02 -26.56
CA THR A 74 -32.41 -22.98 -26.67
C THR A 74 -31.99 -22.41 -25.32
N ASN A 75 -32.59 -22.88 -24.22
CA ASN A 75 -32.20 -22.45 -22.88
C ASN A 75 -31.10 -23.36 -22.38
N PRO A 76 -29.86 -22.91 -22.26
CA PRO A 76 -28.77 -23.78 -21.81
C PRO A 76 -28.73 -24.02 -20.31
N PHE A 77 -29.60 -23.35 -19.54
CA PHE A 77 -29.66 -23.55 -18.10
C PHE A 77 -30.58 -24.69 -17.69
N ARG A 78 -31.24 -25.35 -18.64
CA ARG A 78 -32.27 -26.33 -18.31
C ARG A 78 -31.70 -27.63 -17.77
N PHE A 79 -30.44 -27.94 -18.06
CA PHE A 79 -29.87 -29.20 -17.61
C PHE A 79 -29.73 -29.20 -16.09
N PRO A 80 -30.21 -30.23 -15.40
CA PRO A 80 -30.12 -30.22 -13.93
C PRO A 80 -28.70 -30.26 -13.40
N ASN A 81 -27.83 -31.05 -14.01
CA ASN A 81 -26.44 -31.16 -13.58
C ASN A 81 -25.60 -30.19 -14.41
N ILE A 82 -25.26 -29.05 -13.81
CA ILE A 82 -24.38 -28.06 -14.44
C ILE A 82 -23.32 -27.66 -13.42
N GLY A 83 -22.05 -27.75 -13.82
CA GLY A 83 -20.97 -27.38 -12.93
C GLY A 83 -20.95 -25.89 -12.64
N VAL A 84 -20.46 -25.54 -11.45
CA VAL A 84 -20.49 -24.15 -11.01
C VAL A 84 -19.63 -23.28 -11.93
N GLU A 85 -18.54 -23.81 -12.47
CA GLU A 85 -17.73 -23.04 -13.40
C GLU A 85 -18.49 -22.81 -14.71
N LYS A 86 -19.12 -23.86 -15.24
CA LYS A 86 -19.89 -23.70 -16.47
C LYS A 86 -21.16 -22.90 -16.25
N PHE A 87 -21.73 -22.96 -15.05
CA PHE A 87 -22.93 -22.18 -14.76
C PHE A 87 -22.64 -20.68 -14.90
N LEU A 88 -21.48 -20.24 -14.42
CA LEU A 88 -21.09 -18.85 -14.56
C LEU A 88 -20.66 -18.54 -16.00
N GLU A 89 -20.07 -19.50 -16.70
CA GLU A 89 -19.70 -19.29 -18.09
C GLU A 89 -20.94 -19.11 -18.97
N LEU A 90 -22.04 -19.77 -18.62
CA LEU A 90 -23.29 -19.54 -19.33
C LEU A 90 -23.80 -18.12 -19.12
N ASN A 91 -23.68 -17.61 -17.90
CA ASN A 91 -24.06 -16.23 -17.63
C ASN A 91 -23.12 -15.26 -18.34
N SER A 92 -21.85 -15.60 -18.44
CA SER A 92 -20.88 -14.70 -19.07
C SER A 92 -21.07 -14.63 -20.59
N GLU A 93 -21.60 -15.70 -21.20
CA GLU A 93 -21.74 -15.75 -22.65
C GLU A 93 -22.82 -14.81 -23.19
N GLN A 94 -23.48 -14.03 -22.34
CA GLN A 94 -24.46 -13.06 -22.78
C GLN A 94 -23.86 -11.65 -22.77
N ASN A 95 -24.47 -10.79 -23.59
CA ASN A 95 -24.00 -9.40 -23.70
C ASN A 95 -24.61 -8.57 -22.58
N HIS A 96 -23.77 -8.06 -21.68
CA HIS A 96 -24.21 -7.29 -20.53
C HIS A 96 -23.58 -5.90 -20.51
N ASP A 97 -23.40 -5.31 -21.70
CA ASP A 97 -22.81 -3.98 -21.78
C ASP A 97 -23.73 -2.90 -21.22
N ASP A 98 -25.02 -3.18 -21.08
CA ASP A 98 -25.97 -2.21 -20.55
C ASP A 98 -26.07 -2.24 -19.03
N TYR A 99 -25.29 -3.09 -18.36
CA TYR A 99 -25.38 -3.24 -16.92
C TYR A 99 -23.99 -3.20 -16.31
N CYS A 100 -23.89 -2.57 -15.14
CA CYS A 100 -22.63 -2.58 -14.40
C CYS A 100 -22.27 -4.00 -13.97
N LEU A 101 -23.24 -4.75 -13.46
CA LEU A 101 -23.04 -6.15 -13.11
C LEU A 101 -24.29 -6.94 -13.50
N ALA A 102 -24.08 -8.25 -13.70
CA ALA A 102 -25.17 -9.14 -14.09
C ALA A 102 -25.05 -10.44 -13.30
N TYR A 103 -26.10 -10.77 -12.55
CA TYR A 103 -26.11 -11.95 -11.70
C TYR A 103 -27.26 -12.86 -12.08
N VAL A 104 -27.09 -14.16 -11.80
CA VAL A 104 -28.12 -15.16 -12.00
C VAL A 104 -28.26 -15.97 -10.72
N PHE A 105 -29.48 -16.06 -10.19
CA PHE A 105 -29.75 -16.76 -8.95
C PHE A 105 -30.30 -18.15 -9.25
N THR A 106 -29.81 -19.16 -8.52
CA THR A 106 -30.20 -20.54 -8.75
C THR A 106 -30.40 -21.24 -7.42
N ASP A 107 -30.90 -22.47 -7.50
CA ASP A 107 -31.11 -23.34 -6.34
C ASP A 107 -30.47 -24.71 -6.62
N ARG A 108 -29.19 -24.69 -6.93
CA ARG A 108 -28.42 -25.89 -7.23
C ARG A 108 -27.48 -26.22 -6.07
N ASP A 109 -27.18 -27.49 -5.90
CA ASP A 109 -26.29 -27.98 -4.84
C ASP A 109 -24.92 -28.21 -5.46
N PHE A 110 -24.11 -27.16 -5.49
CA PHE A 110 -22.77 -27.25 -6.07
C PHE A 110 -21.85 -28.05 -5.16
N ASP A 111 -20.85 -28.69 -5.79
CA ASP A 111 -19.93 -29.55 -5.08
C ASP A 111 -18.93 -28.73 -4.26
N ASP A 112 -18.40 -29.36 -3.22
CA ASP A 112 -17.39 -28.79 -2.33
C ASP A 112 -17.91 -27.57 -1.59
N GLY A 113 -19.22 -27.47 -1.39
CA GLY A 113 -19.79 -26.38 -0.61
C GLY A 113 -19.63 -25.01 -1.23
N VAL A 114 -19.71 -24.92 -2.54
CA VAL A 114 -19.58 -23.65 -3.25
C VAL A 114 -20.95 -22.98 -3.28
N LEU A 115 -21.03 -21.76 -2.74
CA LEU A 115 -22.28 -21.02 -2.68
C LEU A 115 -22.37 -19.91 -3.73
N GLY A 116 -21.30 -19.67 -4.48
CA GLY A 116 -21.33 -18.66 -5.52
C GLY A 116 -20.03 -18.66 -6.29
N LEU A 117 -20.02 -17.90 -7.39
CA LEU A 117 -18.83 -17.79 -8.22
C LEU A 117 -18.91 -16.49 -9.01
N ALA A 118 -17.83 -15.73 -9.01
CA ALA A 118 -17.80 -14.46 -9.72
C ALA A 118 -16.37 -14.14 -10.13
N TRP A 119 -16.24 -13.27 -11.13
CA TRP A 119 -14.94 -12.82 -11.58
C TRP A 119 -14.40 -11.73 -10.66
N VAL A 120 -13.08 -11.73 -10.49
CA VAL A 120 -12.41 -10.80 -9.58
C VAL A 120 -11.99 -9.57 -10.36
N GLY A 121 -12.33 -8.39 -9.83
CA GLY A 121 -11.94 -7.15 -10.47
C GLY A 121 -10.53 -6.73 -10.12
N ALA A 122 -9.99 -5.80 -10.90
CA ALA A 122 -8.64 -5.31 -10.71
C ALA A 122 -8.54 -3.90 -11.25
N PRO A 123 -7.69 -3.06 -10.66
CA PRO A 123 -7.51 -1.70 -11.20
C PRO A 123 -6.86 -1.70 -12.58
N SER A 124 -6.05 -2.70 -12.90
CA SER A 124 -5.44 -2.83 -14.21
C SER A 124 -4.81 -4.22 -14.31
N GLY A 125 -4.39 -4.58 -15.52
CA GLY A 125 -3.60 -5.78 -15.72
C GLY A 125 -4.35 -7.09 -15.59
N SER A 126 -5.69 -7.07 -15.55
CA SER A 126 -6.46 -8.30 -15.44
C SER A 126 -7.90 -8.01 -15.79
N SER A 127 -8.49 -8.86 -16.63
CA SER A 127 -9.88 -8.72 -17.01
C SER A 127 -10.79 -9.42 -16.00
N GLY A 128 -12.05 -9.00 -15.98
CA GLY A 128 -13.03 -9.56 -15.09
C GLY A 128 -13.51 -8.52 -14.08
N GLY A 129 -14.36 -9.01 -13.17
CA GLY A 129 -14.87 -8.15 -12.13
C GLY A 129 -15.86 -7.11 -12.65
N ILE A 130 -15.96 -6.01 -11.92
CA ILE A 130 -17.02 -5.04 -12.16
C ILE A 130 -16.79 -4.31 -13.49
N CYS A 131 -17.87 -4.19 -14.27
CA CYS A 131 -17.97 -3.25 -15.39
C CYS A 131 -17.13 -3.66 -16.59
N GLU A 132 -17.14 -4.95 -16.92
CA GLU A 132 -16.49 -5.43 -18.12
C GLU A 132 -17.45 -5.40 -19.30
N LYS A 133 -16.88 -5.24 -20.50
CA LYS A 133 -17.66 -5.25 -21.73
C LYS A 133 -17.53 -6.61 -22.42
N SER A 134 -18.40 -6.82 -23.40
CA SER A 134 -18.41 -8.08 -24.14
C SER A 134 -17.35 -8.04 -25.22
N LYS A 135 -16.35 -8.92 -25.10
CA LYS A 135 -15.24 -8.97 -26.05
C LYS A 135 -14.80 -10.41 -26.22
N LEU A 136 -14.06 -10.65 -27.31
CA LEU A 136 -13.55 -11.99 -27.59
C LEU A 136 -12.42 -12.33 -26.63
N TYR A 137 -12.47 -13.54 -26.06
CA TYR A 137 -11.48 -13.97 -25.10
C TYR A 137 -10.68 -15.15 -25.66
N SER A 138 -9.83 -15.72 -24.81
CA SER A 138 -8.88 -16.75 -25.25
C SER A 138 -9.57 -18.03 -25.69
N ASP A 139 -10.67 -18.39 -25.03
CA ASP A 139 -11.41 -19.59 -25.39
C ASP A 139 -12.24 -19.43 -26.66
N GLY A 140 -12.22 -18.26 -27.28
CA GLY A 140 -12.96 -18.03 -28.50
C GLY A 140 -14.40 -17.61 -28.31
N LYS A 141 -14.83 -17.36 -27.08
CA LYS A 141 -16.20 -16.96 -26.78
C LYS A 141 -16.25 -15.48 -26.43
N LYS A 142 -17.24 -14.77 -26.95
CA LYS A 142 -17.48 -13.37 -26.59
C LYS A 142 -18.19 -13.36 -25.24
N LYS A 143 -17.40 -13.29 -24.18
CA LYS A 143 -17.91 -13.30 -22.82
C LYS A 143 -17.98 -11.89 -22.26
N SER A 144 -18.87 -11.71 -21.29
CA SER A 144 -18.94 -10.51 -20.47
C SER A 144 -18.58 -10.93 -19.05
N LEU A 145 -17.40 -10.52 -18.59
CA LEU A 145 -16.88 -10.97 -17.31
C LEU A 145 -17.38 -10.11 -16.14
N ASN A 146 -18.39 -9.28 -16.34
CA ASN A 146 -19.02 -8.54 -15.25
C ASN A 146 -20.17 -9.33 -14.64
N THR A 147 -19.92 -10.60 -14.35
CA THR A 147 -20.97 -11.54 -14.01
C THR A 147 -20.67 -12.29 -12.71
N GLY A 148 -21.71 -12.91 -12.17
CA GLY A 148 -21.59 -13.72 -10.97
C GLY A 148 -22.82 -14.56 -10.79
N ILE A 149 -22.68 -15.59 -9.96
CA ILE A 149 -23.76 -16.52 -9.68
C ILE A 149 -23.87 -16.72 -8.17
N ILE A 150 -25.09 -17.03 -7.72
CA ILE A 150 -25.34 -17.35 -6.32
C ILE A 150 -26.34 -18.50 -6.28
N THR A 151 -26.24 -19.32 -5.24
CA THR A 151 -27.16 -20.44 -5.06
C THR A 151 -27.63 -20.48 -3.61
N VAL A 152 -28.89 -20.85 -3.42
CA VAL A 152 -29.50 -20.89 -2.10
C VAL A 152 -29.62 -22.31 -1.57
N GLN A 153 -28.89 -23.26 -2.17
CA GLN A 153 -28.88 -24.64 -1.69
C GLN A 153 -27.45 -25.10 -1.49
N ASN A 154 -27.22 -25.80 -0.38
CA ASN A 154 -25.90 -26.32 -0.05
C ASN A 154 -26.08 -27.65 0.69
N TYR A 155 -25.55 -28.72 0.10
CA TYR A 155 -25.66 -30.07 0.67
C TYR A 155 -27.11 -30.48 0.87
N GLY A 156 -27.96 -30.16 -0.11
CA GLY A 156 -29.36 -30.52 -0.03
C GLY A 156 -30.14 -29.78 1.03
N SER A 157 -29.70 -28.58 1.40
CA SER A 157 -30.38 -27.78 2.42
C SER A 157 -30.38 -26.33 1.99
N HIS A 158 -31.53 -25.68 2.12
CA HIS A 158 -31.68 -24.28 1.75
C HIS A 158 -31.04 -23.38 2.80
N VAL A 159 -30.33 -22.34 2.34
CA VAL A 159 -29.63 -21.43 3.24
C VAL A 159 -30.52 -20.23 3.55
N PRO A 160 -30.56 -19.78 4.81
CA PRO A 160 -31.46 -18.68 5.17
C PRO A 160 -31.10 -17.40 4.44
N PRO A 161 -32.02 -16.44 4.39
CA PRO A 161 -31.70 -15.16 3.72
C PRO A 161 -30.57 -14.39 4.40
N LYS A 162 -30.30 -14.62 5.68
CA LYS A 162 -29.20 -13.93 6.35
C LYS A 162 -27.86 -14.37 5.77
N VAL A 163 -27.68 -15.67 5.58
CA VAL A 163 -26.46 -16.17 4.96
C VAL A 163 -26.48 -15.96 3.45
N SER A 164 -27.66 -16.02 2.82
CA SER A 164 -27.76 -15.80 1.39
C SER A 164 -27.37 -14.37 1.02
N HIS A 165 -27.80 -13.39 1.83
CA HIS A 165 -27.46 -11.99 1.55
C HIS A 165 -25.96 -11.75 1.65
N ILE A 166 -25.32 -12.31 2.68
CA ILE A 166 -23.88 -12.13 2.85
C ILE A 166 -23.13 -12.77 1.69
N THR A 167 -23.59 -13.96 1.26
CA THR A 167 -22.95 -14.62 0.12
C THR A 167 -23.09 -13.78 -1.15
N PHE A 168 -24.24 -13.12 -1.32
CA PHE A 168 -24.40 -12.20 -2.44
C PHE A 168 -23.37 -11.08 -2.37
N ALA A 169 -23.18 -10.49 -1.19
CA ALA A 169 -22.19 -9.44 -1.03
C ALA A 169 -20.77 -9.99 -1.14
N HIS A 170 -20.58 -11.26 -0.80
CA HIS A 170 -19.26 -11.88 -0.93
C HIS A 170 -18.81 -11.91 -2.39
N GLU A 171 -19.65 -12.44 -3.27
CA GLU A 171 -19.27 -12.52 -4.68
C GLU A 171 -19.17 -11.14 -5.32
N VAL A 172 -20.09 -10.24 -4.96
CA VAL A 172 -19.98 -8.85 -5.44
C VAL A 172 -18.68 -8.23 -4.95
N GLY A 173 -18.20 -8.65 -3.77
CA GLY A 173 -16.89 -8.19 -3.31
C GLY A 173 -15.78 -8.52 -4.28
N HIS A 174 -15.78 -9.75 -4.81
CA HIS A 174 -14.81 -10.11 -5.84
C HIS A 174 -14.99 -9.24 -7.08
N ASN A 175 -16.24 -8.99 -7.49
CA ASN A 175 -16.48 -8.08 -8.61
C ASN A 175 -15.90 -6.70 -8.34
N PHE A 176 -15.89 -6.27 -7.08
CA PHE A 176 -15.29 -5.01 -6.68
C PHE A 176 -13.79 -5.14 -6.43
N GLY A 177 -13.17 -6.23 -6.87
CA GLY A 177 -11.73 -6.37 -6.80
C GLY A 177 -11.18 -6.80 -5.47
N SER A 178 -11.99 -7.40 -4.60
CA SER A 178 -11.52 -7.84 -3.30
C SER A 178 -11.21 -9.32 -3.32
N PRO A 179 -10.00 -9.74 -2.99
CA PRO A 179 -9.74 -11.17 -2.81
C PRO A 179 -10.27 -11.66 -1.47
N HIS A 180 -9.96 -12.89 -1.12
CA HIS A 180 -10.36 -13.41 0.18
C HIS A 180 -9.52 -12.79 1.29
N ASP A 181 -10.13 -12.65 2.46
CA ASP A 181 -9.42 -12.11 3.61
C ASP A 181 -8.33 -13.08 4.04
N SER A 182 -7.17 -12.53 4.41
CA SER A 182 -6.03 -13.32 4.85
C SER A 182 -5.36 -12.63 6.01
N GLY A 183 -4.79 -13.42 6.91
CA GLY A 183 -4.09 -12.90 8.06
C GLY A 183 -5.01 -12.71 9.26
N THR A 184 -4.38 -12.60 10.43
CA THR A 184 -5.14 -12.39 11.66
C THR A 184 -5.77 -11.01 11.70
N GLU A 185 -5.14 -10.02 11.07
CA GLU A 185 -5.66 -8.66 11.10
C GLU A 185 -6.97 -8.52 10.32
N CYS A 186 -7.28 -9.46 9.44
CA CYS A 186 -8.51 -9.40 8.66
C CYS A 186 -9.37 -10.65 8.80
N THR A 187 -8.99 -11.60 9.64
CA THR A 187 -9.81 -12.78 9.95
C THR A 187 -9.78 -13.01 11.44
N PRO A 188 -10.59 -12.27 12.20
CA PRO A 188 -10.58 -12.43 13.66
C PRO A 188 -11.17 -13.74 14.16
N GLY A 189 -11.84 -14.51 13.31
CA GLY A 189 -12.42 -15.76 13.76
C GLY A 189 -11.39 -16.78 14.19
N GLU A 190 -10.20 -16.75 13.57
CA GLU A 190 -9.12 -17.67 13.89
C GLU A 190 -8.12 -17.09 14.88
N SER A 191 -8.49 -16.00 15.55
CA SER A 191 -7.59 -15.38 16.50
C SER A 191 -7.61 -16.12 17.83
N LYS A 192 -6.48 -16.07 18.54
CA LYS A 192 -6.35 -16.67 19.87
C LYS A 192 -6.82 -15.74 20.97
N ASN A 193 -7.76 -14.84 20.68
CA ASN A 193 -8.30 -13.91 21.65
C ASN A 193 -9.82 -14.00 21.63
N LEU A 194 -10.42 -14.18 22.81
CA LEU A 194 -11.87 -14.36 22.89
C LEU A 194 -12.62 -13.11 22.47
N GLY A 195 -12.01 -11.94 22.63
CA GLY A 195 -12.70 -10.71 22.26
C GLY A 195 -12.86 -10.56 20.76
N GLN A 196 -11.81 -10.89 19.99
CA GLN A 196 -11.88 -10.79 18.53
C GLN A 196 -12.60 -11.98 17.91
N LYS A 197 -12.62 -13.12 18.60
CA LYS A 197 -13.25 -14.32 18.03
C LYS A 197 -14.77 -14.21 18.06
N GLU A 198 -15.32 -13.59 19.11
CA GLU A 198 -16.78 -13.45 19.20
C GLU A 198 -17.32 -12.55 18.09
N ASN A 199 -16.51 -11.62 17.59
CA ASN A 199 -16.96 -10.75 16.50
C ASN A 199 -16.95 -11.45 15.15
N GLY A 200 -16.26 -12.58 15.04
CA GLY A 200 -16.30 -13.38 13.83
C GLY A 200 -15.47 -12.81 12.70
N ASN A 201 -15.44 -13.55 11.60
CA ASN A 201 -14.72 -13.15 10.41
C ASN A 201 -15.53 -12.12 9.63
N TYR A 202 -14.94 -11.59 8.56
CA TYR A 202 -15.56 -10.55 7.77
C TYR A 202 -16.28 -11.15 6.56
N ILE A 203 -16.80 -10.27 5.70
CA ILE A 203 -17.60 -10.70 4.55
C ILE A 203 -16.78 -11.57 3.62
N MET A 204 -15.57 -11.10 3.26
CA MET A 204 -14.71 -11.80 2.31
C MET A 204 -13.92 -12.93 2.96
N TYR A 205 -14.48 -13.58 3.97
CA TYR A 205 -13.86 -14.79 4.52
C TYR A 205 -13.98 -15.93 3.52
N ALA A 206 -12.89 -16.67 3.33
CA ALA A 206 -12.82 -17.67 2.29
C ALA A 206 -13.61 -18.94 2.59
N ARG A 207 -14.06 -19.13 3.84
CA ARG A 207 -14.71 -20.38 4.19
C ARG A 207 -16.17 -20.17 4.60
N ALA A 208 -16.63 -20.95 5.57
CA ALA A 208 -18.04 -20.93 5.95
C ALA A 208 -18.34 -19.74 6.86
N THR A 209 -19.54 -19.19 6.69
CA THR A 209 -20.01 -18.08 7.52
C THR A 209 -21.42 -18.38 8.01
N SER A 210 -21.72 -17.88 9.20
CA SER A 210 -23.05 -18.04 9.79
C SER A 210 -23.90 -16.78 9.70
N GLY A 211 -23.27 -15.62 9.67
CA GLY A 211 -23.99 -14.36 9.62
C GLY A 211 -24.57 -13.89 10.94
N ASP A 212 -24.37 -14.64 12.02
CA ASP A 212 -24.92 -14.29 13.32
C ASP A 212 -23.92 -13.54 14.19
N LYS A 213 -22.80 -13.10 13.62
CA LYS A 213 -21.78 -12.38 14.37
C LYS A 213 -21.62 -10.97 13.81
N LEU A 214 -20.80 -10.17 14.49
CA LEU A 214 -20.74 -8.74 14.20
C LEU A 214 -20.00 -8.47 12.89
N ASN A 215 -18.80 -9.02 12.74
CA ASN A 215 -17.96 -8.67 11.60
C ASN A 215 -18.45 -9.30 10.29
N ASN A 216 -19.29 -10.34 10.35
CA ASN A 216 -19.75 -11.01 9.14
C ASN A 216 -20.63 -10.12 8.27
N ASN A 217 -21.03 -8.95 8.77
CA ASN A 217 -21.94 -8.07 8.04
C ASN A 217 -21.22 -6.98 7.25
N LYS A 218 -19.96 -6.70 7.57
CA LYS A 218 -19.22 -5.60 6.97
C LYS A 218 -17.86 -6.09 6.48
N PHE A 219 -17.23 -5.26 5.64
CA PHE A 219 -15.96 -5.58 5.04
C PHE A 219 -14.81 -5.42 6.05
N SER A 220 -13.66 -5.98 5.70
CA SER A 220 -12.46 -5.88 6.50
C SER A 220 -11.57 -4.76 6.00
N LEU A 221 -10.52 -4.47 6.79
CA LEU A 221 -9.54 -3.48 6.37
C LEU A 221 -8.85 -3.92 5.08
N CYS A 222 -8.61 -5.22 4.93
CA CYS A 222 -8.01 -5.74 3.70
C CYS A 222 -8.91 -5.49 2.50
N SER A 223 -10.21 -5.73 2.65
CA SER A 223 -11.12 -5.65 1.51
C SER A 223 -11.39 -4.21 1.11
N ILE A 224 -11.45 -3.28 2.07
CA ILE A 224 -11.79 -1.90 1.75
C ILE A 224 -10.69 -1.26 0.91
N ARG A 225 -9.43 -1.52 1.24
CA ARG A 225 -8.33 -0.98 0.44
C ARG A 225 -8.38 -1.52 -0.98
N GLN A 226 -8.61 -2.83 -1.13
CA GLN A 226 -8.63 -3.43 -2.46
C GLN A 226 -9.81 -2.95 -3.28
N ILE A 227 -10.97 -2.76 -2.65
CA ILE A 227 -12.14 -2.28 -3.38
C ILE A 227 -11.99 -0.80 -3.73
N SER A 228 -11.35 -0.03 -2.84
CA SER A 228 -11.19 1.41 -3.09
C SER A 228 -10.32 1.66 -4.32
N GLN A 229 -9.38 0.77 -4.62
CA GLN A 229 -8.57 0.94 -5.81
C GLN A 229 -9.37 0.66 -7.07
N VAL A 230 -10.18 -0.41 -7.07
CA VAL A 230 -11.00 -0.74 -8.22
C VAL A 230 -12.07 0.33 -8.44
N LEU A 231 -12.58 0.93 -7.37
CA LEU A 231 -13.56 1.99 -7.52
C LEU A 231 -12.93 3.26 -8.07
N GLU A 232 -11.68 3.54 -7.70
CA GLU A 232 -11.02 4.74 -8.19
C GLU A 232 -10.67 4.63 -9.67
N LYS A 233 -10.47 3.40 -10.18
CA LYS A 233 -9.99 3.20 -11.53
C LYS A 233 -11.03 2.68 -12.51
N LYS A 234 -12.14 2.10 -12.03
CA LYS A 234 -13.08 1.44 -12.91
C LYS A 234 -14.51 1.97 -12.84
N ARG A 235 -14.95 2.50 -11.69
CA ARG A 235 -16.37 2.82 -11.55
C ARG A 235 -16.80 3.95 -12.48
N ASN A 236 -15.91 4.90 -12.78
CA ASN A 236 -16.30 6.05 -13.59
C ASN A 236 -16.70 5.65 -15.01
N ASN A 237 -16.22 4.51 -15.49
CA ASN A 237 -16.51 4.11 -16.87
C ASN A 237 -17.94 3.64 -17.06
N CYS A 238 -18.65 3.31 -15.98
CA CYS A 238 -19.93 2.63 -16.07
C CYS A 238 -20.97 3.11 -15.07
N PHE A 239 -20.58 3.51 -13.86
CA PHE A 239 -21.55 3.93 -12.85
C PHE A 239 -22.34 5.13 -13.34
N VAL A 240 -23.53 5.30 -12.75
CA VAL A 240 -24.41 6.39 -13.07
C VAL A 240 -24.59 7.25 -11.82
N GLU A 241 -25.17 8.41 -12.00
CA GLU A 241 -25.46 9.29 -10.87
C GLU A 241 -26.76 8.86 -10.20
N SER A 242 -26.87 9.18 -8.91
CA SER A 242 -28.08 8.83 -8.17
C SER A 242 -29.28 9.57 -8.73
N GLY A 243 -30.29 8.81 -9.15
CA GLY A 243 -31.49 9.39 -9.72
C GLY A 243 -32.76 8.66 -9.33
N GLN A 244 -33.87 9.00 -9.96
CA GLN A 244 -35.13 8.34 -9.67
C GLN A 244 -35.11 6.91 -10.20
N PRO A 245 -35.92 6.02 -9.61
CA PRO A 245 -35.96 4.64 -10.11
C PRO A 245 -36.49 4.58 -11.54
N ILE A 246 -35.96 3.65 -12.30
CA ILE A 246 -36.31 3.51 -13.71
C ILE A 246 -37.58 2.67 -13.83
N CYS A 247 -38.35 2.96 -14.86
CA CYS A 247 -39.56 2.21 -15.17
C CYS A 247 -39.22 1.05 -16.10
N GLY A 248 -39.68 -0.15 -15.75
CA GLY A 248 -39.44 -1.33 -16.55
C GLY A 248 -38.51 -2.35 -15.94
N ASN A 249 -38.03 -2.14 -14.71
CA ASN A 249 -37.16 -3.11 -14.06
C ASN A 249 -37.93 -4.24 -13.39
N GLY A 250 -39.26 -4.29 -13.56
CA GLY A 250 -40.05 -5.37 -13.02
C GLY A 250 -40.35 -5.29 -11.55
N MET A 251 -39.94 -4.23 -10.86
CA MET A 251 -40.19 -4.06 -9.44
C MET A 251 -40.87 -2.72 -9.21
N VAL A 252 -42.01 -2.74 -8.50
CA VAL A 252 -42.71 -1.50 -8.18
C VAL A 252 -41.94 -0.74 -7.12
N GLU A 253 -41.63 0.52 -7.41
CA GLU A 253 -40.87 1.36 -6.51
C GLU A 253 -41.62 2.67 -6.29
N GLN A 254 -40.99 3.57 -5.56
CA GLN A 254 -41.65 4.82 -5.20
C GLN A 254 -41.79 5.72 -6.43
N GLY A 255 -43.03 6.16 -6.69
CA GLY A 255 -43.31 7.02 -7.82
C GLY A 255 -43.99 6.34 -8.98
N GLU A 256 -44.21 5.04 -8.91
CA GLU A 256 -44.87 4.28 -9.97
C GLU A 256 -45.91 3.35 -9.35
N GLU A 257 -47.05 3.21 -10.04
CA GLU A 257 -48.13 2.39 -9.49
C GLU A 257 -47.92 0.91 -9.78
N CYS A 258 -47.44 0.58 -10.98
CA CYS A 258 -47.13 -0.80 -11.33
C CYS A 258 -45.84 -0.82 -12.14
N ASP A 259 -45.35 -2.03 -12.41
CA ASP A 259 -44.07 -2.18 -13.12
C ASP A 259 -43.99 -3.64 -13.60
N CYS A 260 -44.41 -3.86 -14.84
CA CYS A 260 -44.32 -5.19 -15.44
C CYS A 260 -43.05 -5.38 -16.25
N GLY A 261 -42.53 -4.32 -16.86
CA GLY A 261 -41.32 -4.42 -17.65
C GLY A 261 -41.42 -3.64 -18.95
N TYR A 262 -40.68 -4.06 -19.97
CA TYR A 262 -40.69 -3.42 -21.26
C TYR A 262 -41.63 -4.17 -22.20
N SER A 263 -41.58 -3.83 -23.50
CA SER A 263 -42.53 -4.40 -24.45
C SER A 263 -42.34 -5.90 -24.60
N ASP A 264 -41.10 -6.33 -24.82
CA ASP A 264 -40.78 -7.75 -24.99
C ASP A 264 -40.72 -8.52 -23.67
N GLN A 265 -41.31 -7.98 -22.61
CA GLN A 265 -41.24 -8.60 -21.29
C GLN A 265 -42.54 -8.49 -20.50
N CYS A 266 -43.42 -7.54 -20.79
CA CYS A 266 -44.65 -7.31 -20.04
C CYS A 266 -45.74 -8.23 -20.57
N LYS A 267 -46.14 -9.20 -19.77
CA LYS A 267 -47.30 -10.05 -20.05
C LYS A 267 -48.47 -9.71 -19.13
N ASP A 268 -48.61 -8.43 -18.77
CA ASP A 268 -49.63 -7.96 -17.85
C ASP A 268 -50.56 -7.00 -18.58
N GLU A 269 -51.82 -7.40 -18.73
CA GLU A 269 -52.81 -6.60 -19.43
C GLU A 269 -53.39 -5.47 -18.59
N CYS A 270 -52.81 -5.20 -17.41
CA CYS A 270 -53.30 -4.16 -16.53
C CYS A 270 -52.26 -3.08 -16.24
N CYS A 271 -51.09 -3.15 -16.86
CA CYS A 271 -50.02 -2.20 -16.59
C CYS A 271 -49.37 -1.82 -17.90
N PHE A 272 -49.26 -0.52 -18.15
CA PHE A 272 -48.53 -0.05 -19.32
C PHE A 272 -47.05 -0.37 -19.15
N ASP A 273 -46.47 -1.05 -20.15
CA ASP A 273 -45.05 -1.35 -20.11
C ASP A 273 -44.24 -0.07 -20.23
N ALA A 274 -42.92 -0.21 -20.06
CA ALA A 274 -42.03 0.94 -20.07
C ALA A 274 -41.82 1.54 -21.46
N ASN A 275 -42.44 0.97 -22.50
CA ASN A 275 -42.34 1.51 -23.85
C ASN A 275 -43.50 2.45 -24.18
N GLN A 276 -44.34 2.77 -23.21
CA GLN A 276 -45.43 3.71 -23.37
C GLN A 276 -44.98 5.13 -23.07
N PRO A 277 -45.64 6.13 -23.62
CA PRO A 277 -45.19 7.52 -23.44
C PRO A 277 -45.20 7.93 -21.97
N GLU A 278 -44.45 9.00 -21.69
CA GLU A 278 -44.37 9.52 -20.33
C GLU A 278 -45.74 9.99 -19.85
N GLY A 279 -46.08 9.62 -18.63
CA GLY A 279 -47.37 9.92 -18.04
C GLY A 279 -48.26 8.70 -17.88
N ARG A 280 -48.02 7.64 -18.65
CA ARG A 280 -48.76 6.40 -18.50
C ARG A 280 -47.88 5.16 -18.35
N LYS A 281 -46.59 5.23 -18.68
CA LYS A 281 -45.71 4.11 -18.46
C LYS A 281 -45.54 3.86 -16.96
N CYS A 282 -45.56 2.57 -16.58
CA CYS A 282 -45.52 2.14 -15.18
C CYS A 282 -46.66 2.76 -14.38
N LYS A 283 -47.82 2.95 -15.03
CA LYS A 283 -49.00 3.47 -14.36
C LYS A 283 -50.15 2.51 -14.60
N LEU A 284 -51.01 2.39 -13.59
CA LEU A 284 -52.09 1.40 -13.62
C LEU A 284 -53.09 1.72 -14.72
N LYS A 285 -53.43 0.71 -15.51
CA LYS A 285 -54.37 0.88 -16.60
C LYS A 285 -55.77 1.19 -16.06
N PRO A 286 -56.61 1.84 -16.85
CA PRO A 286 -57.97 2.15 -16.38
C PRO A 286 -58.78 0.89 -16.13
N GLY A 287 -59.66 0.96 -15.14
CA GLY A 287 -60.47 -0.17 -14.75
C GLY A 287 -59.78 -1.20 -13.89
N LYS A 288 -58.46 -1.12 -13.75
CA LYS A 288 -57.69 -2.08 -12.97
C LYS A 288 -57.28 -1.43 -11.65
N GLN A 289 -57.40 -2.20 -10.56
CA GLN A 289 -57.12 -1.68 -9.23
C GLN A 289 -55.79 -2.19 -8.65
N CYS A 290 -55.16 -3.18 -9.28
CA CYS A 290 -53.84 -3.62 -8.84
C CYS A 290 -53.17 -4.35 -10.00
N SER A 291 -51.94 -4.82 -9.75
CA SER A 291 -51.16 -5.57 -10.70
C SER A 291 -50.33 -6.57 -9.90
N PRO A 292 -50.15 -7.80 -10.41
CA PRO A 292 -49.35 -8.79 -9.66
C PRO A 292 -47.94 -8.31 -9.34
N SER A 293 -47.43 -7.31 -10.05
CA SER A 293 -46.10 -6.79 -9.74
C SER A 293 -46.05 -6.07 -8.41
N GLN A 294 -47.20 -5.62 -7.88
CA GLN A 294 -47.22 -4.90 -6.62
C GLN A 294 -47.09 -5.85 -5.43
N GLY A 295 -47.69 -7.03 -5.52
CA GLY A 295 -47.65 -7.98 -4.43
C GLY A 295 -48.46 -9.23 -4.71
N PRO A 296 -48.44 -10.17 -3.76
CA PRO A 296 -49.15 -11.44 -3.98
C PRO A 296 -50.66 -11.34 -3.78
N CYS A 297 -51.15 -10.28 -3.13
CA CYS A 297 -52.58 -10.14 -2.85
C CYS A 297 -53.31 -9.47 -4.01
N CYS A 298 -53.06 -9.95 -5.22
CA CYS A 298 -53.66 -9.38 -6.43
C CYS A 298 -53.69 -10.48 -7.48
N THR A 299 -54.88 -10.81 -7.97
CA THR A 299 -55.00 -11.89 -8.93
C THR A 299 -54.46 -11.47 -10.30
N ALA A 300 -54.33 -12.45 -11.19
CA ALA A 300 -53.85 -12.15 -12.54
C ALA A 300 -54.82 -11.24 -13.29
N GLN A 301 -56.12 -11.37 -13.02
CA GLN A 301 -57.12 -10.48 -13.60
C GLN A 301 -57.21 -9.15 -12.88
N CYS A 302 -56.29 -8.89 -11.95
CA CYS A 302 -56.04 -7.55 -11.40
C CYS A 302 -57.19 -7.09 -10.50
N ALA A 303 -57.61 -7.97 -9.61
CA ALA A 303 -58.56 -7.65 -8.56
C ALA A 303 -57.95 -7.98 -7.21
N PHE A 304 -58.34 -7.23 -6.19
CA PHE A 304 -57.82 -7.46 -4.84
C PHE A 304 -58.30 -8.81 -4.33
N LYS A 305 -57.37 -9.61 -3.82
CA LYS A 305 -57.73 -10.89 -3.23
C LYS A 305 -58.49 -10.69 -1.92
N SER A 306 -59.28 -11.69 -1.56
CA SER A 306 -60.15 -11.58 -0.40
C SER A 306 -59.34 -11.58 0.89
N LYS A 307 -60.00 -11.19 1.98
CA LYS A 307 -59.38 -11.16 3.30
C LYS A 307 -59.15 -12.55 3.88
N SER A 308 -59.53 -13.60 3.16
CA SER A 308 -59.31 -14.98 3.59
C SER A 308 -58.16 -15.65 2.85
N GLU A 309 -57.55 -14.97 1.89
CA GLU A 309 -56.51 -15.58 1.07
C GLU A 309 -55.19 -15.62 1.83
N LYS A 310 -54.47 -16.73 1.67
CA LYS A 310 -53.16 -16.90 2.30
C LYS A 310 -52.08 -16.46 1.32
N CYS A 311 -51.32 -15.44 1.72
CA CYS A 311 -50.26 -14.87 0.89
C CYS A 311 -48.89 -15.47 1.19
N ARG A 312 -48.52 -15.53 2.47
CA ARG A 312 -47.22 -16.03 2.90
C ARG A 312 -47.42 -17.24 3.80
N ASP A 313 -46.68 -18.31 3.51
CA ASP A 313 -46.84 -19.55 4.26
C ASP A 313 -46.23 -19.42 5.65
N ASP A 314 -46.66 -20.35 6.53
CA ASP A 314 -46.16 -20.38 7.89
C ASP A 314 -44.71 -20.85 7.90
N SER A 315 -43.82 -20.03 8.46
CA SER A 315 -42.41 -20.34 8.53
C SER A 315 -42.07 -20.90 9.91
N ASP A 316 -40.77 -20.93 10.26
CA ASP A 316 -40.37 -21.46 11.55
C ASP A 316 -40.73 -20.51 12.67
N CYS A 317 -40.52 -19.20 12.47
CA CYS A 317 -41.01 -18.19 13.41
C CYS A 317 -41.55 -16.99 12.63
N ALA A 318 -42.44 -17.26 11.70
CA ALA A 318 -43.15 -16.22 10.96
C ALA A 318 -44.51 -16.80 10.58
N ARG A 319 -45.57 -16.31 11.25
CA ARG A 319 -46.88 -16.88 11.10
C ARG A 319 -47.41 -16.64 9.68
N GLU A 320 -48.64 -17.11 9.44
CA GLU A 320 -49.24 -17.01 8.12
C GLU A 320 -49.46 -15.55 7.72
N GLY A 321 -49.35 -15.28 6.42
CA GLY A 321 -49.61 -13.95 5.90
C GLY A 321 -50.93 -13.89 5.17
N ILE A 322 -51.91 -13.23 5.78
CA ILE A 322 -53.26 -13.16 5.24
C ILE A 322 -53.48 -11.80 4.60
N CYS A 323 -54.09 -11.78 3.43
CA CYS A 323 -54.37 -10.53 2.74
C CYS A 323 -55.41 -9.71 3.52
N ASN A 324 -55.41 -8.40 3.26
CA ASN A 324 -56.37 -7.51 3.89
C ASN A 324 -57.52 -7.11 2.97
N GLY A 325 -57.43 -7.45 1.68
CA GLY A 325 -58.52 -7.19 0.76
C GLY A 325 -58.60 -5.80 0.20
N PHE A 326 -57.63 -4.93 0.50
CA PHE A 326 -57.66 -3.55 0.05
C PHE A 326 -56.39 -3.07 -0.63
N THR A 327 -55.27 -3.78 -0.49
CA THR A 327 -54.03 -3.45 -1.18
C THR A 327 -53.44 -4.71 -1.78
N ALA A 328 -52.62 -4.51 -2.82
CA ALA A 328 -51.98 -5.65 -3.49
C ALA A 328 -50.82 -6.22 -2.68
N LEU A 329 -50.22 -5.43 -1.80
CA LEU A 329 -49.13 -5.90 -0.96
C LEU A 329 -49.69 -6.75 0.18
N CYS A 330 -48.82 -7.58 0.75
CA CYS A 330 -49.23 -8.41 1.87
C CYS A 330 -48.66 -7.86 3.16
N PRO A 331 -49.46 -7.76 4.22
CA PRO A 331 -48.94 -7.25 5.50
C PRO A 331 -47.84 -8.14 6.04
N ALA A 332 -46.91 -7.52 6.76
CA ALA A 332 -45.80 -8.25 7.36
C ALA A 332 -46.33 -9.18 8.44
N SER A 333 -45.95 -10.45 8.36
CA SER A 333 -46.49 -11.46 9.27
C SER A 333 -45.93 -11.28 10.68
N ASP A 334 -46.76 -11.55 11.67
CA ASP A 334 -46.35 -11.39 13.05
C ASP A 334 -45.41 -12.55 13.44
N PRO A 335 -44.32 -12.24 14.14
CA PRO A 335 -43.34 -13.28 14.47
C PRO A 335 -43.78 -14.13 15.66
N LYS A 336 -43.23 -15.34 15.70
CA LYS A 336 -43.48 -16.26 16.81
C LYS A 336 -42.64 -15.84 18.02
N PRO A 337 -42.97 -16.37 19.20
CA PRO A 337 -42.14 -16.08 20.38
C PRO A 337 -40.67 -16.40 20.13
N GLN A 338 -39.80 -15.56 20.71
CA GLN A 338 -38.37 -15.76 20.54
C GLN A 338 -37.89 -16.98 21.33
N PHE A 339 -36.69 -17.42 20.99
CA PHE A 339 -36.10 -18.64 21.54
C PHE A 339 -36.98 -19.87 21.30
N THR A 340 -37.70 -19.86 20.18
CA THR A 340 -38.48 -21.01 19.75
C THR A 340 -37.61 -21.90 18.87
N ASP A 341 -37.74 -23.22 19.06
CA ASP A 341 -36.95 -24.16 18.30
C ASP A 341 -37.26 -24.06 16.82
N CYS A 342 -36.22 -23.84 16.01
CA CYS A 342 -36.36 -23.79 14.56
C CYS A 342 -35.20 -24.57 13.94
N ASN A 343 -35.34 -24.84 12.64
CA ASN A 343 -34.36 -25.62 11.90
C ASN A 343 -34.12 -26.99 12.56
N ARG A 344 -35.22 -27.72 12.77
CA ARG A 344 -35.17 -29.06 13.35
C ARG A 344 -34.45 -29.08 14.69
N HIS A 345 -34.87 -28.20 15.58
CA HIS A 345 -34.34 -28.13 16.96
C HIS A 345 -32.84 -27.90 17.00
N THR A 346 -32.32 -27.13 16.04
CA THR A 346 -30.90 -26.81 15.99
C THR A 346 -30.61 -25.35 16.33
N GLN A 347 -31.48 -24.43 15.92
CA GLN A 347 -31.30 -23.02 16.16
C GLN A 347 -32.52 -22.44 16.85
N VAL A 348 -32.35 -21.24 17.42
CA VAL A 348 -33.45 -20.51 18.04
C VAL A 348 -33.87 -19.39 17.10
N CYS A 349 -34.85 -18.60 17.52
CA CYS A 349 -35.34 -17.48 16.72
C CYS A 349 -34.89 -16.17 17.33
N ILE A 350 -34.26 -15.33 16.50
CA ILE A 350 -33.76 -14.03 16.92
C ILE A 350 -34.45 -12.98 16.06
N ASN A 351 -35.37 -12.24 16.67
CA ASN A 351 -36.07 -11.13 16.02
C ASN A 351 -36.81 -11.60 14.76
N GLY A 352 -37.57 -12.69 14.90
CA GLY A 352 -38.41 -13.17 13.82
C GLY A 352 -37.70 -13.95 12.74
N GLN A 353 -36.43 -14.30 12.93
CA GLN A 353 -35.69 -15.08 11.94
C GLN A 353 -34.89 -16.17 12.65
N CYS A 354 -34.82 -17.33 12.01
CA CYS A 354 -34.12 -18.49 12.57
C CYS A 354 -32.63 -18.27 12.44
N ALA A 355 -31.98 -17.92 13.55
CA ALA A 355 -30.55 -17.65 13.57
C ALA A 355 -29.98 -18.17 14.88
N GLY A 356 -28.70 -17.91 15.10
CA GLY A 356 -28.06 -18.35 16.33
C GLY A 356 -27.96 -19.87 16.41
N SER A 357 -28.08 -20.37 17.64
CA SER A 357 -28.02 -21.81 17.89
C SER A 357 -28.97 -22.15 19.03
N ILE A 358 -29.15 -23.44 19.24
CA ILE A 358 -30.04 -23.91 20.32
C ILE A 358 -29.46 -23.60 21.69
N CYS A 359 -28.15 -23.34 21.77
CA CYS A 359 -27.55 -23.03 23.07
C CYS A 359 -28.12 -21.77 23.69
N GLU A 360 -28.48 -20.79 22.86
CA GLU A 360 -29.00 -19.52 23.38
C GLU A 360 -30.33 -19.69 24.11
N LYS A 361 -31.07 -20.76 23.82
CA LYS A 361 -32.37 -20.96 24.44
C LYS A 361 -32.26 -21.08 25.96
N TYR A 362 -31.13 -21.55 26.47
CA TYR A 362 -30.93 -21.74 27.89
C TYR A 362 -29.79 -20.89 28.45
N GLY A 363 -29.44 -19.81 27.75
CA GLY A 363 -28.38 -18.94 28.23
C GLY A 363 -26.98 -19.43 27.95
N LEU A 364 -26.80 -20.25 26.92
CA LEU A 364 -25.51 -20.81 26.55
C LEU A 364 -25.08 -20.23 25.19
N GLU A 365 -23.88 -20.63 24.76
CA GLU A 365 -23.34 -20.23 23.47
C GLU A 365 -22.84 -21.46 22.72
N GLU A 366 -22.76 -21.34 21.41
CA GLU A 366 -22.30 -22.45 20.58
C GLU A 366 -20.80 -22.64 20.73
N CYS A 367 -20.37 -23.90 20.75
CA CYS A 367 -18.97 -24.26 20.86
C CYS A 367 -18.67 -25.39 19.88
N THR A 368 -17.39 -25.60 19.63
CA THR A 368 -16.93 -26.69 18.77
C THR A 368 -16.65 -27.92 19.62
N CYS A 369 -17.34 -29.02 19.31
CA CYS A 369 -17.12 -30.26 20.04
C CYS A 369 -15.68 -30.72 19.93
N ALA A 370 -15.30 -31.65 20.79
CA ALA A 370 -13.94 -32.19 20.81
C ALA A 370 -13.82 -33.38 19.86
N LYS A 378 -17.18 -39.14 14.03
CA LYS A 378 -16.96 -37.72 13.81
C LYS A 378 -18.04 -36.90 14.50
N GLU A 379 -17.68 -36.22 15.59
CA GLU A 379 -18.61 -35.45 16.39
C GLU A 379 -18.50 -33.95 16.14
N LEU A 380 -17.98 -33.55 14.98
CA LEU A 380 -17.93 -32.13 14.63
C LEU A 380 -19.28 -31.58 14.24
N CYS A 381 -20.21 -32.43 13.76
CA CYS A 381 -21.56 -32.01 13.41
C CYS A 381 -22.54 -32.22 14.55
N HIS A 382 -22.04 -32.37 15.78
CA HIS A 382 -22.86 -32.33 16.98
C HIS A 382 -22.78 -30.95 17.61
N VAL A 383 -23.84 -30.57 18.32
CA VAL A 383 -23.93 -29.25 18.94
C VAL A 383 -23.32 -29.34 20.34
N CYS A 384 -22.19 -28.67 20.53
CA CYS A 384 -21.56 -28.55 21.84
C CYS A 384 -21.78 -27.13 22.35
N CYS A 385 -22.42 -27.00 23.51
CA CYS A 385 -22.73 -25.71 24.10
C CYS A 385 -21.69 -25.34 25.15
N MET A 386 -21.70 -24.06 25.55
CA MET A 386 -20.77 -23.55 26.54
C MET A 386 -21.38 -22.34 27.23
N LYS A 387 -20.93 -22.09 28.45
CA LYS A 387 -21.29 -20.85 29.13
C LYS A 387 -20.58 -19.68 28.46
N LYS A 388 -21.29 -18.57 28.33
CA LYS A 388 -20.73 -17.40 27.67
C LYS A 388 -19.51 -16.88 28.43
N MET A 389 -18.42 -16.63 27.70
CA MET A 389 -17.12 -16.15 28.16
C MET A 389 -16.29 -17.26 28.80
N ASP A 390 -16.82 -18.47 28.99
CA ASP A 390 -16.09 -19.57 29.60
C ASP A 390 -15.97 -20.74 28.63
N PRO A 391 -14.85 -20.88 27.92
CA PRO A 391 -14.69 -22.01 26.99
C PRO A 391 -14.43 -23.35 27.68
N SER A 392 -14.10 -23.34 28.97
CA SER A 392 -13.80 -24.59 29.67
C SER A 392 -15.04 -25.41 29.98
N THR A 393 -16.24 -24.85 29.85
CA THR A 393 -17.49 -25.55 30.11
C THR A 393 -18.13 -26.09 28.84
N CYS A 394 -17.36 -26.22 27.76
CA CYS A 394 -17.90 -26.66 26.49
C CYS A 394 -18.15 -28.16 26.53
N ALA A 395 -19.42 -28.54 26.64
CA ALA A 395 -19.83 -29.94 26.67
C ALA A 395 -20.96 -30.17 25.68
N SER A 396 -21.18 -31.43 25.33
CA SER A 396 -22.19 -31.77 24.35
C SER A 396 -23.59 -31.63 24.93
N THR A 397 -24.58 -31.52 24.02
CA THR A 397 -25.96 -31.43 24.46
C THR A 397 -26.43 -32.72 25.13
N GLY A 398 -25.80 -33.85 24.81
CA GLY A 398 -26.18 -35.11 25.40
C GLY A 398 -25.36 -35.47 26.62
N SER A 399 -24.73 -34.46 27.24
CA SER A 399 -23.88 -34.69 28.39
C SER A 399 -24.68 -34.58 29.69
N VAL A 400 -23.99 -34.79 30.81
CA VAL A 400 -24.64 -34.69 32.11
C VAL A 400 -24.67 -33.25 32.63
N GLN A 401 -23.76 -32.39 32.15
CA GLN A 401 -23.77 -30.99 32.55
C GLN A 401 -25.11 -30.34 32.22
N TRP A 402 -25.45 -30.29 30.93
CA TRP A 402 -26.70 -29.69 30.46
C TRP A 402 -27.85 -30.68 30.45
N SER A 403 -27.83 -31.67 31.33
CA SER A 403 -28.91 -32.66 31.40
C SER A 403 -30.21 -32.06 31.92
N ARG A 404 -30.17 -30.87 32.51
CA ARG A 404 -31.39 -30.20 32.95
C ARG A 404 -32.09 -29.46 31.81
N HIS A 405 -31.36 -29.08 30.77
CA HIS A 405 -31.93 -28.37 29.62
C HIS A 405 -32.17 -29.28 28.43
N PHE A 406 -31.15 -30.01 27.98
CA PHE A 406 -31.28 -30.88 26.83
C PHE A 406 -31.66 -32.31 27.18
N SER A 407 -31.49 -32.71 28.44
CA SER A 407 -31.95 -34.01 28.93
C SER A 407 -31.31 -35.16 28.17
N GLY A 408 -29.99 -35.08 27.95
CA GLY A 408 -29.25 -36.15 27.33
C GLY A 408 -29.42 -36.31 25.84
N ARG A 409 -30.34 -35.58 25.21
CA ARG A 409 -30.49 -35.66 23.77
C ARG A 409 -29.32 -34.97 23.08
N THR A 410 -28.84 -35.58 22.01
CA THR A 410 -27.67 -35.08 21.27
C THR A 410 -28.18 -34.44 19.98
N ILE A 411 -28.16 -33.11 19.93
CA ILE A 411 -28.61 -32.38 18.76
C ILE A 411 -27.51 -32.40 17.72
N THR A 412 -27.83 -32.91 16.53
CA THR A 412 -26.88 -32.97 15.42
C THR A 412 -27.14 -31.83 14.45
N LEU A 413 -26.06 -31.29 13.88
CA LEU A 413 -26.20 -30.20 12.93
C LEU A 413 -26.80 -30.69 11.63
N GLN A 414 -27.68 -29.88 11.04
CA GLN A 414 -28.26 -30.21 9.75
C GLN A 414 -27.22 -30.07 8.66
N PRO A 415 -27.40 -30.75 7.53
CA PRO A 415 -26.45 -30.61 6.42
C PRO A 415 -26.37 -29.17 5.94
N GLY A 416 -25.17 -28.74 5.58
CA GLY A 416 -24.93 -27.38 5.14
C GLY A 416 -24.68 -26.38 6.25
N SER A 417 -24.42 -26.83 7.49
CA SER A 417 -24.18 -25.94 8.61
C SER A 417 -22.68 -25.78 8.85
N PRO A 418 -22.25 -24.60 9.31
CA PRO A 418 -20.83 -24.41 9.63
C PRO A 418 -20.38 -25.34 10.76
N CYS A 419 -19.10 -25.66 10.75
CA CYS A 419 -18.54 -26.62 11.69
C CYS A 419 -17.04 -26.41 11.79
N ASN A 420 -16.49 -26.78 12.96
CA ASN A 420 -15.05 -26.74 13.22
C ASN A 420 -14.49 -25.32 13.04
N ASP A 421 -15.08 -24.38 13.80
CA ASP A 421 -14.66 -22.98 13.78
C ASP A 421 -14.75 -22.40 12.37
N PHE A 422 -15.86 -22.68 11.69
CA PHE A 422 -16.17 -22.09 10.38
C PHE A 422 -15.11 -22.46 9.34
N ARG A 423 -14.62 -23.69 9.39
CA ARG A 423 -13.68 -24.19 8.40
C ARG A 423 -14.33 -25.05 7.33
N GLY A 424 -15.57 -25.47 7.52
CA GLY A 424 -16.23 -26.29 6.53
C GLY A 424 -17.71 -26.40 6.80
N TYR A 425 -18.35 -27.31 6.07
CA TYR A 425 -19.78 -27.57 6.18
C TYR A 425 -20.02 -29.04 6.49
N CYS A 426 -21.13 -29.31 7.18
CA CYS A 426 -21.54 -30.68 7.47
C CYS A 426 -22.41 -31.21 6.34
N ASP A 427 -22.19 -32.47 5.99
CA ASP A 427 -22.91 -33.12 4.91
C ASP A 427 -23.98 -34.06 5.48
N VAL A 428 -24.59 -34.86 4.59
CA VAL A 428 -25.66 -35.75 5.01
C VAL A 428 -25.15 -36.92 5.83
N PHE A 429 -23.85 -37.23 5.75
CA PHE A 429 -23.24 -38.31 6.51
C PHE A 429 -22.62 -37.82 7.82
N MET A 430 -22.95 -36.60 8.25
CA MET A 430 -22.45 -36.03 9.50
C MET A 430 -20.93 -35.90 9.49
N ARG A 431 -20.41 -35.29 8.42
CA ARG A 431 -18.97 -35.07 8.26
C ARG A 431 -18.72 -33.60 7.96
N CYS A 432 -17.75 -33.01 8.66
CA CYS A 432 -17.37 -31.61 8.43
C CYS A 432 -16.32 -31.58 7.33
N ARG A 433 -16.73 -31.24 6.12
CA ARG A 433 -15.85 -31.22 4.95
C ARG A 433 -15.35 -29.80 4.72
N LEU A 434 -14.03 -29.66 4.53
CA LEU A 434 -13.43 -28.35 4.37
C LEU A 434 -13.64 -27.84 2.94
N VAL A 435 -13.45 -26.52 2.76
CA VAL A 435 -13.92 -25.83 1.57
C VAL A 435 -12.80 -25.36 0.65
N ASP A 436 -11.54 -25.42 1.08
CA ASP A 436 -10.48 -24.75 0.33
C ASP A 436 -10.12 -25.52 -0.94
N ALA A 437 -9.90 -24.76 -2.02
CA ALA A 437 -9.57 -25.32 -3.32
C ALA A 437 -8.50 -24.45 -3.97
N ASP A 438 -7.42 -25.08 -4.42
CA ASP A 438 -6.29 -24.38 -5.02
C ASP A 438 -6.02 -24.91 -6.41
N GLY A 439 -5.67 -24.00 -7.33
CA GLY A 439 -5.36 -24.36 -8.69
C GLY A 439 -4.21 -23.56 -9.25
N PRO A 440 -3.48 -24.12 -10.21
CA PRO A 440 -2.34 -23.42 -10.78
C PRO A 440 -2.77 -22.21 -11.60
N LEU A 441 -1.84 -21.27 -11.75
CA LEU A 441 -2.05 -20.06 -12.53
C LEU A 441 -1.22 -20.12 -13.80
N GLY A 442 -1.77 -19.54 -14.86
CA GLY A 442 -1.09 -19.50 -16.16
C GLY A 442 -0.03 -18.41 -16.23
N GLU B 5 23.94 -16.50 1.73
CA GLU B 5 24.82 -17.66 1.72
C GLU B 5 24.18 -18.82 0.97
N LYS B 6 22.92 -19.13 1.30
CA LYS B 6 22.19 -20.26 0.74
C LYS B 6 21.11 -19.70 -0.17
N ASN B 7 21.37 -19.71 -1.49
CA ASN B 7 20.51 -18.98 -2.42
C ASN B 7 20.42 -19.64 -3.79
N THR B 8 20.63 -20.96 -3.89
CA THR B 8 20.58 -21.66 -5.16
C THR B 8 19.40 -22.64 -5.16
N CYS B 9 18.54 -22.51 -6.17
CA CYS B 9 17.38 -23.38 -6.33
C CYS B 9 17.71 -24.44 -7.37
N GLN B 10 17.82 -25.70 -6.93
CA GLN B 10 18.15 -26.80 -7.83
C GLN B 10 16.94 -27.17 -8.67
N LEU B 11 17.18 -27.37 -9.97
CA LEU B 11 16.11 -27.58 -10.94
C LEU B 11 16.19 -28.98 -11.53
N TYR B 12 15.02 -29.56 -11.78
CA TYR B 12 14.88 -30.80 -12.56
C TYR B 12 14.16 -30.41 -13.85
N ILE B 13 14.89 -30.45 -14.97
CA ILE B 13 14.39 -29.99 -16.26
C ILE B 13 14.18 -31.19 -17.17
N GLN B 14 12.96 -31.32 -17.70
CA GLN B 14 12.59 -32.40 -18.59
C GLN B 14 12.10 -31.82 -19.92
N THR B 15 12.30 -32.57 -20.99
CA THR B 15 11.81 -32.20 -22.31
C THR B 15 11.16 -33.41 -22.95
N ASP B 16 9.93 -33.25 -23.42
CA ASP B 16 9.20 -34.35 -24.02
C ASP B 16 9.54 -34.47 -25.51
N HIS B 17 8.88 -35.42 -26.19
CA HIS B 17 9.22 -35.73 -27.57
C HIS B 17 8.92 -34.57 -28.51
N LEU B 18 7.87 -33.79 -28.22
CA LEU B 18 7.54 -32.67 -29.11
C LEU B 18 8.55 -31.55 -28.98
N PHE B 19 9.19 -31.41 -27.82
CA PHE B 19 10.28 -30.47 -27.69
C PHE B 19 11.51 -30.95 -28.45
N PHE B 20 11.83 -32.24 -28.33
CA PHE B 20 12.98 -32.80 -29.03
C PHE B 20 12.78 -32.83 -30.53
N LYS B 21 11.54 -32.99 -31.00
CA LYS B 21 11.30 -33.07 -32.44
C LYS B 21 11.48 -31.73 -33.12
N TYR B 22 11.26 -30.62 -32.41
CA TYR B 22 11.38 -29.31 -33.02
C TYR B 22 12.83 -28.93 -33.25
N TYR B 23 13.72 -29.31 -32.33
CA TYR B 23 15.13 -28.96 -32.41
C TYR B 23 15.99 -30.04 -33.03
N GLY B 24 15.41 -31.17 -33.41
CA GLY B 24 16.13 -32.21 -34.13
C GLY B 24 17.00 -33.08 -33.26
N THR B 25 18.18 -32.58 -32.90
CA THR B 25 19.16 -33.37 -32.16
C THR B 25 19.11 -33.05 -30.67
N ARG B 26 19.72 -33.93 -29.88
CA ARG B 26 19.81 -33.69 -28.44
C ARG B 26 20.72 -32.52 -28.12
N GLU B 27 21.77 -32.31 -28.93
CA GLU B 27 22.66 -31.18 -28.69
C GLU B 27 21.94 -29.85 -28.81
N ALA B 28 20.94 -29.76 -29.69
CA ALA B 28 20.18 -28.51 -29.81
C ALA B 28 19.26 -28.31 -28.61
N VAL B 29 18.79 -29.39 -27.99
CA VAL B 29 17.94 -29.28 -26.81
C VAL B 29 18.78 -28.85 -25.60
N ILE B 30 20.01 -29.34 -25.51
CA ILE B 30 20.90 -28.92 -24.44
C ILE B 30 21.14 -27.42 -24.49
N ALA B 31 21.34 -26.88 -25.70
CA ALA B 31 21.56 -25.44 -25.83
C ALA B 31 20.36 -24.64 -25.36
N GLN B 32 19.15 -25.11 -25.68
CA GLN B 32 17.95 -24.40 -25.26
C GLN B 32 17.77 -24.44 -23.75
N ILE B 33 18.06 -25.58 -23.13
CA ILE B 33 17.91 -25.70 -21.68
C ILE B 33 18.93 -24.81 -20.96
N SER B 34 20.13 -24.68 -21.53
CA SER B 34 21.13 -23.81 -20.94
C SER B 34 20.73 -22.34 -21.09
N SER B 35 20.33 -21.94 -22.30
CA SER B 35 19.96 -20.56 -22.55
C SER B 35 18.73 -20.12 -21.77
N HIS B 36 17.93 -21.07 -21.29
CA HIS B 36 16.73 -20.73 -20.53
C HIS B 36 17.02 -20.49 -19.06
N VAL B 37 17.90 -21.30 -18.46
CA VAL B 37 18.28 -21.06 -17.07
C VAL B 37 19.22 -19.86 -16.97
N LYS B 38 20.16 -19.74 -17.90
CA LYS B 38 21.08 -18.60 -17.88
C LYS B 38 20.33 -17.29 -18.03
N ALA B 39 19.26 -17.28 -18.84
CA ALA B 39 18.43 -16.10 -18.94
C ALA B 39 17.63 -15.86 -17.66
N ILE B 40 17.25 -16.94 -16.97
CA ILE B 40 16.57 -16.79 -15.69
C ILE B 40 17.56 -16.46 -14.58
N ASP B 41 18.76 -17.05 -14.64
CA ASP B 41 19.77 -16.76 -13.64
C ASP B 41 20.16 -15.28 -13.64
N THR B 42 20.24 -14.68 -14.83
CA THR B 42 20.57 -13.26 -14.93
C THR B 42 19.49 -12.39 -14.31
N ILE B 43 18.22 -12.78 -14.48
CA ILE B 43 17.11 -11.97 -13.97
C ILE B 43 17.07 -12.01 -12.45
N TYR B 44 17.09 -13.22 -11.87
CA TYR B 44 16.90 -13.35 -10.44
C TYR B 44 18.10 -12.86 -9.65
N GLN B 45 19.30 -12.97 -10.21
CA GLN B 45 20.48 -12.49 -9.49
C GLN B 45 20.60 -10.97 -9.49
N THR B 46 19.84 -10.28 -10.32
CA THR B 46 19.87 -8.83 -10.39
C THR B 46 18.59 -8.18 -9.86
N THR B 47 17.91 -8.86 -8.94
CA THR B 47 16.73 -8.32 -8.26
C THR B 47 16.96 -8.37 -6.77
N ASP B 48 16.85 -7.21 -6.11
CA ASP B 48 17.05 -7.12 -4.66
C ASP B 48 15.78 -7.57 -3.97
N PHE B 49 15.81 -8.75 -3.36
CA PHE B 49 14.63 -9.32 -2.69
C PHE B 49 14.66 -8.98 -1.19
N SER B 50 14.55 -7.68 -0.92
CA SER B 50 14.53 -7.14 0.45
C SER B 50 15.77 -7.59 1.23
N GLY B 51 16.93 -7.27 0.68
CA GLY B 51 18.21 -7.66 1.25
C GLY B 51 18.76 -8.94 0.68
N ILE B 52 17.89 -9.91 0.43
CA ILE B 52 18.30 -11.18 -0.17
C ILE B 52 18.71 -10.93 -1.62
N ARG B 53 19.94 -11.31 -1.96
CA ARG B 53 20.51 -11.04 -3.26
C ARG B 53 21.13 -12.32 -3.83
N GLN B 54 21.39 -12.27 -5.14
CA GLN B 54 22.08 -13.35 -5.86
C GLN B 54 21.30 -14.67 -5.78
N ILE B 55 19.98 -14.59 -5.87
CA ILE B 55 19.16 -15.79 -5.99
C ILE B 55 19.45 -16.45 -7.34
N SER B 56 20.03 -17.64 -7.30
CA SER B 56 20.52 -18.29 -8.50
C SER B 56 19.87 -19.66 -8.68
N PHE B 57 20.06 -20.23 -9.86
CA PHE B 57 19.55 -21.55 -10.21
C PHE B 57 20.67 -22.44 -10.69
N MET B 58 20.44 -23.74 -10.60
CA MET B 58 21.42 -24.74 -11.06
C MET B 58 20.67 -26.03 -11.36
N VAL B 59 20.79 -26.51 -12.59
CA VAL B 59 20.12 -27.75 -12.97
C VAL B 59 20.84 -28.93 -12.32
N LYS B 60 20.08 -29.74 -11.57
CA LYS B 60 20.62 -30.91 -10.89
C LYS B 60 20.46 -32.19 -11.71
N ARG B 61 19.28 -32.41 -12.28
CA ARG B 61 19.04 -33.55 -13.15
C ARG B 61 18.40 -33.06 -14.44
N ILE B 62 18.75 -33.69 -15.55
CA ILE B 62 18.19 -33.38 -16.86
C ILE B 62 17.73 -34.68 -17.51
N ARG B 63 16.55 -34.64 -18.13
CA ARG B 63 15.98 -35.82 -18.78
C ARG B 63 15.36 -35.38 -20.10
N ILE B 64 16.01 -35.71 -21.21
CA ILE B 64 15.56 -35.34 -22.54
C ILE B 64 14.96 -36.57 -23.21
N ASN B 65 13.67 -36.49 -23.54
CA ASN B 65 12.98 -37.58 -24.21
C ASN B 65 13.06 -37.39 -25.72
N THR B 66 13.43 -38.46 -26.42
CA THR B 66 13.53 -38.45 -27.87
C THR B 66 12.29 -39.07 -28.49
N THR B 67 12.31 -39.27 -29.81
CA THR B 67 11.17 -39.88 -30.50
C THR B 67 10.97 -41.34 -30.10
N ALA B 68 12.01 -42.00 -29.56
CA ALA B 68 11.85 -43.38 -29.14
C ALA B 68 10.93 -43.51 -27.94
N ASP B 69 10.81 -42.46 -27.13
CA ASP B 69 9.93 -42.48 -25.97
C ASP B 69 8.47 -42.25 -26.34
N GLU B 70 8.18 -41.86 -27.59
CA GLU B 70 6.80 -41.61 -27.98
C GLU B 70 6.00 -42.90 -28.09
N LYS B 71 6.63 -43.99 -28.49
CA LYS B 71 5.96 -45.29 -28.58
C LYS B 71 6.01 -46.06 -27.26
N ASP B 72 6.57 -45.48 -26.21
CA ASP B 72 6.67 -46.17 -24.93
C ASP B 72 5.30 -46.23 -24.27
N PRO B 73 4.73 -47.42 -24.05
CA PRO B 73 3.39 -47.50 -23.45
C PRO B 73 3.33 -47.01 -22.02
N THR B 74 4.46 -46.95 -21.31
CA THR B 74 4.47 -46.48 -19.93
C THR B 74 4.67 -44.97 -19.82
N ASN B 75 4.78 -44.27 -20.94
CA ASN B 75 4.99 -42.82 -20.94
C ASN B 75 3.65 -42.10 -21.05
N PRO B 76 3.23 -41.32 -20.05
CA PRO B 76 1.96 -40.60 -20.16
C PRO B 76 2.04 -39.31 -20.97
N PHE B 77 3.22 -38.88 -21.39
CA PHE B 77 3.39 -37.68 -22.20
C PHE B 77 3.35 -37.96 -23.69
N ARG B 78 3.03 -39.20 -24.10
CA ARG B 78 3.12 -39.58 -25.50
C ARG B 78 1.91 -39.18 -26.32
N PHE B 79 0.78 -38.91 -25.67
CA PHE B 79 -0.44 -38.61 -26.40
C PHE B 79 -0.32 -37.25 -27.11
N PRO B 80 -0.95 -37.11 -28.28
CA PRO B 80 -0.83 -35.85 -29.03
C PRO B 80 -1.51 -34.68 -28.33
N ASN B 81 -2.81 -34.83 -28.05
CA ASN B 81 -3.60 -33.76 -27.45
C ASN B 81 -3.69 -34.01 -25.94
N ILE B 82 -3.04 -33.14 -25.16
CA ILE B 82 -3.07 -33.19 -23.71
C ILE B 82 -3.35 -31.77 -23.21
N GLY B 83 -4.27 -31.66 -22.24
CA GLY B 83 -4.61 -30.36 -21.70
C GLY B 83 -3.53 -29.79 -20.80
N VAL B 84 -3.63 -28.49 -20.55
CA VAL B 84 -2.62 -27.80 -19.76
C VAL B 84 -2.62 -28.30 -18.32
N GLU B 85 -3.81 -28.47 -17.74
CA GLU B 85 -3.88 -28.95 -16.37
C GLU B 85 -3.40 -30.40 -16.27
N LYS B 86 -3.79 -31.24 -17.23
CA LYS B 86 -3.35 -32.63 -17.22
C LYS B 86 -1.86 -32.74 -17.47
N PHE B 87 -1.32 -31.90 -18.38
CA PHE B 87 0.11 -31.94 -18.67
C PHE B 87 0.93 -31.60 -17.43
N LEU B 88 0.54 -30.54 -16.71
CA LEU B 88 1.24 -30.19 -15.48
C LEU B 88 1.04 -31.23 -14.39
N GLU B 89 -0.15 -31.86 -14.36
CA GLU B 89 -0.43 -32.84 -13.32
C GLU B 89 0.42 -34.10 -13.47
N LEU B 90 0.72 -34.49 -14.72
CA LEU B 90 1.63 -35.61 -14.94
C LEU B 90 3.00 -35.33 -14.32
N ASN B 91 3.50 -34.10 -14.51
CA ASN B 91 4.77 -33.72 -13.90
C ASN B 91 4.66 -33.66 -12.38
N SER B 92 3.48 -33.32 -11.86
CA SER B 92 3.31 -33.25 -10.41
C SER B 92 3.22 -34.63 -9.77
N GLU B 93 2.80 -35.65 -10.51
CA GLU B 93 2.66 -36.99 -9.95
C GLU B 93 3.98 -37.69 -9.70
N GLN B 94 5.10 -37.08 -10.08
CA GLN B 94 6.42 -37.64 -9.82
C GLN B 94 6.95 -37.13 -8.48
N ASN B 95 7.89 -37.89 -7.92
CA ASN B 95 8.50 -37.53 -6.64
C ASN B 95 9.61 -36.51 -6.89
N HIS B 96 9.35 -35.26 -6.52
CA HIS B 96 10.32 -34.18 -6.73
C HIS B 96 10.80 -33.61 -5.40
N ASP B 97 11.31 -34.46 -4.52
CA ASP B 97 11.77 -34.02 -3.21
C ASP B 97 13.25 -33.67 -3.17
N ASP B 98 13.99 -33.96 -4.25
CA ASP B 98 15.41 -33.62 -4.34
C ASP B 98 15.66 -32.31 -5.08
N TYR B 99 14.62 -31.60 -5.49
CA TYR B 99 14.76 -30.39 -6.28
C TYR B 99 13.90 -29.28 -5.68
N CYS B 100 14.41 -28.06 -5.71
CA CYS B 100 13.59 -26.92 -5.34
C CYS B 100 12.45 -26.70 -6.33
N LEU B 101 12.70 -26.97 -7.61
CA LEU B 101 11.66 -26.95 -8.62
C LEU B 101 11.95 -28.04 -9.65
N ALA B 102 10.89 -28.47 -10.34
CA ALA B 102 10.99 -29.53 -11.34
C ALA B 102 10.05 -29.18 -12.49
N TYR B 103 10.62 -28.78 -13.62
CA TYR B 103 9.86 -28.32 -14.77
C TYR B 103 9.87 -29.37 -15.88
N VAL B 104 9.16 -29.06 -16.95
CA VAL B 104 9.11 -29.90 -18.15
C VAL B 104 8.83 -29.00 -19.34
N PHE B 105 9.70 -29.07 -20.34
CA PHE B 105 9.58 -28.27 -21.54
C PHE B 105 8.87 -29.07 -22.63
N THR B 106 8.12 -28.37 -23.48
CA THR B 106 7.34 -29.02 -24.53
C THR B 106 7.16 -28.05 -25.69
N ASP B 107 6.54 -28.55 -26.75
CA ASP B 107 6.18 -27.75 -27.93
C ASP B 107 4.74 -28.09 -28.33
N ARG B 108 3.82 -27.80 -27.42
CA ARG B 108 2.39 -28.07 -27.62
C ARG B 108 1.64 -26.75 -27.69
N ASP B 109 0.89 -26.56 -28.78
CA ASP B 109 0.07 -25.37 -28.95
C ASP B 109 -1.17 -25.51 -28.08
N PHE B 110 -0.99 -25.21 -26.79
CA PHE B 110 -2.07 -25.29 -25.83
C PHE B 110 -3.19 -24.33 -26.19
N ASP B 111 -4.39 -24.65 -25.72
CA ASP B 111 -5.56 -23.81 -25.96
C ASP B 111 -5.54 -22.60 -25.05
N ASP B 112 -6.38 -21.61 -25.39
CA ASP B 112 -6.53 -20.37 -24.63
C ASP B 112 -5.25 -19.54 -24.58
N GLY B 113 -4.33 -19.75 -25.52
CA GLY B 113 -3.11 -18.98 -25.56
C GLY B 113 -2.19 -19.20 -24.38
N VAL B 114 -2.24 -20.39 -23.77
CA VAL B 114 -1.45 -20.67 -22.58
C VAL B 114 -0.01 -20.99 -22.98
N LEU B 115 0.94 -20.22 -22.45
CA LEU B 115 2.36 -20.45 -22.67
C LEU B 115 3.02 -21.22 -21.54
N GLY B 116 2.34 -21.42 -20.42
CA GLY B 116 2.92 -22.13 -19.30
C GLY B 116 1.94 -22.17 -18.15
N LEU B 117 2.25 -23.03 -17.19
CA LEU B 117 1.39 -23.23 -16.03
C LEU B 117 2.27 -23.64 -14.86
N ALA B 118 1.97 -23.09 -13.68
CA ALA B 118 2.80 -23.36 -12.51
C ALA B 118 1.99 -23.18 -11.23
N TRP B 119 2.35 -23.95 -10.21
CA TRP B 119 1.75 -23.81 -8.90
C TRP B 119 2.36 -22.62 -8.17
N VAL B 120 1.50 -21.80 -7.58
CA VAL B 120 1.94 -20.58 -6.90
C VAL B 120 2.26 -20.91 -5.45
N GLY B 121 3.44 -20.47 -4.99
CA GLY B 121 3.83 -20.68 -3.62
C GLY B 121 3.31 -19.58 -2.70
N ALA B 122 3.32 -19.89 -1.40
CA ALA B 122 2.85 -18.97 -0.37
C ALA B 122 3.78 -19.06 0.82
N PRO B 123 3.89 -17.98 1.61
CA PRO B 123 4.76 -18.04 2.80
C PRO B 123 4.30 -19.08 3.81
N SER B 124 3.00 -19.23 4.00
CA SER B 124 2.47 -20.23 4.91
C SER B 124 0.99 -20.44 4.60
N GLY B 125 0.47 -21.58 5.04
CA GLY B 125 -0.94 -21.89 4.90
C GLY B 125 -1.37 -22.41 3.55
N SER B 126 -0.43 -22.76 2.67
CA SER B 126 -0.80 -23.28 1.36
C SER B 126 0.34 -24.14 0.83
N SER B 127 -0.02 -25.14 0.03
CA SER B 127 0.94 -26.04 -0.59
C SER B 127 1.12 -25.67 -2.06
N GLY B 128 2.37 -25.71 -2.51
CA GLY B 128 2.72 -25.40 -3.88
C GLY B 128 3.92 -24.48 -3.97
N GLY B 129 4.43 -24.34 -5.17
CA GLY B 129 5.60 -23.50 -5.38
C GLY B 129 6.91 -24.13 -4.97
N ILE B 130 7.90 -23.26 -4.73
CA ILE B 130 9.26 -23.74 -4.43
C ILE B 130 9.32 -24.54 -3.14
N CYS B 131 10.24 -25.52 -3.11
CA CYS B 131 10.56 -26.33 -1.92
C CYS B 131 9.32 -27.04 -1.38
N GLU B 132 8.58 -27.73 -2.24
CA GLU B 132 7.37 -28.42 -1.81
C GLU B 132 7.60 -29.93 -1.82
N LYS B 133 7.19 -30.58 -0.73
CA LYS B 133 7.34 -32.01 -0.57
C LYS B 133 6.22 -32.85 -1.20
N SER B 134 6.37 -34.16 -1.13
CA SER B 134 5.39 -35.05 -1.73
C SER B 134 4.40 -35.49 -0.66
N LYS B 135 3.14 -35.10 -0.84
CA LYS B 135 2.07 -35.50 0.06
C LYS B 135 0.79 -35.66 -0.76
N LEU B 136 -0.12 -36.48 -0.25
CA LEU B 136 -1.38 -36.71 -0.95
C LEU B 136 -2.39 -35.62 -0.60
N TYR B 137 -3.30 -35.35 -1.54
CA TYR B 137 -4.25 -34.26 -1.39
C TYR B 137 -5.69 -34.77 -1.40
N SER B 138 -6.64 -33.88 -1.65
CA SER B 138 -8.05 -34.26 -1.58
C SER B 138 -8.43 -35.26 -2.67
N ASP B 139 -7.82 -35.15 -3.85
CA ASP B 139 -8.09 -36.09 -4.93
C ASP B 139 -7.46 -37.46 -4.68
N GLY B 140 -6.71 -37.64 -3.60
CA GLY B 140 -6.10 -38.91 -3.29
C GLY B 140 -4.83 -39.21 -4.04
N LYS B 141 -4.30 -38.26 -4.80
CA LYS B 141 -3.11 -38.47 -5.62
C LYS B 141 -1.86 -37.99 -4.89
N LYS B 142 -0.88 -38.87 -4.76
CA LYS B 142 0.44 -38.50 -4.24
C LYS B 142 1.12 -37.58 -5.24
N LYS B 143 1.17 -36.29 -4.93
CA LYS B 143 1.67 -35.28 -5.86
C LYS B 143 2.77 -34.46 -5.21
N SER B 144 3.53 -33.76 -6.05
CA SER B 144 4.53 -32.80 -5.61
C SER B 144 4.26 -31.50 -6.36
N LEU B 145 3.74 -30.50 -5.65
CA LEU B 145 3.29 -29.26 -6.26
C LEU B 145 4.41 -28.24 -6.44
N ASN B 146 5.67 -28.68 -6.47
CA ASN B 146 6.79 -27.81 -6.77
C ASN B 146 7.20 -27.92 -8.24
N THR B 147 6.22 -27.79 -9.12
CA THR B 147 6.38 -28.09 -10.54
C THR B 147 5.98 -26.88 -11.39
N GLY B 148 6.04 -27.09 -12.71
CA GLY B 148 5.68 -26.07 -13.66
C GLY B 148 6.01 -26.57 -15.05
N ILE B 149 5.33 -25.99 -16.05
CA ILE B 149 5.54 -26.34 -17.44
C ILE B 149 5.75 -25.07 -18.25
N ILE B 150 6.19 -25.26 -19.50
CA ILE B 150 6.43 -24.16 -20.43
C ILE B 150 6.46 -24.71 -21.85
N THR B 151 5.69 -24.09 -22.74
CA THR B 151 5.67 -24.46 -24.14
C THR B 151 6.28 -23.35 -24.99
N VAL B 152 6.80 -23.74 -26.15
CA VAL B 152 7.45 -22.82 -27.07
C VAL B 152 6.61 -22.59 -28.32
N GLN B 153 5.35 -23.05 -28.32
CA GLN B 153 4.44 -22.86 -29.45
C GLN B 153 3.15 -22.26 -28.94
N ASN B 154 2.57 -21.36 -29.73
CA ASN B 154 1.34 -20.68 -29.35
C ASN B 154 0.63 -20.21 -30.61
N TYR B 155 -0.63 -20.63 -30.78
CA TYR B 155 -1.43 -20.28 -31.96
C TYR B 155 -0.72 -20.67 -33.25
N GLY B 156 -0.13 -21.87 -33.26
CA GLY B 156 0.54 -22.39 -34.43
C GLY B 156 1.90 -21.80 -34.73
N SER B 157 2.35 -20.81 -33.97
CA SER B 157 3.64 -20.17 -34.21
C SER B 157 4.60 -20.49 -33.07
N HIS B 158 5.89 -20.45 -33.37
CA HIS B 158 6.94 -20.69 -32.40
C HIS B 158 7.37 -19.37 -31.77
N VAL B 159 7.38 -19.32 -30.44
CA VAL B 159 7.74 -18.10 -29.73
C VAL B 159 9.25 -17.94 -29.74
N PRO B 160 9.76 -16.74 -29.96
CA PRO B 160 11.21 -16.53 -29.97
C PRO B 160 11.79 -16.72 -28.58
N PRO B 161 13.11 -16.93 -28.47
CA PRO B 161 13.71 -17.08 -27.13
C PRO B 161 13.58 -15.84 -26.26
N LYS B 162 13.44 -14.66 -26.87
CA LYS B 162 13.22 -13.45 -26.07
C LYS B 162 11.91 -13.55 -25.28
N VAL B 163 10.90 -14.18 -25.86
CA VAL B 163 9.63 -14.36 -25.17
C VAL B 163 9.61 -15.65 -24.35
N SER B 164 10.26 -16.70 -24.83
CA SER B 164 10.26 -17.97 -24.11
C SER B 164 11.02 -17.89 -22.80
N HIS B 165 12.09 -17.08 -22.75
CA HIS B 165 12.83 -16.93 -21.51
C HIS B 165 12.00 -16.20 -20.46
N ILE B 166 11.26 -15.17 -20.88
CA ILE B 166 10.37 -14.48 -19.96
C ILE B 166 9.24 -15.40 -19.52
N THR B 167 8.71 -16.21 -20.45
CA THR B 167 7.69 -17.20 -20.09
C THR B 167 8.21 -18.15 -19.02
N PHE B 168 9.46 -18.61 -19.15
CA PHE B 168 10.06 -19.38 -18.08
C PHE B 168 10.22 -18.55 -16.82
N ALA B 169 10.68 -17.30 -16.97
CA ALA B 169 10.80 -16.40 -15.82
C ALA B 169 9.43 -16.09 -15.21
N HIS B 170 8.39 -16.00 -16.04
CA HIS B 170 7.05 -15.74 -15.54
C HIS B 170 6.53 -16.91 -14.71
N GLU B 171 6.70 -18.13 -15.20
CA GLU B 171 6.16 -19.30 -14.50
C GLU B 171 6.95 -19.58 -13.22
N VAL B 172 8.28 -19.41 -13.27
CA VAL B 172 9.08 -19.60 -12.08
C VAL B 172 8.79 -18.52 -11.05
N GLY B 173 8.28 -17.37 -11.49
CA GLY B 173 7.89 -16.33 -10.54
C GLY B 173 6.69 -16.71 -9.71
N HIS B 174 5.72 -17.41 -10.33
CA HIS B 174 4.59 -17.95 -9.56
C HIS B 174 5.07 -18.90 -8.48
N ASN B 175 6.05 -19.74 -8.78
CA ASN B 175 6.58 -20.68 -7.79
C ASN B 175 7.21 -19.95 -6.62
N PHE B 176 7.84 -18.81 -6.86
CA PHE B 176 8.46 -18.03 -5.80
C PHE B 176 7.45 -17.24 -4.98
N GLY B 177 6.16 -17.30 -5.33
CA GLY B 177 5.11 -16.66 -4.55
C GLY B 177 4.53 -15.40 -5.14
N SER B 178 4.93 -15.02 -6.35
CA SER B 178 4.45 -13.79 -6.96
C SER B 178 3.18 -14.05 -7.75
N PRO B 179 2.05 -13.41 -7.40
CA PRO B 179 0.87 -13.49 -8.27
C PRO B 179 1.00 -12.56 -9.47
N HIS B 180 -0.12 -12.25 -10.12
CA HIS B 180 -0.10 -11.35 -11.25
C HIS B 180 -0.11 -9.90 -10.79
N ASP B 181 0.54 -9.04 -11.58
CA ASP B 181 0.64 -7.63 -11.23
C ASP B 181 -0.71 -6.94 -11.41
N SER B 182 -1.01 -6.01 -10.50
CA SER B 182 -2.23 -5.23 -10.54
C SER B 182 -1.93 -3.79 -10.14
N GLY B 183 -2.57 -2.85 -10.81
CA GLY B 183 -2.34 -1.44 -10.54
C GLY B 183 -1.23 -0.87 -11.39
N THR B 184 -1.44 0.34 -11.92
CA THR B 184 -0.49 0.93 -12.87
C THR B 184 0.92 1.09 -12.29
N GLU B 185 1.06 1.10 -10.98
CA GLU B 185 2.38 1.15 -10.38
C GLU B 185 3.16 -0.15 -10.57
N CYS B 186 2.46 -1.27 -10.78
CA CYS B 186 3.11 -2.54 -11.03
C CYS B 186 2.84 -3.10 -12.42
N THR B 187 2.10 -2.37 -13.26
CA THR B 187 1.95 -2.71 -14.68
C THR B 187 1.87 -1.42 -15.49
N PRO B 188 3.02 -0.77 -15.72
CA PRO B 188 3.01 0.54 -16.39
C PRO B 188 2.65 0.48 -17.87
N GLY B 189 2.55 -0.71 -18.46
CA GLY B 189 2.15 -0.80 -19.86
C GLY B 189 0.74 -0.30 -20.11
N GLU B 190 -0.11 -0.36 -19.09
CA GLU B 190 -1.47 0.16 -19.16
C GLU B 190 -1.60 1.55 -18.57
N SER B 191 -0.48 2.17 -18.20
CA SER B 191 -0.50 3.52 -17.66
C SER B 191 -0.93 4.53 -18.71
N LYS B 192 -1.53 5.63 -18.25
CA LYS B 192 -1.95 6.69 -19.15
C LYS B 192 -0.79 7.58 -19.59
N ASN B 193 0.28 7.64 -18.79
CA ASN B 193 1.41 8.50 -19.11
C ASN B 193 2.35 7.81 -20.09
N LEU B 194 2.77 8.54 -21.11
CA LEU B 194 3.60 7.93 -22.16
C LEU B 194 4.94 7.47 -21.63
N GLY B 195 5.53 8.24 -20.70
CA GLY B 195 6.85 7.88 -20.20
C GLY B 195 6.88 6.57 -19.44
N GLN B 196 5.76 6.19 -18.83
CA GLN B 196 5.66 4.91 -18.16
C GLN B 196 5.17 3.81 -19.10
N LYS B 197 4.43 4.18 -20.14
CA LYS B 197 3.89 3.19 -21.07
C LYS B 197 4.96 2.64 -22.02
N GLU B 198 5.91 3.49 -22.44
CA GLU B 198 6.94 3.04 -23.35
C GLU B 198 7.82 1.95 -22.75
N ASN B 199 7.91 1.87 -21.43
CA ASN B 199 8.72 0.85 -20.78
C ASN B 199 8.01 -0.49 -20.66
N GLY B 200 6.72 -0.55 -20.96
CA GLY B 200 6.00 -1.80 -20.96
C GLY B 200 5.78 -2.38 -19.58
N ASN B 201 5.29 -3.62 -19.58
CA ASN B 201 4.92 -4.33 -18.36
C ASN B 201 6.05 -5.20 -17.86
N TYR B 202 5.87 -5.75 -16.66
CA TYR B 202 6.86 -6.60 -16.03
C TYR B 202 6.62 -8.06 -16.42
N ILE B 203 7.41 -8.96 -15.84
CA ILE B 203 7.32 -10.36 -16.23
C ILE B 203 6.13 -11.06 -15.59
N MET B 204 5.56 -10.50 -14.54
CA MET B 204 4.37 -11.05 -13.91
C MET B 204 3.08 -10.45 -14.45
N TYR B 205 3.13 -9.91 -15.66
CA TYR B 205 1.93 -9.37 -16.31
C TYR B 205 1.00 -10.52 -16.67
N ALA B 206 -0.27 -10.38 -16.31
CA ALA B 206 -1.25 -11.44 -16.55
C ALA B 206 -1.64 -11.58 -18.01
N ARG B 207 -1.37 -10.56 -18.83
CA ARG B 207 -1.79 -10.61 -20.23
C ARG B 207 -0.59 -10.85 -21.14
N ALA B 208 -0.62 -10.30 -22.35
CA ALA B 208 0.37 -10.65 -23.36
C ALA B 208 1.68 -9.88 -23.15
N THR B 209 2.76 -10.47 -23.67
CA THR B 209 4.07 -9.85 -23.61
C THR B 209 4.85 -10.20 -24.87
N SER B 210 5.58 -9.22 -25.42
CA SER B 210 6.42 -9.45 -26.59
C SER B 210 7.91 -9.48 -26.28
N GLY B 211 8.32 -9.06 -25.09
CA GLY B 211 9.71 -9.09 -24.71
C GLY B 211 10.56 -7.97 -25.29
N ASP B 212 9.96 -7.00 -25.96
CA ASP B 212 10.69 -5.90 -26.57
C ASP B 212 10.70 -4.64 -25.72
N LYS B 213 9.95 -4.61 -24.63
CA LYS B 213 9.93 -3.45 -23.75
C LYS B 213 11.04 -3.56 -22.71
N LEU B 214 11.30 -2.44 -22.04
CA LEU B 214 12.40 -2.40 -21.07
C LEU B 214 12.06 -3.19 -19.81
N ASN B 215 10.81 -3.12 -19.35
CA ASN B 215 10.43 -3.74 -18.10
C ASN B 215 10.10 -5.22 -18.24
N ASN B 216 10.08 -5.76 -19.45
CA ASN B 216 9.75 -7.17 -19.63
C ASN B 216 10.77 -8.12 -19.04
N ASN B 217 11.91 -7.62 -18.57
CA ASN B 217 12.95 -8.47 -18.01
C ASN B 217 12.97 -8.48 -16.49
N LYS B 218 12.44 -7.45 -15.85
CA LYS B 218 12.56 -7.27 -14.40
C LYS B 218 11.20 -7.48 -13.72
N PHE B 219 11.26 -7.76 -12.43
CA PHE B 219 10.06 -7.84 -11.60
C PHE B 219 9.56 -6.44 -11.24
N SER B 220 8.29 -6.38 -10.88
CA SER B 220 7.70 -5.16 -10.33
C SER B 220 7.91 -5.12 -8.82
N LEU B 221 7.58 -3.96 -8.23
CA LEU B 221 7.63 -3.85 -6.77
C LEU B 221 6.68 -4.84 -6.11
N CYS B 222 5.49 -5.02 -6.70
CA CYS B 222 4.54 -5.99 -6.17
C CYS B 222 5.14 -7.39 -6.13
N SER B 223 5.86 -7.76 -7.19
CA SER B 223 6.41 -9.11 -7.28
C SER B 223 7.54 -9.32 -6.29
N ILE B 224 8.36 -8.28 -6.05
CA ILE B 224 9.51 -8.43 -5.16
C ILE B 224 9.06 -8.62 -3.72
N ARG B 225 7.95 -8.00 -3.33
CA ARG B 225 7.47 -8.15 -1.95
C ARG B 225 7.03 -9.58 -1.65
N GLN B 226 6.18 -10.14 -2.51
CA GLN B 226 5.68 -11.49 -2.26
C GLN B 226 6.79 -12.53 -2.33
N ILE B 227 7.68 -12.40 -3.31
CA ILE B 227 8.79 -13.35 -3.43
C ILE B 227 9.69 -13.29 -2.21
N SER B 228 9.92 -12.09 -1.68
CA SER B 228 10.74 -11.96 -0.47
C SER B 228 10.06 -12.57 0.74
N GLN B 229 8.73 -12.52 0.82
CA GLN B 229 8.04 -13.10 1.94
C GLN B 229 8.11 -14.63 1.92
N VAL B 230 8.13 -15.23 0.73
CA VAL B 230 8.25 -16.67 0.62
C VAL B 230 9.69 -17.11 0.86
N LEU B 231 10.65 -16.33 0.36
CA LEU B 231 12.06 -16.64 0.61
C LEU B 231 12.40 -16.53 2.09
N GLU B 232 11.71 -15.67 2.83
CA GLU B 232 11.96 -15.57 4.27
C GLU B 232 11.59 -16.85 4.99
N LYS B 233 10.59 -17.57 4.51
CA LYS B 233 10.02 -18.72 5.20
C LYS B 233 10.47 -20.06 4.64
N LYS B 234 10.60 -20.19 3.33
CA LYS B 234 10.79 -21.49 2.69
C LYS B 234 12.14 -21.67 2.02
N ARG B 235 13.03 -20.67 2.06
CA ARG B 235 14.31 -20.79 1.37
C ARG B 235 15.25 -21.75 2.08
N ASN B 236 15.35 -21.64 3.39
CA ASN B 236 16.26 -22.50 4.12
C ASN B 236 15.80 -23.93 4.17
N ASN B 237 14.63 -24.24 3.63
CA ASN B 237 14.13 -25.61 3.67
C ASN B 237 14.67 -26.49 2.54
N CYS B 238 15.15 -25.91 1.44
CA CYS B 238 15.68 -26.79 0.39
C CYS B 238 16.66 -26.13 -0.56
N PHE B 239 17.11 -24.90 -0.27
CA PHE B 239 18.12 -24.26 -1.10
C PHE B 239 19.52 -24.77 -0.74
N VAL B 240 20.50 -24.48 -1.62
CA VAL B 240 21.86 -24.91 -1.39
C VAL B 240 22.79 -23.73 -1.60
N GLU B 241 24.02 -23.89 -1.11
CA GLU B 241 25.01 -22.81 -1.21
C GLU B 241 25.53 -22.69 -2.63
N SER B 242 25.93 -21.47 -2.99
CA SER B 242 26.42 -21.20 -4.34
C SER B 242 27.85 -21.71 -4.51
N GLY B 243 28.21 -21.97 -5.75
CA GLY B 243 29.56 -22.43 -6.07
C GLY B 243 29.77 -23.92 -6.01
N GLN B 244 28.75 -24.72 -6.34
CA GLN B 244 28.86 -26.17 -6.36
C GLN B 244 28.29 -26.70 -7.68
N PRO B 245 28.98 -26.46 -8.79
CA PRO B 245 28.49 -26.94 -10.09
C PRO B 245 28.47 -28.47 -10.12
N ILE B 246 27.37 -29.03 -10.60
CA ILE B 246 27.18 -30.48 -10.64
C ILE B 246 27.70 -30.99 -11.99
N CYS B 247 28.73 -31.83 -11.94
CA CYS B 247 29.27 -32.47 -13.13
C CYS B 247 28.31 -33.59 -13.53
N GLY B 248 27.51 -33.35 -14.56
CA GLY B 248 26.54 -34.32 -15.01
C GLY B 248 25.24 -33.70 -15.47
N ASN B 249 25.15 -32.37 -15.38
CA ASN B 249 23.95 -31.66 -15.81
C ASN B 249 23.92 -31.42 -17.32
N GLY B 250 24.99 -31.76 -18.03
CA GLY B 250 25.05 -31.58 -19.46
C GLY B 250 25.55 -30.24 -19.93
N MET B 251 25.90 -29.33 -19.00
CA MET B 251 26.34 -27.99 -19.35
C MET B 251 27.72 -27.72 -18.78
N VAL B 252 28.48 -26.89 -19.49
CA VAL B 252 29.80 -26.49 -19.03
C VAL B 252 29.65 -25.39 -17.99
N GLU B 253 30.33 -25.54 -16.85
CA GLU B 253 30.25 -24.61 -15.74
C GLU B 253 31.67 -24.31 -15.24
N GLN B 254 31.76 -23.44 -14.23
CA GLN B 254 33.04 -23.08 -13.67
C GLN B 254 33.70 -24.28 -13.01
N GLY B 255 34.97 -24.50 -13.34
CA GLY B 255 35.70 -25.66 -12.83
C GLY B 255 35.50 -26.92 -13.63
N GLU B 256 34.81 -26.85 -14.76
CA GLU B 256 34.56 -28.01 -15.61
C GLU B 256 34.87 -27.65 -17.05
N GLU B 257 35.72 -28.45 -17.69
CA GLU B 257 36.07 -28.19 -19.08
C GLU B 257 34.97 -28.65 -20.04
N CYS B 258 34.18 -29.64 -19.64
CA CYS B 258 33.13 -30.18 -20.49
C CYS B 258 32.15 -30.94 -19.61
N ASP B 259 31.07 -31.44 -20.23
CA ASP B 259 30.08 -32.22 -19.49
C ASP B 259 29.23 -32.98 -20.51
N CYS B 260 29.60 -34.25 -20.75
CA CYS B 260 28.81 -35.12 -21.61
C CYS B 260 27.64 -35.76 -20.87
N GLY B 261 27.58 -35.64 -19.56
CA GLY B 261 26.54 -36.28 -18.77
C GLY B 261 27.06 -37.51 -18.06
N TYR B 262 26.15 -38.46 -17.78
CA TYR B 262 26.52 -39.70 -17.11
C TYR B 262 26.84 -40.77 -18.16
N SER B 263 27.24 -41.95 -17.67
CA SER B 263 27.73 -42.99 -18.58
C SER B 263 26.65 -43.44 -19.57
N ASP B 264 25.38 -43.38 -19.16
CA ASP B 264 24.30 -43.81 -20.04
C ASP B 264 24.02 -42.79 -21.15
N GLN B 265 24.38 -41.53 -20.94
CA GLN B 265 24.08 -40.47 -21.90
C GLN B 265 25.32 -39.78 -22.43
N CYS B 266 26.51 -40.30 -22.14
CA CYS B 266 27.76 -39.70 -22.61
C CYS B 266 28.09 -40.28 -23.98
N LYS B 267 27.42 -39.75 -25.00
CA LYS B 267 27.72 -40.08 -26.39
C LYS B 267 28.98 -39.39 -26.88
N ASP B 268 29.48 -38.41 -26.15
CA ASP B 268 30.68 -37.68 -26.54
C ASP B 268 31.93 -38.49 -26.22
N GLU B 269 32.87 -38.51 -27.16
CA GLU B 269 34.13 -39.20 -26.96
C GLU B 269 35.20 -38.30 -26.38
N CYS B 270 35.00 -36.98 -26.39
CA CYS B 270 36.03 -36.03 -25.95
C CYS B 270 36.05 -35.84 -24.44
N CYS B 271 34.91 -36.03 -23.79
CA CYS B 271 34.75 -35.69 -22.38
C CYS B 271 34.69 -36.94 -21.53
N PHE B 272 35.22 -36.84 -20.32
CA PHE B 272 35.10 -37.92 -19.35
C PHE B 272 33.73 -37.90 -18.72
N ASP B 273 33.19 -39.09 -18.45
CA ASP B 273 31.85 -39.21 -17.90
C ASP B 273 31.79 -38.62 -16.50
N ALA B 274 30.55 -38.38 -16.04
CA ALA B 274 30.35 -37.94 -14.67
C ALA B 274 30.58 -39.09 -13.68
N ASN B 275 30.58 -40.33 -14.15
CA ASN B 275 30.83 -41.50 -13.33
C ASN B 275 32.30 -41.83 -13.19
N GLN B 276 33.18 -41.02 -13.80
CA GLN B 276 34.61 -41.24 -13.73
C GLN B 276 35.13 -40.86 -12.35
N PRO B 277 36.37 -41.26 -12.01
CA PRO B 277 36.95 -40.84 -10.72
C PRO B 277 36.93 -39.34 -10.49
N GLU B 278 37.06 -38.92 -9.23
CA GLU B 278 36.85 -37.52 -8.88
C GLU B 278 37.87 -36.60 -9.54
N GLY B 279 39.10 -37.06 -9.74
CA GLY B 279 40.11 -36.20 -10.32
C GLY B 279 39.89 -35.92 -11.79
N ARG B 280 39.20 -36.82 -12.50
CA ARG B 280 38.97 -36.70 -13.93
C ARG B 280 37.50 -36.49 -14.28
N LYS B 281 36.69 -36.06 -13.31
CA LYS B 281 35.28 -35.78 -13.60
C LYS B 281 35.17 -34.51 -14.44
N CYS B 282 34.46 -34.61 -15.57
CA CYS B 282 34.18 -33.46 -16.43
C CYS B 282 35.46 -32.80 -16.92
N LYS B 283 36.40 -33.62 -17.38
CA LYS B 283 37.67 -33.16 -17.91
C LYS B 283 37.82 -33.64 -19.34
N LEU B 284 38.62 -32.89 -20.11
CA LEU B 284 38.88 -33.24 -21.50
C LEU B 284 39.86 -34.40 -21.59
N LYS B 285 39.72 -35.18 -22.65
CA LYS B 285 40.63 -36.31 -22.88
C LYS B 285 42.02 -35.79 -23.20
N PRO B 286 43.07 -36.44 -22.72
CA PRO B 286 44.44 -36.04 -23.09
C PRO B 286 44.62 -36.07 -24.59
N GLY B 287 45.13 -34.96 -25.14
CA GLY B 287 45.30 -34.81 -26.56
C GLY B 287 44.09 -34.28 -27.30
N LYS B 288 43.08 -33.80 -26.59
CA LYS B 288 41.89 -33.24 -27.20
C LYS B 288 41.73 -31.78 -26.81
N GLN B 289 41.17 -31.00 -27.73
CA GLN B 289 41.13 -29.54 -27.62
C GLN B 289 39.85 -29.02 -26.99
N CYS B 290 38.72 -29.64 -27.27
CA CYS B 290 37.44 -29.16 -26.77
C CYS B 290 36.47 -30.33 -26.67
N SER B 291 35.18 -30.03 -26.63
CA SER B 291 34.11 -31.02 -26.58
C SER B 291 32.86 -30.37 -27.15
N PRO B 292 32.01 -31.12 -27.86
CA PRO B 292 30.78 -30.51 -28.39
C PRO B 292 29.84 -30.01 -27.31
N SER B 293 30.00 -30.48 -26.07
CA SER B 293 29.16 -30.00 -24.97
C SER B 293 29.49 -28.56 -24.58
N GLN B 294 30.67 -28.07 -24.95
CA GLN B 294 31.01 -26.68 -24.64
C GLN B 294 30.22 -25.71 -25.49
N GLY B 295 30.03 -26.04 -26.78
CA GLY B 295 29.29 -25.21 -27.68
C GLY B 295 29.14 -25.86 -29.04
N PRO B 296 28.54 -25.13 -29.98
CA PRO B 296 28.35 -25.71 -31.32
C PRO B 296 29.64 -25.85 -32.11
N CYS B 297 30.61 -24.96 -31.89
CA CYS B 297 31.83 -24.96 -32.71
C CYS B 297 32.95 -25.76 -32.07
N CYS B 298 32.66 -27.01 -31.77
CA CYS B 298 33.68 -28.01 -31.49
C CYS B 298 33.25 -29.27 -32.22
N THR B 299 33.98 -29.63 -33.29
CA THR B 299 33.62 -30.80 -34.07
C THR B 299 33.53 -32.02 -33.16
N ALA B 300 32.64 -32.95 -33.53
CA ALA B 300 32.47 -34.16 -32.74
C ALA B 300 33.77 -34.94 -32.60
N GLN B 301 34.76 -34.66 -33.44
CA GLN B 301 36.09 -35.25 -33.36
C GLN B 301 37.03 -34.44 -32.46
N CYS B 302 36.49 -33.63 -31.55
CA CYS B 302 37.24 -32.96 -30.49
C CYS B 302 38.19 -31.89 -31.03
N ALA B 303 37.86 -31.27 -32.15
CA ALA B 303 38.69 -30.24 -32.75
C ALA B 303 37.89 -28.95 -32.93
N PHE B 304 38.58 -27.82 -32.79
CA PHE B 304 37.96 -26.53 -33.07
C PHE B 304 37.50 -26.46 -34.52
N LYS B 305 36.29 -25.94 -34.72
CA LYS B 305 35.85 -25.68 -36.08
C LYS B 305 36.70 -24.59 -36.72
N SER B 306 36.68 -24.55 -38.04
CA SER B 306 37.51 -23.59 -38.77
C SER B 306 37.01 -22.17 -38.52
N LYS B 307 37.75 -21.21 -39.09
CA LYS B 307 37.52 -19.79 -38.82
C LYS B 307 36.33 -19.22 -39.60
N SER B 308 35.64 -20.03 -40.41
CA SER B 308 34.50 -19.53 -41.16
C SER B 308 33.35 -20.53 -41.24
N GLU B 309 33.43 -21.66 -40.55
CA GLU B 309 32.32 -22.59 -40.52
C GLU B 309 31.16 -22.01 -39.71
N LYS B 310 29.96 -22.09 -40.27
CA LYS B 310 28.80 -21.47 -39.65
C LYS B 310 28.34 -22.24 -38.42
N CYS B 311 27.82 -21.51 -37.44
CA CYS B 311 27.26 -22.10 -36.24
C CYS B 311 25.83 -21.67 -35.96
N ARG B 312 25.25 -20.80 -36.79
CA ARG B 312 23.89 -20.34 -36.60
C ARG B 312 23.36 -19.84 -37.93
N ASP B 313 22.17 -20.30 -38.31
CA ASP B 313 21.59 -19.94 -39.59
C ASP B 313 21.22 -18.47 -39.62
N ASP B 314 21.10 -17.93 -40.83
CA ASP B 314 20.76 -16.52 -41.00
C ASP B 314 19.31 -16.29 -40.58
N SER B 315 19.08 -15.25 -39.78
CA SER B 315 17.75 -14.89 -39.34
C SER B 315 17.19 -13.79 -40.24
N ASP B 316 15.98 -13.34 -39.91
CA ASP B 316 15.39 -12.23 -40.64
C ASP B 316 16.15 -10.93 -40.44
N CYS B 317 16.88 -10.80 -39.33
CA CYS B 317 17.64 -9.59 -39.02
C CYS B 317 18.95 -9.94 -38.31
N ALA B 318 19.66 -10.92 -38.86
CA ALA B 318 20.94 -11.35 -38.32
C ALA B 318 21.66 -12.16 -39.37
N ARG B 319 22.94 -11.83 -39.61
CA ARG B 319 23.72 -12.59 -40.57
C ARG B 319 24.06 -13.96 -40.00
N GLU B 320 24.80 -14.75 -40.78
CA GLU B 320 25.22 -16.07 -40.34
C GLU B 320 26.17 -15.96 -39.15
N GLY B 321 26.07 -16.92 -38.25
CA GLY B 321 27.01 -17.01 -37.15
C GLY B 321 28.22 -17.85 -37.51
N ILE B 322 29.35 -17.20 -37.77
CA ILE B 322 30.59 -17.87 -38.13
C ILE B 322 31.54 -17.81 -36.94
N CYS B 323 32.27 -18.90 -36.73
CA CYS B 323 33.13 -19.02 -35.56
C CYS B 323 34.53 -18.53 -35.84
N ASN B 324 35.07 -17.74 -34.89
CA ASN B 324 36.37 -17.14 -35.05
C ASN B 324 37.50 -18.17 -35.18
N GLY B 325 37.26 -19.40 -34.71
CA GLY B 325 38.24 -20.46 -34.84
C GLY B 325 38.97 -20.82 -33.55
N PHE B 326 38.77 -20.06 -32.48
CA PHE B 326 39.40 -20.35 -31.20
C PHE B 326 38.41 -20.51 -30.05
N THR B 327 37.13 -20.28 -30.29
CA THR B 327 36.10 -20.37 -29.26
C THR B 327 35.14 -21.49 -29.61
N ALA B 328 34.83 -22.35 -28.63
CA ALA B 328 33.83 -23.39 -28.83
C ALA B 328 32.42 -22.82 -28.91
N LEU B 329 32.22 -21.57 -28.53
CA LEU B 329 30.90 -20.94 -28.55
C LEU B 329 30.63 -20.31 -29.90
N CYS B 330 29.34 -20.06 -30.16
CA CYS B 330 28.90 -19.45 -31.40
C CYS B 330 28.95 -17.93 -31.25
N PRO B 331 29.80 -17.22 -31.99
CA PRO B 331 29.83 -15.76 -31.90
C PRO B 331 28.48 -15.16 -32.28
N ALA B 332 28.10 -14.09 -31.59
CA ALA B 332 26.83 -13.44 -31.84
C ALA B 332 26.81 -12.86 -33.26
N SER B 333 25.71 -13.10 -33.97
CA SER B 333 25.61 -12.67 -35.36
C SER B 333 25.57 -11.15 -35.46
N ASP B 334 26.03 -10.64 -36.60
CA ASP B 334 26.02 -9.21 -36.84
C ASP B 334 24.62 -8.76 -37.27
N PRO B 335 24.15 -7.62 -36.76
CA PRO B 335 22.79 -7.16 -37.09
C PRO B 335 22.68 -6.76 -38.56
N LYS B 336 21.55 -7.10 -39.16
CA LYS B 336 21.23 -6.68 -40.52
C LYS B 336 20.94 -5.18 -40.53
N PRO B 337 20.90 -4.55 -41.70
CA PRO B 337 20.53 -3.13 -41.75
C PRO B 337 19.18 -2.86 -41.11
N GLN B 338 19.08 -1.69 -40.48
CA GLN B 338 17.88 -1.34 -39.73
C GLN B 338 16.66 -1.29 -40.64
N PHE B 339 15.48 -1.50 -40.04
CA PHE B 339 14.20 -1.45 -40.74
C PHE B 339 14.11 -2.54 -41.80
N THR B 340 14.65 -3.72 -41.49
CA THR B 340 14.50 -4.90 -42.33
C THR B 340 13.25 -5.66 -41.92
N ASP B 341 12.49 -6.10 -42.92
CA ASP B 341 11.22 -6.78 -42.66
C ASP B 341 11.46 -8.12 -41.98
N CYS B 342 10.88 -8.29 -40.79
CA CYS B 342 10.95 -9.54 -40.06
C CYS B 342 9.54 -9.98 -39.69
N ASN B 343 9.39 -11.28 -39.42
CA ASN B 343 8.12 -11.87 -39.02
C ASN B 343 7.04 -11.60 -40.08
N ARG B 344 7.32 -12.07 -41.29
CA ARG B 344 6.40 -11.98 -42.43
C ARG B 344 6.00 -10.54 -42.72
N HIS B 345 7.01 -9.66 -42.78
CA HIS B 345 6.84 -8.25 -43.12
C HIS B 345 5.87 -7.52 -42.19
N THR B 346 5.63 -8.05 -41.01
CA THR B 346 4.76 -7.39 -40.04
C THR B 346 5.50 -6.46 -39.11
N GLN B 347 6.84 -6.57 -39.03
CA GLN B 347 7.65 -5.74 -38.17
C GLN B 347 8.93 -5.37 -38.88
N VAL B 348 9.57 -4.29 -38.42
CA VAL B 348 10.90 -3.92 -38.86
C VAL B 348 11.89 -4.40 -37.80
N CYS B 349 13.11 -3.86 -37.83
CA CYS B 349 14.13 -4.30 -36.90
C CYS B 349 14.91 -3.11 -36.34
N ILE B 350 15.22 -3.18 -35.06
CA ILE B 350 16.01 -2.18 -34.36
C ILE B 350 17.20 -2.89 -33.75
N ASN B 351 18.38 -2.70 -34.34
CA ASN B 351 19.63 -3.25 -33.83
C ASN B 351 19.58 -4.78 -33.76
N GLY B 352 19.28 -5.39 -34.92
CA GLY B 352 19.26 -6.83 -35.03
C GLY B 352 18.19 -7.54 -34.25
N GLN B 353 17.18 -6.82 -33.74
CA GLN B 353 16.09 -7.41 -32.99
C GLN B 353 14.78 -7.14 -33.71
N CYS B 354 13.93 -8.17 -33.80
CA CYS B 354 12.65 -8.05 -34.48
C CYS B 354 11.66 -7.35 -33.56
N ALA B 355 11.71 -6.02 -33.58
CA ALA B 355 10.86 -5.19 -32.74
C ALA B 355 10.41 -3.96 -33.54
N GLY B 356 9.38 -3.30 -33.04
CA GLY B 356 8.87 -2.11 -33.67
C GLY B 356 7.98 -2.39 -34.87
N SER B 357 6.91 -1.60 -35.03
CA SER B 357 5.98 -1.81 -36.12
C SER B 357 6.62 -1.47 -37.46
N ILE B 358 5.99 -1.95 -38.53
CA ILE B 358 6.48 -1.72 -39.88
C ILE B 358 6.59 -0.23 -40.19
N CYS B 359 5.81 0.61 -39.50
CA CYS B 359 5.78 2.03 -39.80
C CYS B 359 7.00 2.79 -39.29
N GLU B 360 7.82 2.19 -38.43
CA GLU B 360 9.08 2.83 -38.06
C GLU B 360 10.03 2.91 -39.24
N LYS B 361 9.81 2.11 -40.28
CA LYS B 361 10.61 2.21 -41.50
C LYS B 361 10.41 3.56 -42.17
N TYR B 362 9.20 4.10 -42.13
CA TYR B 362 8.88 5.36 -42.77
C TYR B 362 8.81 6.53 -41.78
N GLY B 363 9.29 6.33 -40.56
CA GLY B 363 9.30 7.42 -39.59
C GLY B 363 7.97 7.65 -38.89
N LEU B 364 7.20 6.61 -38.67
CA LEU B 364 5.92 6.68 -37.97
C LEU B 364 6.00 5.85 -36.70
N GLU B 365 4.89 5.83 -35.96
CA GLU B 365 4.78 5.04 -34.74
C GLU B 365 3.48 4.26 -34.75
N GLU B 366 3.46 3.15 -34.03
CA GLU B 366 2.28 2.29 -33.99
C GLU B 366 1.24 2.86 -33.04
N CYS B 367 -0.01 2.44 -33.25
CA CYS B 367 -1.13 2.85 -32.44
C CYS B 367 -2.24 1.82 -32.62
N THR B 368 -3.04 1.65 -31.57
CA THR B 368 -4.15 0.71 -31.63
C THR B 368 -5.19 1.22 -32.63
N CYS B 369 -5.67 0.32 -33.49
CA CYS B 369 -6.65 0.68 -34.49
C CYS B 369 -7.95 1.14 -33.82
N ALA B 370 -8.71 1.95 -34.56
CA ALA B 370 -9.97 2.49 -34.05
C ALA B 370 -11.07 1.43 -34.06
N LYS B 378 -10.92 -8.65 -36.03
CA LYS B 378 -10.17 -8.68 -37.28
C LYS B 378 -9.79 -7.27 -37.71
N GLU B 379 -9.92 -6.31 -36.79
CA GLU B 379 -9.46 -4.95 -37.01
C GLU B 379 -8.33 -4.55 -36.07
N LEU B 380 -8.11 -5.31 -35.00
CA LEU B 380 -6.99 -5.07 -34.10
C LEU B 380 -5.72 -5.80 -34.51
N CYS B 381 -5.84 -6.85 -35.32
CA CYS B 381 -4.68 -7.55 -35.87
C CYS B 381 -4.19 -6.90 -37.16
N HIS B 382 -4.71 -5.73 -37.50
CA HIS B 382 -4.19 -4.90 -38.58
C HIS B 382 -3.33 -3.80 -37.98
N VAL B 383 -2.39 -3.30 -38.77
CA VAL B 383 -1.45 -2.28 -38.32
C VAL B 383 -2.05 -0.91 -38.62
N CYS B 384 -2.23 -0.10 -37.57
CA CYS B 384 -2.65 1.29 -37.69
C CYS B 384 -1.54 2.18 -37.17
N CYS B 385 -1.27 3.29 -37.88
CA CYS B 385 -0.10 4.10 -37.62
C CYS B 385 -0.45 5.58 -37.56
N MET B 386 0.39 6.32 -36.86
CA MET B 386 0.19 7.73 -36.59
C MET B 386 1.50 8.48 -36.76
N LYS B 387 1.43 9.80 -36.67
CA LYS B 387 2.62 10.62 -36.59
C LYS B 387 3.28 10.46 -35.22
N LYS B 388 4.58 10.71 -35.18
CA LYS B 388 5.35 10.54 -33.94
C LYS B 388 4.75 11.38 -32.82
N MET B 389 4.28 10.70 -31.76
CA MET B 389 3.70 11.34 -30.59
C MET B 389 2.53 12.26 -30.97
N ASP B 390 1.72 11.82 -31.94
CA ASP B 390 0.54 12.56 -32.36
C ASP B 390 -0.60 11.58 -32.55
N PRO B 391 -1.31 11.24 -31.48
CA PRO B 391 -2.45 10.31 -31.60
C PRO B 391 -3.59 10.86 -32.45
N SER B 392 -3.56 12.12 -32.84
CA SER B 392 -4.60 12.71 -33.69
C SER B 392 -4.32 12.42 -35.15
N THR B 393 -3.70 11.27 -35.43
CA THR B 393 -3.31 10.89 -36.78
C THR B 393 -3.45 9.40 -37.05
N CYS B 394 -3.74 8.57 -36.05
CA CYS B 394 -3.73 7.12 -36.19
C CYS B 394 -4.68 6.65 -37.28
N ALA B 395 -4.12 6.21 -38.41
CA ALA B 395 -4.89 5.68 -39.53
C ALA B 395 -4.35 4.30 -39.89
N SER B 396 -5.20 3.52 -40.54
CA SER B 396 -4.83 2.16 -40.90
C SER B 396 -3.82 2.15 -42.04
N THR B 397 -2.86 1.24 -41.95
CA THR B 397 -1.90 1.04 -43.04
C THR B 397 -2.64 0.58 -44.29
N GLY B 398 -2.46 1.33 -45.37
CA GLY B 398 -3.18 1.05 -46.61
C GLY B 398 -4.41 1.90 -46.83
N SER B 399 -4.64 2.91 -46.00
CA SER B 399 -5.75 3.83 -46.21
C SER B 399 -5.35 4.88 -47.25
N VAL B 400 -6.14 5.95 -47.35
CA VAL B 400 -5.87 7.00 -48.32
C VAL B 400 -4.98 8.05 -47.66
N GLN B 401 -4.45 7.73 -46.48
CA GLN B 401 -3.56 8.62 -45.76
C GLN B 401 -2.10 8.19 -45.85
N TRP B 402 -1.81 6.91 -45.67
CA TRP B 402 -0.46 6.37 -45.81
C TRP B 402 -0.28 5.67 -47.15
N SER B 403 -0.88 6.22 -48.21
CA SER B 403 -0.74 5.64 -49.54
C SER B 403 0.61 5.92 -50.18
N ARG B 404 1.42 6.82 -49.59
CA ARG B 404 2.74 7.09 -50.15
C ARG B 404 3.70 5.95 -49.90
N HIS B 405 3.48 5.17 -48.83
CA HIS B 405 4.38 4.10 -48.44
C HIS B 405 3.81 2.72 -48.73
N PHE B 406 2.60 2.43 -48.27
CA PHE B 406 1.99 1.12 -48.47
C PHE B 406 1.16 1.04 -49.74
N SER B 407 0.62 2.17 -50.19
CA SER B 407 -0.14 2.26 -51.45
C SER B 407 -1.34 1.32 -51.44
N GLY B 408 -2.08 1.32 -50.34
CA GLY B 408 -3.31 0.57 -50.23
C GLY B 408 -3.19 -0.80 -49.59
N ARG B 409 -1.98 -1.29 -49.38
CA ARG B 409 -1.79 -2.60 -48.78
C ARG B 409 -1.93 -2.52 -47.26
N THR B 410 -2.73 -3.42 -46.69
CA THR B 410 -2.96 -3.47 -45.26
C THR B 410 -2.09 -4.56 -44.65
N ILE B 411 -1.29 -4.19 -43.67
CA ILE B 411 -0.38 -5.13 -43.00
C ILE B 411 -1.14 -5.81 -41.87
N THR B 412 -1.21 -7.15 -41.93
CA THR B 412 -1.92 -7.94 -40.94
C THR B 412 -0.92 -8.65 -40.04
N LEU B 413 -1.13 -8.57 -38.74
CA LEU B 413 -0.23 -9.18 -37.78
C LEU B 413 -0.19 -10.70 -37.97
N GLN B 414 0.82 -11.31 -37.36
CA GLN B 414 1.11 -12.74 -37.41
C GLN B 414 0.40 -13.46 -36.28
N PRO B 415 -0.16 -14.65 -36.55
CA PRO B 415 -0.80 -15.44 -35.48
C PRO B 415 0.13 -15.67 -34.30
N GLY B 416 -0.29 -15.20 -33.12
CA GLY B 416 0.50 -15.29 -31.92
C GLY B 416 1.10 -13.98 -31.46
N SER B 417 0.98 -12.91 -32.26
CA SER B 417 1.50 -11.62 -31.87
C SER B 417 0.56 -10.93 -30.88
N PRO B 418 1.09 -10.12 -29.98
CA PRO B 418 0.23 -9.36 -29.07
C PRO B 418 -0.62 -8.35 -29.83
N CYS B 419 -1.81 -8.10 -29.30
CA CYS B 419 -2.75 -7.17 -29.93
C CYS B 419 -3.46 -6.38 -28.84
N ASN B 420 -4.05 -5.25 -29.26
CA ASN B 420 -4.86 -4.41 -28.39
C ASN B 420 -4.08 -3.95 -27.16
N ASP B 421 -2.89 -3.40 -27.41
CA ASP B 421 -1.99 -2.95 -26.36
C ASP B 421 -1.72 -4.06 -25.35
N PHE B 422 -1.25 -5.19 -25.87
CA PHE B 422 -0.81 -6.33 -25.07
C PHE B 422 -1.93 -6.92 -24.22
N ARG B 423 -3.17 -6.75 -24.65
CA ARG B 423 -4.31 -7.33 -23.94
C ARG B 423 -4.75 -8.67 -24.51
N GLY B 424 -4.19 -9.08 -25.65
CA GLY B 424 -4.54 -10.38 -26.19
C GLY B 424 -3.54 -10.80 -27.26
N TYR B 425 -3.87 -11.92 -27.91
CA TYR B 425 -3.07 -12.45 -29.01
C TYR B 425 -3.96 -12.65 -30.23
N CYS B 426 -3.37 -12.45 -31.41
CA CYS B 426 -4.08 -12.68 -32.67
C CYS B 426 -3.94 -14.15 -33.04
N ASP B 427 -5.07 -14.82 -33.26
CA ASP B 427 -5.09 -16.25 -33.54
C ASP B 427 -4.87 -16.49 -35.03
N VAL B 428 -5.16 -17.71 -35.47
CA VAL B 428 -4.89 -18.08 -36.87
C VAL B 428 -5.82 -17.33 -37.82
N PHE B 429 -7.04 -17.02 -37.39
CA PHE B 429 -7.99 -16.28 -38.19
C PHE B 429 -7.86 -14.77 -38.05
N MET B 430 -6.75 -14.30 -37.45
CA MET B 430 -6.47 -12.88 -37.31
C MET B 430 -7.52 -12.17 -36.45
N ARG B 431 -7.93 -12.84 -35.36
CA ARG B 431 -8.84 -12.26 -34.38
C ARG B 431 -8.11 -12.10 -33.05
N CYS B 432 -8.30 -10.94 -32.41
CA CYS B 432 -7.57 -10.62 -31.19
C CYS B 432 -8.29 -11.25 -29.99
N ARG B 433 -7.84 -12.43 -29.58
CA ARG B 433 -8.42 -13.11 -28.43
C ARG B 433 -7.80 -12.56 -27.16
N LEU B 434 -8.61 -11.91 -26.33
CA LEU B 434 -8.12 -11.27 -25.12
C LEU B 434 -7.83 -12.31 -24.04
N VAL B 435 -6.92 -11.95 -23.14
CA VAL B 435 -6.44 -12.85 -22.12
C VAL B 435 -7.28 -12.68 -20.86
N ASP B 436 -7.61 -13.81 -20.22
CA ASP B 436 -8.32 -13.83 -18.94
C ASP B 436 -7.83 -15.05 -18.16
N ALA B 437 -6.56 -15.00 -17.75
CA ALA B 437 -5.93 -16.12 -17.07
C ALA B 437 -6.22 -16.15 -15.57
N ASP B 438 -6.82 -15.10 -15.03
CA ASP B 438 -7.23 -15.09 -13.61
C ASP B 438 -8.68 -15.57 -13.55
N GLY B 439 -8.86 -16.84 -13.20
CA GLY B 439 -10.17 -17.44 -13.14
C GLY B 439 -11.03 -16.90 -12.02
N PRO B 440 -12.33 -17.20 -12.07
CA PRO B 440 -13.23 -16.70 -11.04
C PRO B 440 -13.01 -17.38 -9.70
N LEU B 441 -13.34 -16.67 -8.63
CA LEU B 441 -13.18 -17.16 -7.28
C LEU B 441 -14.54 -17.51 -6.68
N GLY B 442 -14.53 -18.55 -5.84
CA GLY B 442 -15.75 -19.04 -5.20
C GLY B 442 -16.09 -18.30 -3.91
N ALA C 4 6.25 10.07 -17.74
CA ALA C 4 7.64 10.43 -17.49
C ALA C 4 8.16 11.41 -18.53
N GLU C 5 7.42 12.50 -18.71
CA GLU C 5 7.86 13.59 -19.57
C GLU C 5 8.87 14.48 -18.84
N LYS C 6 8.65 14.71 -17.55
CA LYS C 6 9.50 15.57 -16.73
C LYS C 6 10.07 14.74 -15.59
N ASN C 7 11.34 14.35 -15.72
CA ASN C 7 12.01 13.57 -14.68
C ASN C 7 13.32 14.22 -14.28
N THR C 8 13.38 15.54 -14.29
CA THR C 8 14.58 16.29 -13.93
C THR C 8 14.22 17.28 -12.83
N CYS C 9 15.02 17.29 -11.77
CA CYS C 9 14.80 18.17 -10.62
C CYS C 9 15.86 19.26 -10.66
N GLN C 10 15.42 20.49 -10.95
CA GLN C 10 16.32 21.64 -10.98
C GLN C 10 16.83 21.93 -9.58
N LEU C 11 18.14 21.89 -9.39
CA LEU C 11 18.75 22.12 -8.09
C LEU C 11 19.32 23.53 -7.99
N TYR C 12 19.39 24.02 -6.76
CA TYR C 12 20.04 25.29 -6.43
C TYR C 12 20.95 25.04 -5.25
N ILE C 13 22.26 25.02 -5.50
CA ILE C 13 23.25 24.65 -4.50
C ILE C 13 23.94 25.90 -3.98
N GLN C 14 23.98 26.05 -2.66
CA GLN C 14 24.68 27.14 -2.00
C GLN C 14 25.75 26.57 -1.08
N THR C 15 26.80 27.34 -0.87
CA THR C 15 27.85 26.99 0.08
C THR C 15 28.19 28.21 0.91
N ASP C 16 28.33 28.01 2.22
CA ASP C 16 28.66 29.10 3.12
C ASP C 16 30.17 29.28 3.19
N HIS C 17 30.61 30.20 4.05
CA HIS C 17 32.03 30.49 4.18
C HIS C 17 32.80 29.33 4.81
N LEU C 18 32.16 28.56 5.69
CA LEU C 18 32.85 27.47 6.35
C LEU C 18 33.12 26.32 5.39
N PHE C 19 32.27 26.12 4.39
CA PHE C 19 32.52 25.11 3.37
C PHE C 19 33.66 25.53 2.46
N PHE C 20 33.71 26.82 2.12
CA PHE C 20 34.79 27.33 1.28
C PHE C 20 36.12 27.33 2.02
N LYS C 21 36.10 27.45 3.35
CA LYS C 21 37.32 27.49 4.12
C LYS C 21 38.02 26.12 4.15
N TYR C 22 37.25 25.04 4.09
CA TYR C 22 37.86 23.72 4.16
C TYR C 22 38.57 23.35 2.87
N TYR C 23 37.90 23.57 1.73
CA TYR C 23 38.42 23.14 0.44
C TYR C 23 39.33 24.17 -0.21
N GLY C 24 39.42 25.38 0.33
CA GLY C 24 40.38 26.34 -0.15
C GLY C 24 39.91 27.24 -1.27
N THR C 25 39.90 26.73 -2.49
CA THR C 25 39.60 27.54 -3.67
C THR C 25 38.15 27.34 -4.12
N ARG C 26 37.72 28.22 -5.01
CA ARG C 26 36.38 28.11 -5.58
C ARG C 26 36.28 26.91 -6.51
N GLU C 27 37.36 26.61 -7.24
CA GLU C 27 37.36 25.47 -8.15
C GLU C 27 37.19 24.15 -7.39
N ALA C 28 37.72 24.08 -6.16
CA ALA C 28 37.56 22.87 -5.37
C ALA C 28 36.12 22.70 -4.89
N VAL C 29 35.42 23.81 -4.64
CA VAL C 29 34.03 23.71 -4.20
C VAL C 29 33.13 23.29 -5.35
N ILE C 30 33.36 23.85 -6.54
CA ILE C 30 32.60 23.45 -7.72
C ILE C 30 32.78 21.97 -8.00
N ALA C 31 34.02 21.47 -7.86
CA ALA C 31 34.27 20.05 -8.06
C ALA C 31 33.53 19.20 -7.02
N GLN C 32 33.38 19.71 -5.80
CA GLN C 32 32.69 18.95 -4.76
C GLN C 32 31.19 18.87 -5.05
N ILE C 33 30.55 20.01 -5.29
CA ILE C 33 29.11 20.01 -5.54
C ILE C 33 28.77 19.34 -6.86
N SER C 34 29.71 19.31 -7.82
CA SER C 34 29.51 18.50 -9.01
C SER C 34 29.67 17.02 -8.71
N SER C 35 30.56 16.68 -7.78
CA SER C 35 30.71 15.29 -7.35
C SER C 35 29.54 14.83 -6.49
N HIS C 36 28.80 15.76 -5.89
CA HIS C 36 27.63 15.39 -5.10
C HIS C 36 26.39 15.23 -5.97
N VAL C 37 26.22 16.08 -6.99
CA VAL C 37 25.04 15.98 -7.84
C VAL C 37 25.13 14.76 -8.74
N LYS C 38 26.31 14.53 -9.34
CA LYS C 38 26.46 13.37 -10.22
C LYS C 38 26.36 12.06 -9.44
N ALA C 39 26.68 12.07 -8.15
CA ALA C 39 26.61 10.85 -7.35
C ALA C 39 25.17 10.43 -7.11
N ILE C 40 24.31 11.37 -6.72
CA ILE C 40 22.90 11.05 -6.57
C ILE C 40 22.20 10.93 -7.91
N ASP C 41 22.73 11.57 -8.96
CA ASP C 41 22.11 11.50 -10.27
C ASP C 41 22.08 10.07 -10.80
N THR C 42 23.12 9.30 -10.51
CA THR C 42 23.17 7.92 -11.00
C THR C 42 22.34 6.99 -10.13
N ILE C 43 22.36 7.16 -8.82
CA ILE C 43 21.63 6.24 -7.94
C ILE C 43 20.13 6.46 -7.99
N TYR C 44 19.68 7.62 -8.47
CA TYR C 44 18.25 7.84 -8.67
C TYR C 44 17.78 7.34 -10.03
N GLN C 45 18.60 7.47 -11.06
CA GLN C 45 18.24 6.95 -12.37
C GLN C 45 18.22 5.43 -12.39
N THR C 46 19.12 4.79 -11.64
CA THR C 46 19.16 3.34 -11.54
C THR C 46 18.13 2.78 -10.54
N THR C 47 17.07 3.53 -10.27
CA THR C 47 16.01 3.09 -9.36
C THR C 47 14.68 3.12 -10.11
N ASP C 48 13.92 2.03 -9.99
CA ASP C 48 12.63 1.91 -10.64
C ASP C 48 11.55 2.36 -9.67
N PHE C 49 11.10 3.61 -9.81
CA PHE C 49 10.08 4.18 -8.94
C PHE C 49 8.69 3.87 -9.50
N SER C 50 8.34 2.58 -9.45
CA SER C 50 7.04 2.07 -9.86
C SER C 50 6.74 2.45 -11.32
N GLY C 51 7.67 2.05 -12.21
CA GLY C 51 7.56 2.37 -13.61
C GLY C 51 8.17 3.69 -14.02
N ILE C 52 8.37 4.60 -13.07
CA ILE C 52 9.04 5.87 -13.34
C ILE C 52 10.54 5.61 -13.30
N ARG C 53 11.20 5.74 -14.45
CA ARG C 53 12.62 5.45 -14.56
C ARG C 53 13.40 6.69 -14.97
N GLN C 54 14.69 6.68 -14.65
CA GLN C 54 15.62 7.74 -15.02
C GLN C 54 15.24 9.08 -14.40
N ILE C 55 14.95 9.06 -13.10
CA ILE C 55 14.83 10.30 -12.34
C ILE C 55 16.23 10.88 -12.17
N SER C 56 16.44 12.07 -12.72
CA SER C 56 17.76 12.69 -12.73
C SER C 56 17.72 14.06 -12.07
N PHE C 57 18.91 14.58 -11.77
CA PHE C 57 19.09 15.90 -11.18
C PHE C 57 19.99 16.75 -12.05
N MET C 58 19.83 18.05 -11.96
CA MET C 58 20.76 18.99 -12.59
C MET C 58 20.64 20.33 -11.87
N VAL C 59 21.76 21.03 -11.74
CA VAL C 59 21.80 22.30 -11.03
C VAL C 59 21.43 23.42 -11.99
N LYS C 60 20.56 24.32 -11.54
CA LYS C 60 20.15 25.48 -12.33
C LYS C 60 21.00 26.70 -12.02
N ARG C 61 21.40 26.86 -10.76
CA ARG C 61 22.21 27.99 -10.33
C ARG C 61 23.01 27.56 -9.10
N ILE C 62 24.25 28.05 -9.00
CA ILE C 62 25.14 27.74 -7.90
C ILE C 62 25.70 29.04 -7.36
N ARG C 63 25.64 29.20 -6.03
CA ARG C 63 26.11 30.41 -5.36
C ARG C 63 27.11 29.98 -4.28
N ILE C 64 28.40 30.17 -4.56
CA ILE C 64 29.47 29.79 -3.64
C ILE C 64 29.93 31.03 -2.90
N ASN C 65 29.77 31.03 -1.58
CA ASN C 65 30.26 32.12 -0.75
C ASN C 65 31.70 31.85 -0.32
N THR C 66 32.42 32.92 -0.07
CA THR C 66 33.82 32.87 0.34
C THR C 66 33.95 33.41 1.77
N THR C 67 35.19 33.54 2.23
CA THR C 67 35.43 34.05 3.57
C THR C 67 35.06 35.53 3.67
N ALA C 68 35.11 36.26 2.56
CA ALA C 68 34.76 37.67 2.58
C ALA C 68 33.26 37.89 2.80
N ASP C 69 32.44 36.88 2.54
CA ASP C 69 31.01 36.99 2.80
C ASP C 69 30.67 36.83 4.28
N GLU C 70 31.61 36.33 5.09
CA GLU C 70 31.35 36.22 6.53
C GLU C 70 31.29 37.58 7.21
N LYS C 71 32.10 38.54 6.74
CA LYS C 71 32.07 39.89 7.29
C LYS C 71 30.93 40.73 6.74
N ASP C 72 29.94 40.12 6.10
CA ASP C 72 28.80 40.84 5.56
C ASP C 72 27.68 40.89 6.59
N PRO C 73 27.18 42.06 6.97
CA PRO C 73 26.07 42.10 7.92
C PRO C 73 24.79 41.51 7.37
N THR C 74 24.55 41.64 6.07
CA THR C 74 23.33 41.11 5.48
C THR C 74 23.33 39.58 5.41
N ASN C 75 24.49 38.95 5.52
CA ASN C 75 24.57 37.49 5.46
C ASN C 75 24.28 36.90 6.84
N PRO C 76 23.19 36.14 7.00
CA PRO C 76 22.88 35.55 8.30
C PRO C 76 23.62 34.24 8.59
N PHE C 77 24.35 33.71 7.63
CA PHE C 77 25.15 32.50 7.84
C PHE C 77 26.52 32.80 8.45
N ARG C 78 26.77 34.06 8.81
CA ARG C 78 28.07 34.47 9.32
C ARG C 78 28.41 33.81 10.66
N PHE C 79 27.40 33.49 11.46
CA PHE C 79 27.64 33.03 12.82
C PHE C 79 28.26 31.63 12.80
N PRO C 80 29.24 31.38 13.68
CA PRO C 80 29.89 30.05 13.69
C PRO C 80 29.14 29.00 14.48
N ASN C 81 28.15 29.38 15.28
CA ASN C 81 27.45 28.43 16.13
C ASN C 81 25.95 28.41 15.83
N ILE C 82 25.59 28.22 14.56
CA ILE C 82 24.19 28.14 14.18
C ILE C 82 23.68 26.74 14.45
N GLY C 83 22.48 26.64 15.02
CA GLY C 83 21.87 25.35 15.26
C GLY C 83 21.39 24.70 13.98
N VAL C 84 21.31 23.37 14.01
CA VAL C 84 20.94 22.63 12.80
C VAL C 84 19.52 22.95 12.36
N GLU C 85 18.61 23.18 13.32
CA GLU C 85 17.24 23.54 12.95
C GLU C 85 17.19 24.93 12.33
N LYS C 86 17.92 25.89 12.92
CA LYS C 86 17.90 27.25 12.38
C LYS C 86 18.70 27.37 11.09
N PHE C 87 19.67 26.48 10.85
CA PHE C 87 20.42 26.55 9.61
C PHE C 87 19.54 26.16 8.43
N LEU C 88 18.65 25.19 8.60
CA LEU C 88 17.71 24.84 7.55
C LEU C 88 16.60 25.88 7.43
N GLU C 89 16.14 26.41 8.57
CA GLU C 89 15.17 27.49 8.53
C GLU C 89 15.74 28.72 7.85
N LEU C 90 17.04 28.96 8.01
CA LEU C 90 17.69 30.08 7.33
C LEU C 90 17.68 29.88 5.82
N ASN C 91 17.90 28.65 5.36
CA ASN C 91 17.78 28.34 3.94
C ASN C 91 16.33 28.44 3.48
N SER C 92 15.38 28.10 4.35
CA SER C 92 13.98 28.13 3.95
C SER C 92 13.45 29.56 3.83
N GLU C 93 14.05 30.52 4.55
CA GLU C 93 13.56 31.89 4.57
C GLU C 93 13.86 32.64 3.28
N GLN C 94 14.18 31.93 2.21
CA GLN C 94 14.40 32.50 0.90
C GLN C 94 13.26 32.08 -0.04
N ASN C 95 13.38 32.49 -1.30
CA ASN C 95 12.36 32.22 -2.31
C ASN C 95 12.96 31.30 -3.36
N HIS C 96 12.68 30.01 -3.26
CA HIS C 96 13.20 29.00 -4.17
C HIS C 96 12.11 28.46 -5.09
N ASP C 97 11.22 29.35 -5.56
CA ASP C 97 10.13 28.92 -6.42
C ASP C 97 10.61 28.50 -7.80
N ASP C 98 11.76 28.98 -8.24
CA ASP C 98 12.30 28.64 -9.56
C ASP C 98 13.14 27.37 -9.55
N TYR C 99 13.20 26.66 -8.42
CA TYR C 99 13.99 25.46 -8.31
C TYR C 99 13.17 24.32 -7.73
N CYS C 100 13.48 23.10 -8.18
CA CYS C 100 12.82 21.92 -7.64
C CYS C 100 13.24 21.67 -6.19
N LEU C 101 14.54 21.81 -5.90
CA LEU C 101 15.05 21.75 -4.54
C LEU C 101 16.22 22.71 -4.42
N ALA C 102 16.42 23.23 -3.20
CA ALA C 102 17.51 24.16 -2.91
C ALA C 102 18.23 23.68 -1.66
N TYR C 103 19.52 23.45 -1.78
CA TYR C 103 20.34 22.96 -0.68
C TYR C 103 21.43 23.96 -0.33
N VAL C 104 22.09 23.71 0.79
CA VAL C 104 23.25 24.50 1.19
C VAL C 104 24.28 23.56 1.82
N PHE C 105 25.50 23.60 1.30
CA PHE C 105 26.60 22.79 1.80
C PHE C 105 27.36 23.57 2.86
N THR C 106 27.59 22.94 4.01
CA THR C 106 28.27 23.59 5.12
C THR C 106 29.32 22.66 5.71
N ASP C 107 30.18 23.25 6.55
CA ASP C 107 31.22 22.53 7.26
C ASP C 107 31.12 22.84 8.75
N ARG C 108 29.98 22.47 9.34
CA ARG C 108 29.70 22.70 10.75
C ARG C 108 29.55 21.37 11.46
N ASP C 109 29.83 21.38 12.76
CA ASP C 109 29.72 20.19 13.60
C ASP C 109 28.48 20.32 14.46
N PHE C 110 27.36 19.82 13.93
CA PHE C 110 26.08 19.92 14.63
C PHE C 110 26.04 18.94 15.81
N ASP C 111 25.01 19.11 16.64
CA ASP C 111 24.88 18.35 17.86
C ASP C 111 24.28 16.98 17.61
N ASP C 112 24.68 16.01 18.46
CA ASP C 112 24.09 14.67 18.48
C ASP C 112 24.27 13.94 17.15
N GLY C 113 25.42 14.17 16.51
CA GLY C 113 25.76 13.43 15.31
C GLY C 113 24.85 13.66 14.13
N VAL C 114 24.30 14.86 13.99
CA VAL C 114 23.41 15.17 12.88
C VAL C 114 24.26 15.56 11.67
N LEU C 115 24.00 14.90 10.54
CA LEU C 115 24.73 15.17 9.30
C LEU C 115 23.92 15.95 8.28
N GLY C 116 22.62 16.08 8.47
CA GLY C 116 21.80 16.79 7.50
C GLY C 116 20.40 17.00 8.04
N LEU C 117 19.60 17.71 7.25
CA LEU C 117 18.23 18.04 7.65
C LEU C 117 17.46 18.46 6.42
N ALA C 118 16.24 17.95 6.28
CA ALA C 118 15.42 18.24 5.11
C ALA C 118 13.96 18.03 5.45
N TRP C 119 13.09 18.80 4.79
CA TRP C 119 11.65 18.68 4.97
C TRP C 119 11.12 17.47 4.22
N VAL C 120 10.39 16.62 4.92
CA VAL C 120 9.90 15.37 4.35
C VAL C 120 8.69 15.65 3.46
N GLY C 121 8.75 15.17 2.22
CA GLY C 121 7.65 15.35 1.29
C GLY C 121 6.54 14.33 1.50
N ALA C 122 5.41 14.60 0.85
CA ALA C 122 4.24 13.75 0.97
C ALA C 122 3.37 13.95 -0.26
N PRO C 123 2.59 12.93 -0.66
CA PRO C 123 1.69 13.12 -1.81
C PRO C 123 0.57 14.11 -1.51
N SER C 124 0.02 14.09 -0.30
CA SER C 124 -0.99 15.04 0.12
C SER C 124 -1.10 14.98 1.63
N GLY C 125 -1.54 16.10 2.22
CA GLY C 125 -1.75 16.18 3.65
C GLY C 125 -0.69 16.91 4.43
N SER C 126 0.46 17.19 3.82
CA SER C 126 1.52 17.91 4.52
C SER C 126 2.32 18.75 3.52
N SER C 127 2.88 19.85 4.02
CA SER C 127 3.71 20.73 3.22
C SER C 127 5.18 20.35 3.36
N GLY C 128 5.95 20.61 2.31
CA GLY C 128 7.36 20.29 2.30
C GLY C 128 7.71 19.24 1.27
N GLY C 129 8.94 19.27 0.79
CA GLY C 129 9.40 18.34 -0.22
C GLY C 129 9.62 19.01 -1.57
N ILE C 130 9.61 18.18 -2.61
CA ILE C 130 9.87 18.66 -3.96
C ILE C 130 8.72 19.56 -4.42
N CYS C 131 9.07 20.56 -5.24
CA CYS C 131 8.11 21.45 -5.87
C CYS C 131 7.24 22.18 -4.83
N GLU C 132 7.93 22.89 -3.93
CA GLU C 132 7.27 23.69 -2.91
C GLU C 132 7.52 25.17 -3.18
N LYS C 133 6.45 25.95 -3.27
CA LYS C 133 6.56 27.38 -3.48
C LYS C 133 6.60 28.11 -2.15
N SER C 134 7.11 29.35 -2.18
CA SER C 134 7.21 30.15 -0.97
C SER C 134 5.83 30.65 -0.55
N LYS C 135 5.53 30.50 0.73
CA LYS C 135 4.21 30.87 1.25
C LYS C 135 4.32 31.15 2.74
N LEU C 136 3.30 31.82 3.27
CA LEU C 136 3.25 32.16 4.69
C LEU C 136 2.86 30.93 5.50
N TYR C 137 3.64 30.64 6.54
CA TYR C 137 3.40 29.50 7.40
C TYR C 137 2.99 29.96 8.80
N SER C 138 2.87 29.00 9.72
CA SER C 138 2.32 29.28 11.04
C SER C 138 3.21 30.18 11.88
N ASP C 139 4.51 30.24 11.59
CA ASP C 139 5.43 31.07 12.35
C ASP C 139 5.49 32.50 11.83
N GLY C 140 4.57 32.89 10.95
CA GLY C 140 4.58 34.21 10.36
C GLY C 140 5.67 34.44 9.34
N LYS C 141 6.45 33.42 9.00
CA LYS C 141 7.56 33.55 8.06
C LYS C 141 7.13 33.03 6.70
N LYS C 142 7.45 33.78 5.65
CA LYS C 142 7.19 33.37 4.27
C LYS C 142 8.39 32.57 3.77
N LYS C 143 8.38 31.28 4.09
CA LYS C 143 9.51 30.41 3.83
C LYS C 143 9.15 29.34 2.79
N SER C 144 10.19 28.73 2.23
CA SER C 144 10.05 27.68 1.23
C SER C 144 10.56 26.37 1.82
N LEU C 145 9.69 25.36 1.85
CA LEU C 145 10.01 24.08 2.47
C LEU C 145 10.62 23.08 1.50
N ASN C 146 11.03 23.53 0.31
CA ASN C 146 11.73 22.67 -0.65
C ASN C 146 13.24 22.74 -0.44
N THR C 147 13.67 22.65 0.81
CA THR C 147 15.05 22.95 1.18
C THR C 147 15.65 21.80 1.96
N GLY C 148 16.97 21.83 2.08
CA GLY C 148 17.71 20.85 2.83
C GLY C 148 19.13 21.31 3.06
N ILE C 149 19.75 20.75 4.09
CA ILE C 149 21.12 21.08 4.46
C ILE C 149 21.91 19.80 4.67
N ILE C 150 23.21 19.86 4.36
CA ILE C 150 24.13 18.78 4.63
C ILE C 150 25.45 19.38 5.11
N THR C 151 26.09 18.70 6.06
CA THR C 151 27.41 19.10 6.56
C THR C 151 28.41 18.00 6.29
N VAL C 152 29.64 18.39 5.98
CA VAL C 152 30.72 17.45 5.73
C VAL C 152 31.60 17.26 6.97
N GLN C 153 31.09 17.59 8.15
CA GLN C 153 31.85 17.46 9.38
C GLN C 153 30.96 16.86 10.46
N ASN C 154 31.56 16.04 11.32
CA ASN C 154 30.83 15.43 12.43
C ASN C 154 31.82 15.04 13.51
N TYR C 155 31.60 15.56 14.73
CA TYR C 155 32.49 15.31 15.87
C TYR C 155 33.92 15.72 15.58
N GLY C 156 34.08 16.91 14.97
CA GLY C 156 35.39 17.44 14.66
C GLY C 156 36.14 16.72 13.55
N SER C 157 35.55 15.69 12.96
CA SER C 157 36.17 14.93 11.89
C SER C 157 35.43 15.17 10.58
N HIS C 158 36.18 15.18 9.49
CA HIS C 158 35.62 15.37 8.15
C HIS C 158 35.12 14.03 7.63
N VAL C 159 33.84 13.96 7.27
CA VAL C 159 33.26 12.72 6.76
C VAL C 159 33.74 12.51 5.33
N PRO C 160 34.08 11.29 4.94
CA PRO C 160 34.59 11.04 3.59
C PRO C 160 33.50 11.27 2.56
N PRO C 161 33.87 11.51 1.30
CA PRO C 161 32.85 11.67 0.26
C PRO C 161 31.96 10.45 0.07
N LYS C 162 32.42 9.25 0.44
CA LYS C 162 31.58 8.08 0.33
C LYS C 162 30.36 8.19 1.24
N VAL C 163 30.54 8.76 2.43
CA VAL C 163 29.41 8.97 3.33
C VAL C 163 28.71 10.31 3.05
N SER C 164 29.47 11.32 2.63
CA SER C 164 28.87 12.62 2.33
C SER C 164 27.93 12.55 1.13
N HIS C 165 28.16 11.60 0.22
CA HIS C 165 27.25 11.43 -0.91
C HIS C 165 25.99 10.67 -0.49
N ILE C 166 26.13 9.68 0.39
CA ILE C 166 24.95 8.98 0.90
C ILE C 166 24.14 9.91 1.80
N THR C 167 24.81 10.77 2.56
CA THR C 167 24.09 11.73 3.39
C THR C 167 23.30 12.71 2.52
N PHE C 168 23.93 13.21 1.45
CA PHE C 168 23.21 14.03 0.48
C PHE C 168 22.00 13.29 -0.06
N ALA C 169 22.21 12.04 -0.51
CA ALA C 169 21.11 11.24 -1.04
C ALA C 169 20.06 10.97 0.02
N HIS C 170 20.46 10.94 1.29
CA HIS C 170 19.50 10.66 2.36
C HIS C 170 18.56 11.82 2.59
N GLU C 171 19.07 13.06 2.49
CA GLU C 171 18.21 14.22 2.70
C GLU C 171 17.28 14.44 1.52
N VAL C 172 17.80 14.32 0.29
CA VAL C 172 16.94 14.40 -0.89
C VAL C 172 15.92 13.28 -0.88
N GLY C 173 16.24 12.14 -0.24
CA GLY C 173 15.25 11.10 -0.07
C GLY C 173 14.05 11.56 0.74
N HIS C 174 14.30 12.38 1.76
CA HIS C 174 13.20 12.96 2.53
C HIS C 174 12.39 13.94 1.70
N ASN C 175 13.07 14.77 0.90
CA ASN C 175 12.35 15.70 0.04
C ASN C 175 11.48 14.98 -0.98
N PHE C 176 11.88 13.78 -1.39
CA PHE C 176 11.13 12.96 -2.31
C PHE C 176 10.04 12.14 -1.63
N GLY C 177 9.80 12.36 -0.35
CA GLY C 177 8.68 11.75 0.34
C GLY C 177 8.98 10.45 1.06
N SER C 178 10.24 10.14 1.31
CA SER C 178 10.54 8.89 1.97
C SER C 178 10.81 9.13 3.45
N PRO C 179 10.17 8.37 4.34
CA PRO C 179 10.57 8.39 5.74
C PRO C 179 11.76 7.49 6.01
N HIS C 180 12.07 7.24 7.27
CA HIS C 180 13.16 6.36 7.64
C HIS C 180 12.74 4.90 7.50
N ASP C 181 13.72 4.04 7.22
CA ASP C 181 13.46 2.62 7.08
C ASP C 181 13.17 1.98 8.43
N SER C 182 12.20 1.07 8.46
CA SER C 182 11.87 0.30 9.64
C SER C 182 11.51 -1.11 9.23
N GLY C 183 11.64 -2.04 10.17
CA GLY C 183 11.34 -3.44 9.89
C GLY C 183 12.50 -4.16 9.24
N THR C 184 12.59 -5.48 9.47
CA THR C 184 13.70 -6.26 8.92
C THR C 184 13.64 -6.31 7.40
N GLU C 185 12.44 -6.16 6.81
CA GLU C 185 12.32 -6.16 5.36
C GLU C 185 13.09 -5.01 4.74
N CYS C 186 13.06 -3.84 5.37
CA CYS C 186 13.73 -2.65 4.86
C CYS C 186 14.93 -2.25 5.72
N THR C 187 15.47 -3.17 6.52
CA THR C 187 16.64 -2.91 7.35
C THR C 187 17.44 -4.21 7.47
N PRO C 188 18.30 -4.49 6.50
CA PRO C 188 19.05 -5.77 6.53
C PRO C 188 20.11 -5.82 7.60
N GLY C 189 20.60 -4.68 8.09
CA GLY C 189 21.61 -4.70 9.13
C GLY C 189 21.13 -5.21 10.47
N GLU C 190 19.81 -5.27 10.66
CA GLU C 190 19.23 -5.72 11.92
C GLU C 190 18.92 -7.21 11.94
N SER C 191 18.96 -7.89 10.78
CA SER C 191 18.68 -9.31 10.74
C SER C 191 19.67 -10.08 11.59
N LYS C 192 19.16 -11.04 12.37
CA LYS C 192 20.02 -11.81 13.27
C LYS C 192 20.96 -12.73 12.51
N ASN C 193 20.66 -13.06 11.25
CA ASN C 193 21.48 -13.95 10.47
C ASN C 193 22.48 -13.17 9.64
N LEU C 194 23.71 -13.68 9.55
CA LEU C 194 24.80 -13.00 8.85
C LEU C 194 24.58 -12.96 7.33
N GLY C 195 23.60 -13.68 6.81
CA GLY C 195 23.34 -13.74 5.38
C GLY C 195 23.19 -12.39 4.71
N GLN C 196 22.23 -11.59 5.19
CA GLN C 196 21.99 -10.26 4.63
C GLN C 196 22.46 -9.14 5.56
N LYS C 197 23.14 -9.47 6.66
CA LYS C 197 23.63 -8.45 7.57
C LYS C 197 24.89 -7.78 7.05
N GLU C 198 25.75 -8.52 6.33
CA GLU C 198 26.96 -7.92 5.77
C GLU C 198 26.65 -6.87 4.71
N ASN C 199 25.49 -6.96 4.05
CA ASN C 199 25.13 -5.97 3.05
C ASN C 199 24.67 -4.66 3.66
N GLY C 200 24.35 -4.65 4.94
CA GLY C 200 24.06 -3.41 5.65
C GLY C 200 22.70 -2.82 5.31
N ASN C 201 22.46 -1.64 5.89
CA ASN C 201 21.18 -0.95 5.75
C ASN C 201 21.14 -0.18 4.45
N TYR C 202 20.01 0.46 4.19
CA TYR C 202 19.79 1.21 2.96
C TYR C 202 20.04 2.70 3.19
N ILE C 203 19.69 3.51 2.20
CA ILE C 203 19.98 4.94 2.24
C ILE C 203 19.19 5.62 3.36
N MET C 204 17.89 5.34 3.43
CA MET C 204 17.03 6.02 4.39
C MET C 204 17.10 5.38 5.76
N TYR C 205 18.25 4.83 6.13
CA TYR C 205 18.43 4.31 7.48
C TYR C 205 18.58 5.46 8.46
N ALA C 206 17.95 5.32 9.62
CA ALA C 206 17.85 6.42 10.57
C ALA C 206 19.18 6.81 11.20
N ARG C 207 20.16 5.90 11.20
CA ARG C 207 21.42 6.20 11.88
C ARG C 207 22.60 6.25 10.90
N ALA C 208 23.77 5.82 11.34
CA ALA C 208 24.99 5.99 10.57
C ALA C 208 25.22 4.84 9.60
N THR C 209 25.95 5.14 8.53
CA THR C 209 26.35 4.14 7.53
C THR C 209 27.79 4.42 7.13
N SER C 210 28.62 3.37 7.14
CA SER C 210 30.00 3.52 6.69
C SER C 210 30.10 3.70 5.18
N GLY C 211 29.08 3.28 4.43
CA GLY C 211 29.11 3.34 2.98
C GLY C 211 29.87 2.22 2.31
N ASP C 212 30.61 1.40 3.07
CA ASP C 212 31.39 0.32 2.48
C ASP C 212 30.52 -0.87 2.07
N LYS C 213 29.30 -0.96 2.56
CA LYS C 213 28.45 -2.12 2.33
C LYS C 213 27.59 -1.92 1.07
N LEU C 214 26.92 -3.00 0.68
CA LEU C 214 26.29 -3.02 -0.65
C LEU C 214 24.97 -2.28 -0.68
N ASN C 215 24.14 -2.41 0.37
CA ASN C 215 22.83 -1.77 0.38
C ASN C 215 22.88 -0.28 0.66
N ASN C 216 24.04 0.25 1.07
CA ASN C 216 24.13 1.67 1.42
C ASN C 216 23.91 2.57 0.20
N ASN C 217 24.12 2.05 -1.00
CA ASN C 217 24.00 2.85 -2.22
C ASN C 217 22.56 3.00 -2.69
N LYS C 218 21.65 2.16 -2.23
CA LYS C 218 20.34 2.04 -2.86
C LYS C 218 19.22 2.15 -1.83
N PHE C 219 18.01 2.38 -2.33
CA PHE C 219 16.83 2.49 -1.50
C PHE C 219 16.22 1.12 -1.24
N SER C 220 15.53 1.00 -0.11
CA SER C 220 14.79 -0.21 0.22
C SER C 220 13.45 -0.20 -0.50
N LEU C 221 12.68 -1.26 -0.31
CA LEU C 221 11.33 -1.29 -0.89
C LEU C 221 10.44 -0.24 -0.24
N CYS C 222 10.60 -0.02 1.07
CA CYS C 222 9.79 0.97 1.76
C CYS C 222 9.99 2.35 1.17
N SER C 223 11.23 2.70 0.81
CA SER C 223 11.50 4.04 0.29
C SER C 223 10.99 4.19 -1.15
N ILE C 224 11.12 3.14 -1.96
CA ILE C 224 10.63 3.23 -3.34
C ILE C 224 9.12 3.32 -3.37
N ARG C 225 8.43 2.65 -2.42
CA ARG C 225 6.99 2.79 -2.31
C ARG C 225 6.59 4.24 -2.10
N GLN C 226 7.24 4.92 -1.16
CA GLN C 226 6.83 6.26 -0.79
C GLN C 226 7.23 7.29 -1.84
N ILE C 227 8.46 7.21 -2.35
CA ILE C 227 8.92 8.17 -3.35
C ILE C 227 8.08 8.07 -4.62
N SER C 228 7.59 6.86 -4.94
CA SER C 228 6.76 6.70 -6.13
C SER C 228 5.46 7.49 -6.03
N GLN C 229 4.88 7.53 -4.82
CA GLN C 229 3.62 8.26 -4.64
C GLN C 229 3.82 9.77 -4.78
N VAL C 230 4.95 10.28 -4.26
CA VAL C 230 5.20 11.71 -4.36
C VAL C 230 5.53 12.11 -5.80
N LEU C 231 6.29 11.27 -6.50
CA LEU C 231 6.61 11.55 -7.90
C LEU C 231 5.39 11.47 -8.81
N GLU C 232 4.27 10.96 -8.34
CA GLU C 232 3.04 10.93 -9.14
C GLU C 232 2.12 12.12 -8.88
N LYS C 233 2.22 12.74 -7.71
CA LYS C 233 1.32 13.83 -7.34
C LYS C 233 2.00 15.17 -7.17
N LYS C 234 3.34 15.21 -7.16
CA LYS C 234 4.06 16.46 -6.97
C LYS C 234 5.08 16.75 -8.06
N ARG C 235 5.44 15.78 -8.89
CA ARG C 235 6.56 15.93 -9.82
C ARG C 235 6.25 16.94 -10.92
N ASN C 236 5.09 16.81 -11.56
CA ASN C 236 4.79 17.62 -12.73
C ASN C 236 4.62 19.11 -12.42
N ASN C 237 4.71 19.51 -11.14
CA ASN C 237 4.56 20.93 -10.81
C ASN C 237 5.82 21.72 -11.18
N CYS C 238 7.00 21.15 -10.96
CA CYS C 238 8.24 21.88 -11.19
C CYS C 238 9.34 21.07 -11.85
N PHE C 239 9.16 19.78 -12.11
CA PHE C 239 10.14 19.03 -12.87
C PHE C 239 10.20 19.52 -14.30
N VAL C 240 11.35 19.29 -14.95
CA VAL C 240 11.59 19.74 -16.31
C VAL C 240 11.98 18.56 -17.17
N GLU C 241 12.01 18.79 -18.48
CA GLU C 241 12.37 17.74 -19.44
C GLU C 241 13.86 17.43 -19.35
N SER C 242 14.18 16.14 -19.45
CA SER C 242 15.57 15.72 -19.38
C SER C 242 16.28 15.98 -20.70
N GLY C 243 17.62 16.02 -20.63
CA GLY C 243 18.43 16.20 -21.81
C GLY C 243 18.68 17.63 -22.23
N GLN C 244 18.28 18.61 -21.43
CA GLN C 244 18.48 20.02 -21.73
C GLN C 244 19.40 20.61 -20.68
N PRO C 245 20.72 20.54 -20.88
CA PRO C 245 21.64 21.12 -19.90
C PRO C 245 21.60 22.63 -19.89
N ILE C 246 21.84 23.20 -18.72
CA ILE C 246 21.86 24.64 -18.50
C ILE C 246 23.30 25.08 -18.33
N CYS C 247 23.65 26.21 -18.94
CA CYS C 247 24.95 26.82 -18.72
C CYS C 247 24.81 28.00 -17.75
N GLY C 248 25.90 28.27 -17.03
CA GLY C 248 25.89 29.25 -15.97
C GLY C 248 25.95 28.65 -14.58
N ASN C 249 25.98 27.33 -14.47
CA ASN C 249 26.10 26.64 -13.19
C ASN C 249 27.52 26.20 -12.89
N GLY C 250 28.49 26.64 -13.68
CA GLY C 250 29.88 26.29 -13.44
C GLY C 250 30.20 24.83 -13.62
N MET C 251 29.43 24.11 -14.43
CA MET C 251 29.63 22.68 -14.61
C MET C 251 29.52 22.34 -16.08
N VAL C 252 30.59 21.76 -16.63
CA VAL C 252 30.65 21.43 -18.06
C VAL C 252 29.85 20.16 -18.31
N GLU C 253 28.90 20.22 -19.24
CA GLU C 253 28.07 19.07 -19.57
C GLU C 253 28.06 18.84 -21.07
N GLN C 254 27.12 18.02 -21.56
CA GLN C 254 27.04 17.74 -22.98
C GLN C 254 26.65 19.00 -23.75
N GLY C 255 27.15 19.11 -24.98
CA GLY C 255 26.91 20.28 -25.80
C GLY C 255 27.62 21.53 -25.36
N GLU C 256 28.44 21.47 -24.31
CA GLU C 256 29.17 22.62 -23.80
C GLU C 256 30.65 22.26 -23.69
N GLU C 257 31.51 23.23 -24.03
CA GLU C 257 32.95 23.04 -23.90
C GLU C 257 33.48 23.58 -22.58
N CYS C 258 32.81 24.58 -22.00
CA CYS C 258 33.24 25.20 -20.76
C CYS C 258 32.01 25.62 -19.96
N ASP C 259 32.25 26.14 -18.76
CA ASP C 259 31.19 26.70 -17.94
C ASP C 259 31.75 27.47 -16.76
N CYS C 260 31.94 28.78 -16.93
CA CYS C 260 32.43 29.64 -15.85
C CYS C 260 31.31 30.13 -14.95
N GLY C 261 30.09 30.26 -15.49
CA GLY C 261 28.95 30.78 -14.77
C GLY C 261 28.32 31.91 -15.56
N TYR C 262 27.54 32.73 -14.86
CA TYR C 262 26.92 33.89 -15.49
C TYR C 262 27.89 35.07 -15.51
N SER C 263 27.44 36.18 -16.10
CA SER C 263 28.33 37.32 -16.32
C SER C 263 28.86 37.91 -15.02
N ASP C 264 28.14 37.74 -13.91
CA ASP C 264 28.57 38.32 -12.64
C ASP C 264 29.59 37.46 -11.92
N GLN C 265 29.77 36.20 -12.32
CA GLN C 265 30.68 35.29 -11.63
C GLN C 265 31.61 34.57 -12.60
N CYS C 266 31.86 35.17 -13.77
CA CYS C 266 32.72 34.56 -14.78
C CYS C 266 34.01 35.38 -14.88
N LYS C 267 34.90 35.16 -13.92
CA LYS C 267 36.25 35.72 -13.99
C LYS C 267 37.15 34.93 -14.93
N ASP C 268 36.64 33.87 -15.55
CA ASP C 268 37.42 33.07 -16.48
C ASP C 268 37.66 33.86 -17.77
N GLU C 269 38.93 34.15 -18.06
CA GLU C 269 39.29 34.87 -19.26
C GLU C 269 39.43 33.96 -20.49
N CYS C 270 39.24 32.65 -20.32
CA CYS C 270 39.41 31.69 -21.40
C CYS C 270 38.13 31.39 -22.15
N CYS C 271 36.97 31.78 -21.61
CA CYS C 271 35.71 31.33 -22.17
C CYS C 271 34.65 32.40 -21.99
N PHE C 272 33.61 32.32 -22.81
CA PHE C 272 32.49 33.24 -22.73
C PHE C 272 31.54 32.84 -21.61
N ASP C 273 30.94 33.85 -20.99
CA ASP C 273 29.98 33.60 -19.91
C ASP C 273 28.62 33.22 -20.49
N ALA C 274 27.65 33.02 -19.60
CA ALA C 274 26.32 32.56 -19.99
C ALA C 274 25.41 33.69 -20.45
N ASN C 275 25.94 34.89 -20.69
CA ASN C 275 25.15 36.02 -21.16
C ASN C 275 25.45 36.38 -22.61
N GLN C 276 26.18 35.53 -23.33
CA GLN C 276 26.54 35.77 -24.71
C GLN C 276 25.49 35.16 -25.64
N PRO C 277 25.45 35.59 -26.91
CA PRO C 277 24.51 34.98 -27.86
C PRO C 277 24.71 33.48 -27.97
N GLU C 278 23.62 32.78 -28.26
CA GLU C 278 23.58 31.32 -28.17
C GLU C 278 24.62 30.66 -29.08
N GLY C 279 25.06 31.34 -30.12
CA GLY C 279 26.08 30.79 -31.00
C GLY C 279 27.39 30.57 -30.27
N ARG C 280 27.93 31.64 -29.67
CA ARG C 280 29.18 31.59 -28.94
C ARG C 280 28.98 31.50 -27.43
N LYS C 281 27.79 31.12 -26.99
CA LYS C 281 27.47 31.07 -25.57
C LYS C 281 28.08 29.83 -24.94
N CYS C 282 28.93 30.02 -23.94
CA CYS C 282 29.54 28.94 -23.17
C CYS C 282 30.39 28.01 -24.05
N LYS C 283 31.01 28.59 -25.08
CA LYS C 283 31.95 27.88 -25.92
C LYS C 283 33.31 28.57 -25.83
N LEU C 284 34.37 27.78 -26.03
CA LEU C 284 35.72 28.29 -25.87
C LEU C 284 35.98 29.44 -26.85
N LYS C 285 36.76 30.42 -26.39
CA LYS C 285 37.16 31.52 -27.23
C LYS C 285 38.13 31.04 -28.31
N PRO C 286 38.25 31.80 -29.42
CA PRO C 286 38.95 31.24 -30.60
C PRO C 286 40.38 30.79 -30.32
N GLY C 287 41.18 31.60 -29.65
CA GLY C 287 42.57 31.25 -29.44
C GLY C 287 42.89 30.67 -28.08
N LYS C 288 41.95 29.92 -27.52
CA LYS C 288 42.12 29.33 -26.19
C LYS C 288 42.05 27.80 -26.30
N GLN C 289 42.96 27.13 -25.59
CA GLN C 289 43.08 25.68 -25.67
C GLN C 289 42.14 24.97 -24.70
N CYS C 290 42.00 25.48 -23.49
CA CYS C 290 41.12 24.89 -22.49
C CYS C 290 40.54 26.00 -21.63
N SER C 291 39.92 25.62 -20.51
CA SER C 291 39.33 26.54 -19.56
C SER C 291 39.50 25.95 -18.17
N PRO C 292 39.85 26.76 -17.18
CA PRO C 292 40.01 26.22 -15.82
C PRO C 292 38.77 25.54 -15.27
N SER C 293 37.60 25.78 -15.86
CA SER C 293 36.39 25.11 -15.43
C SER C 293 36.30 23.67 -15.92
N GLN C 294 37.07 23.32 -16.97
CA GLN C 294 37.04 21.95 -17.47
C GLN C 294 37.73 21.00 -16.50
N GLY C 295 38.81 21.43 -15.86
CA GLY C 295 39.53 20.60 -14.93
C GLY C 295 40.60 21.37 -14.18
N PRO C 296 41.19 20.74 -13.15
CA PRO C 296 42.22 21.42 -12.36
C PRO C 296 43.59 21.47 -13.02
N CYS C 297 43.76 20.93 -14.21
CA CYS C 297 45.02 20.97 -14.92
C CYS C 297 44.92 21.79 -16.21
N CYS C 298 44.24 22.93 -16.13
CA CYS C 298 44.21 23.91 -17.20
C CYS C 298 44.53 25.27 -16.59
N THR C 299 45.56 25.93 -17.12
CA THR C 299 45.99 27.20 -16.56
C THR C 299 44.96 28.30 -16.85
N ALA C 300 45.01 29.35 -16.04
CA ALA C 300 44.18 30.52 -16.29
C ALA C 300 44.58 31.22 -17.58
N GLN C 301 45.78 30.97 -18.09
CA GLN C 301 46.22 31.48 -19.37
C GLN C 301 45.80 30.57 -20.53
N CYS C 302 44.85 29.66 -20.28
CA CYS C 302 44.22 28.83 -21.31
C CYS C 302 45.25 27.92 -22.00
N ALA C 303 45.82 27.02 -21.20
CA ALA C 303 46.78 26.05 -21.68
C ALA C 303 46.86 24.90 -20.68
N PHE C 304 47.04 23.68 -21.17
CA PHE C 304 47.12 22.53 -20.30
C PHE C 304 48.38 22.58 -19.44
N LYS C 305 48.28 22.06 -18.22
CA LYS C 305 49.43 21.97 -17.34
C LYS C 305 50.31 20.79 -17.75
N SER C 306 51.62 20.98 -17.63
CA SER C 306 52.58 20.01 -18.14
C SER C 306 52.57 18.73 -17.30
N LYS C 307 53.35 17.76 -17.77
CA LYS C 307 53.49 16.49 -17.07
C LYS C 307 54.23 16.69 -15.75
N SER C 308 54.01 15.75 -14.83
CA SER C 308 54.62 15.76 -13.50
C SER C 308 54.22 17.02 -12.74
N GLU C 309 52.98 17.45 -12.91
CA GLU C 309 52.41 18.59 -12.20
C GLU C 309 51.23 18.10 -11.36
N LYS C 310 51.11 18.64 -10.16
CA LYS C 310 50.16 18.12 -9.18
C LYS C 310 48.73 18.52 -9.53
N CYS C 311 47.82 17.57 -9.41
CA CYS C 311 46.39 17.80 -9.53
C CYS C 311 45.62 17.45 -8.27
N ARG C 312 45.98 16.34 -7.61
CA ARG C 312 45.39 15.96 -6.34
C ARG C 312 46.49 15.66 -5.34
N ASP C 313 46.15 15.71 -4.06
CA ASP C 313 47.11 15.49 -2.98
C ASP C 313 47.19 14.02 -2.62
N ASP C 314 48.27 13.68 -1.91
CA ASP C 314 48.51 12.31 -1.47
C ASP C 314 47.51 11.96 -0.37
N SER C 315 46.61 11.03 -0.65
CA SER C 315 45.58 10.63 0.31
C SER C 315 46.16 9.57 1.25
N ASP C 316 45.28 8.97 2.07
CA ASP C 316 45.72 7.89 2.95
C ASP C 316 46.24 6.70 2.15
N CYS C 317 45.56 6.36 1.06
CA CYS C 317 46.06 5.37 0.11
C CYS C 317 45.57 5.75 -1.29
N ALA C 318 46.21 6.78 -1.84
CA ALA C 318 45.99 7.20 -3.22
C ALA C 318 47.16 8.08 -3.61
N ARG C 319 47.94 7.65 -4.60
CA ARG C 319 49.12 8.40 -5.02
C ARG C 319 48.73 9.79 -5.51
N GLU C 320 49.69 10.71 -5.44
CA GLU C 320 49.43 12.09 -5.83
C GLU C 320 49.04 12.17 -7.30
N GLY C 321 47.90 12.81 -7.57
CA GLY C 321 47.39 12.91 -8.92
C GLY C 321 48.23 13.79 -9.82
N ILE C 322 49.05 13.16 -10.65
CA ILE C 322 49.85 13.86 -11.65
C ILE C 322 49.11 13.79 -12.99
N CYS C 323 48.92 14.93 -13.63
CA CYS C 323 48.21 14.98 -14.89
C CYS C 323 49.17 15.06 -16.07
N ASN C 324 48.64 14.77 -17.26
CA ASN C 324 49.43 14.55 -18.45
C ASN C 324 49.87 15.85 -19.10
N GLY C 325 49.00 16.50 -19.86
CA GLY C 325 49.35 17.71 -20.56
C GLY C 325 48.66 17.87 -21.89
N PHE C 326 47.63 17.05 -22.13
CA PHE C 326 46.82 17.18 -23.34
C PHE C 326 45.32 17.26 -23.06
N THR C 327 44.92 17.30 -21.80
CA THR C 327 43.51 17.43 -21.43
C THR C 327 43.41 18.12 -20.08
N ALA C 328 42.40 18.98 -19.94
CA ALA C 328 42.20 19.71 -18.69
C ALA C 328 41.77 18.79 -17.55
N LEU C 329 41.19 17.63 -17.88
CA LEU C 329 40.84 16.66 -16.85
C LEU C 329 42.11 16.12 -16.18
N CYS C 330 41.91 15.44 -15.06
CA CYS C 330 43.01 14.87 -14.31
C CYS C 330 42.86 13.35 -14.24
N PRO C 331 43.92 12.60 -14.53
CA PRO C 331 43.82 11.13 -14.51
C PRO C 331 43.51 10.62 -13.10
N ALA C 332 43.11 9.35 -13.06
CA ALA C 332 42.82 8.71 -11.78
C ALA C 332 44.11 8.47 -11.01
N SER C 333 44.03 8.61 -9.69
CA SER C 333 45.19 8.41 -8.83
C SER C 333 45.47 6.92 -8.67
N ASP C 334 46.74 6.56 -8.77
CA ASP C 334 47.16 5.18 -8.61
C ASP C 334 46.97 4.73 -7.16
N PRO C 335 46.18 3.69 -6.89
CA PRO C 335 45.99 3.24 -5.51
C PRO C 335 47.31 2.77 -4.89
N LYS C 336 47.41 2.94 -3.59
CA LYS C 336 48.57 2.48 -2.84
C LYS C 336 48.47 0.99 -2.58
N PRO C 337 49.57 0.34 -2.17
CA PRO C 337 49.53 -1.10 -1.91
C PRO C 337 48.42 -1.49 -0.94
N GLN C 338 47.93 -2.71 -1.10
CA GLN C 338 46.79 -3.19 -0.32
C GLN C 338 47.14 -3.27 1.17
N PHE C 339 46.09 -3.19 1.99
CA PHE C 339 46.21 -3.32 3.45
C PHE C 339 47.14 -2.29 4.04
N THR C 340 47.21 -1.11 3.43
CA THR C 340 47.93 0.01 4.02
C THR C 340 47.09 0.62 5.14
N ASP C 341 47.74 0.90 6.26
CA ASP C 341 47.03 1.49 7.39
C ASP C 341 46.57 2.91 7.05
N CYS C 342 45.27 3.16 7.25
CA CYS C 342 44.66 4.44 6.92
C CYS C 342 43.74 4.86 8.06
N ASN C 343 43.31 6.12 8.01
CA ASN C 343 42.37 6.68 8.99
C ASN C 343 42.93 6.58 10.40
N ARG C 344 44.15 7.10 10.58
CA ARG C 344 44.84 7.11 11.88
C ARG C 344 45.01 5.69 12.43
N HIS C 345 45.51 4.80 11.58
CA HIS C 345 45.84 3.42 11.97
C HIS C 345 44.61 2.67 12.48
N THR C 346 43.46 2.94 11.86
CA THR C 346 42.20 2.29 12.24
C THR C 346 41.74 1.27 11.22
N GLN C 347 41.75 1.61 9.94
CA GLN C 347 41.26 0.74 8.88
C GLN C 347 42.37 0.44 7.88
N VAL C 348 42.08 -0.45 6.94
CA VAL C 348 43.01 -0.79 5.88
C VAL C 348 42.46 -0.28 4.55
N CYS C 349 43.15 -0.60 3.46
CA CYS C 349 42.81 -0.11 2.14
C CYS C 349 42.49 -1.28 1.22
N ILE C 350 41.39 -1.17 0.49
CA ILE C 350 40.98 -2.18 -0.47
C ILE C 350 40.83 -1.48 -1.82
N ASN C 351 41.86 -1.57 -2.65
CA ASN C 351 41.89 -0.96 -3.98
C ASN C 351 41.65 0.55 -3.90
N GLY C 352 42.51 1.21 -3.13
CA GLY C 352 42.45 2.66 -3.03
C GLY C 352 41.28 3.21 -2.28
N GLN C 353 40.66 2.44 -1.40
CA GLN C 353 39.55 2.89 -0.58
C GLN C 353 39.79 2.46 0.85
N CYS C 354 39.76 3.40 1.79
CA CYS C 354 39.97 3.10 3.20
C CYS C 354 38.70 2.49 3.76
N ALA C 355 38.78 1.21 4.12
CA ALA C 355 37.61 0.48 4.63
C ALA C 355 38.10 -0.69 5.47
N GLY C 356 37.15 -1.36 6.10
CA GLY C 356 37.46 -2.53 6.91
C GLY C 356 38.04 -2.20 8.26
N SER C 357 38.98 -3.01 8.74
CA SER C 357 39.59 -2.84 10.05
C SER C 357 41.09 -3.06 9.94
N ILE C 358 41.82 -2.55 10.93
CA ILE C 358 43.27 -2.72 10.97
C ILE C 358 43.65 -4.17 11.21
N CYS C 359 42.73 -5.00 11.72
CA CYS C 359 43.03 -6.41 11.92
C CYS C 359 43.33 -7.11 10.60
N GLU C 360 42.70 -6.65 9.50
CA GLU C 360 42.88 -7.29 8.20
C GLU C 360 44.31 -7.15 7.69
N LYS C 361 45.06 -6.15 8.17
CA LYS C 361 46.44 -5.98 7.73
C LYS C 361 47.34 -7.09 8.25
N TYR C 362 46.97 -7.72 9.38
CA TYR C 362 47.75 -8.79 9.97
C TYR C 362 47.03 -10.13 9.92
N GLY C 363 46.12 -10.28 8.97
CA GLY C 363 45.41 -11.54 8.81
C GLY C 363 44.47 -11.88 9.95
N LEU C 364 43.92 -10.87 10.61
CA LEU C 364 43.00 -11.06 11.72
C LEU C 364 41.65 -10.46 11.38
N GLU C 365 40.65 -10.76 12.21
CA GLU C 365 39.30 -10.26 12.03
C GLU C 365 38.90 -9.35 13.18
N GLU C 366 38.11 -8.33 12.87
CA GLU C 366 37.65 -7.40 13.89
C GLU C 366 36.57 -8.04 14.75
N CYS C 367 36.74 -7.94 16.07
CA CYS C 367 35.78 -8.46 17.03
C CYS C 367 35.45 -7.36 18.04
N THR C 368 34.37 -7.58 18.78
CA THR C 368 33.92 -6.59 19.74
C THR C 368 34.88 -6.50 20.92
N CYS C 369 35.24 -5.28 21.30
CA CYS C 369 36.21 -5.02 22.37
C CYS C 369 35.56 -4.97 23.74
N ALA C 370 34.59 -5.83 24.01
CA ALA C 370 33.91 -5.85 25.30
C ALA C 370 34.74 -6.54 26.36
N ASP C 377 30.05 3.44 27.88
CA ASP C 377 30.62 2.10 27.78
C ASP C 377 32.13 2.18 27.57
N LYS C 378 32.54 3.12 26.71
CA LYS C 378 33.95 3.47 26.48
C LYS C 378 34.75 2.35 25.82
N GLU C 379 34.14 1.18 25.61
CA GLU C 379 34.82 0.07 24.98
C GLU C 379 34.32 -0.24 23.57
N LEU C 380 33.27 0.45 23.11
CA LEU C 380 32.80 0.28 21.74
C LEU C 380 33.59 1.10 20.74
N CYS C 381 34.52 1.94 21.19
CA CYS C 381 35.36 2.73 20.31
C CYS C 381 36.82 2.25 20.35
N HIS C 382 37.06 1.05 20.86
CA HIS C 382 38.36 0.41 20.81
C HIS C 382 38.39 -0.64 19.71
N VAL C 383 39.59 -1.06 19.34
CA VAL C 383 39.80 -2.03 18.27
C VAL C 383 40.28 -3.33 18.89
N CYS C 384 39.55 -4.41 18.60
CA CYS C 384 39.90 -5.76 19.03
C CYS C 384 40.08 -6.65 17.82
N CYS C 385 41.07 -7.53 17.87
CA CYS C 385 41.38 -8.45 16.78
C CYS C 385 41.31 -9.89 17.26
N MET C 386 40.81 -10.77 16.40
CA MET C 386 40.73 -12.20 16.68
C MET C 386 41.27 -12.98 15.49
N LYS C 387 41.56 -14.26 15.75
CA LYS C 387 42.17 -15.12 14.75
C LYS C 387 41.10 -15.89 14.00
N LYS C 388 41.17 -15.87 12.66
CA LYS C 388 40.23 -16.57 11.78
C LYS C 388 38.82 -16.07 12.12
N MET C 389 37.85 -16.96 12.37
CA MET C 389 36.49 -16.54 12.73
C MET C 389 36.08 -17.04 14.10
N ASP C 390 37.01 -17.48 14.93
CA ASP C 390 36.68 -17.96 16.27
C ASP C 390 36.74 -16.81 17.27
N PRO C 391 35.64 -16.47 17.94
CA PRO C 391 35.68 -15.36 18.91
C PRO C 391 36.40 -15.70 20.20
N SER C 392 36.90 -16.92 20.36
CA SER C 392 37.54 -17.32 21.62
C SER C 392 38.86 -16.61 21.85
N THR C 393 39.47 -16.05 20.81
CA THR C 393 40.76 -15.36 20.93
C THR C 393 40.63 -13.86 20.66
N CYS C 394 39.50 -13.25 21.04
CA CYS C 394 39.31 -11.83 20.83
C CYS C 394 40.01 -11.05 21.94
N ALA C 395 40.98 -10.23 21.56
CA ALA C 395 41.74 -9.43 22.51
C ALA C 395 42.04 -8.07 21.90
N SER C 396 42.36 -7.12 22.76
CA SER C 396 42.67 -5.76 22.32
C SER C 396 43.98 -5.72 21.56
N THR C 397 44.17 -4.61 20.83
CA THR C 397 45.39 -4.46 20.03
C THR C 397 46.61 -4.28 20.92
N GLY C 398 46.55 -3.33 21.86
CA GLY C 398 47.67 -3.08 22.74
C GLY C 398 47.70 -4.00 23.94
N SER C 399 47.69 -5.31 23.69
CA SER C 399 47.71 -6.31 24.74
C SER C 399 48.92 -7.23 24.55
N VAL C 400 48.99 -8.27 25.38
CA VAL C 400 50.11 -9.21 25.30
C VAL C 400 49.87 -10.26 24.21
N GLN C 401 48.60 -10.55 23.90
CA GLN C 401 48.30 -11.57 22.91
C GLN C 401 48.66 -11.11 21.51
N TRP C 402 48.08 -9.98 21.07
CA TRP C 402 48.36 -9.42 19.75
C TRP C 402 49.52 -8.43 19.78
N SER C 403 50.58 -8.73 20.54
CA SER C 403 51.74 -7.85 20.63
C SER C 403 52.76 -8.12 19.54
N ARG C 404 52.57 -9.16 18.72
CA ARG C 404 53.50 -9.42 17.63
C ARG C 404 53.46 -8.32 16.58
N HIS C 405 52.29 -7.74 16.34
CA HIS C 405 52.10 -6.74 15.30
C HIS C 405 51.88 -5.35 15.86
N PHE C 406 50.99 -5.20 16.85
CA PHE C 406 50.70 -3.89 17.41
C PHE C 406 51.71 -3.47 18.48
N SER C 407 52.25 -4.44 19.22
CA SER C 407 53.29 -4.21 20.22
C SER C 407 52.84 -3.19 21.28
N GLY C 408 51.72 -3.49 21.92
CA GLY C 408 51.24 -2.68 23.01
C GLY C 408 50.74 -1.31 22.63
N ARG C 409 50.17 -1.16 21.43
CA ARG C 409 49.65 0.11 20.94
C ARG C 409 48.12 -0.02 20.84
N THR C 410 47.42 0.53 21.83
CA THR C 410 45.96 0.46 21.86
C THR C 410 45.37 1.36 20.78
N ILE C 411 44.71 0.76 19.80
CA ILE C 411 44.10 1.49 18.70
C ILE C 411 42.67 1.84 19.10
N THR C 412 42.34 3.14 19.03
CA THR C 412 41.02 3.63 19.36
C THR C 412 40.36 4.23 18.12
N LEU C 413 39.03 4.13 18.06
CA LEU C 413 38.29 4.59 16.90
C LEU C 413 38.34 6.11 16.78
N GLN C 414 38.46 6.60 15.54
CA GLN C 414 38.49 8.02 15.29
C GLN C 414 37.16 8.66 15.64
N PRO C 415 37.17 9.96 15.96
CA PRO C 415 35.91 10.66 16.21
C PRO C 415 35.01 10.63 14.98
N GLY C 416 33.73 10.31 15.21
CA GLY C 416 32.77 10.21 14.13
C GLY C 416 32.61 8.83 13.55
N SER C 417 33.38 7.84 14.01
CA SER C 417 33.23 6.49 13.51
C SER C 417 31.96 5.86 14.08
N PRO C 418 31.27 5.03 13.30
CA PRO C 418 30.05 4.38 13.82
C PRO C 418 30.40 3.30 14.84
N CYS C 419 29.65 3.30 15.94
CA CYS C 419 29.80 2.33 17.01
C CYS C 419 28.53 1.50 17.13
N ASN C 420 28.55 0.55 18.06
CA ASN C 420 27.45 -0.40 18.27
C ASN C 420 27.22 -1.11 16.94
N ASP C 421 25.98 -1.27 16.48
CA ASP C 421 25.71 -1.81 15.16
C ASP C 421 25.19 -0.67 14.28
N PHE C 422 26.09 0.28 14.00
CA PHE C 422 25.76 1.51 13.27
C PHE C 422 24.68 2.31 13.99
N ARG C 423 24.57 2.15 15.31
CA ARG C 423 23.56 2.82 16.10
C ARG C 423 24.04 4.12 16.74
N GLY C 424 25.27 4.52 16.45
CA GLY C 424 25.78 5.75 17.03
C GLY C 424 27.13 6.10 16.45
N TYR C 425 27.73 7.14 17.02
CA TYR C 425 29.07 7.59 16.63
C TYR C 425 29.97 7.63 17.86
N CYS C 426 31.27 7.56 17.60
CA CYS C 426 32.27 7.75 18.65
C CYS C 426 32.71 9.21 18.65
N ASP C 427 32.78 9.80 19.85
CA ASP C 427 33.18 11.18 19.99
C ASP C 427 34.62 11.26 20.48
N VAL C 428 35.07 12.47 20.82
CA VAL C 428 36.45 12.67 21.26
C VAL C 428 36.72 12.08 22.63
N PHE C 429 35.68 11.74 23.39
CA PHE C 429 35.82 11.18 24.73
C PHE C 429 35.54 9.68 24.75
N MET C 430 35.57 9.02 23.60
CA MET C 430 35.39 7.57 23.48
C MET C 430 34.00 7.12 23.93
N ARG C 431 33.02 8.00 23.82
CA ARG C 431 31.63 7.68 24.10
C ARG C 431 30.91 7.32 22.80
N CYS C 432 29.93 6.43 22.91
CA CYS C 432 29.10 6.04 21.78
C CYS C 432 27.73 6.72 21.94
N ARG C 433 27.54 7.81 21.21
CA ARG C 433 26.29 8.58 21.28
C ARG C 433 25.21 7.86 20.49
N LEU C 434 24.36 7.12 21.20
CA LEU C 434 23.23 6.44 20.56
C LEU C 434 22.26 7.48 20.00
N VAL C 435 22.11 7.47 18.68
CA VAL C 435 21.23 8.44 18.03
C VAL C 435 19.77 8.10 18.35
N ASP C 436 19.06 9.06 18.95
CA ASP C 436 17.64 8.90 19.27
C ASP C 436 17.00 10.28 19.09
N ALA C 437 16.57 10.57 17.87
CA ALA C 437 15.99 11.86 17.52
C ALA C 437 14.47 11.88 17.61
N ASP C 438 13.89 10.99 18.42
CA ASP C 438 12.44 10.96 18.56
C ASP C 438 11.97 12.19 19.33
N GLY C 439 10.88 12.79 18.85
CA GLY C 439 10.32 13.96 19.48
C GLY C 439 8.80 13.98 19.40
N PRO C 440 8.18 14.79 20.25
CA PRO C 440 6.71 14.89 20.23
C PRO C 440 6.21 15.50 18.93
N LEU C 441 4.98 15.15 18.57
CA LEU C 441 4.37 15.60 17.33
C LEU C 441 3.07 16.33 17.65
N GLY C 442 2.87 17.48 17.02
CA GLY C 442 1.68 18.29 17.25
C GLY C 442 0.45 17.75 16.54
N GLU D 5 -11.09 -8.07 26.09
CA GLU D 5 -11.43 -8.23 27.50
C GLU D 5 -10.74 -7.14 28.33
N LYS D 6 -9.42 -7.01 28.18
CA LYS D 6 -8.65 -5.95 28.82
C LYS D 6 -8.38 -4.88 27.78
N ASN D 7 -9.33 -3.96 27.62
CA ASN D 7 -9.27 -2.93 26.60
C ASN D 7 -9.73 -1.59 27.16
N THR D 8 -9.09 -1.14 28.24
CA THR D 8 -9.43 0.12 28.89
C THR D 8 -8.14 0.86 29.24
N CYS D 9 -7.94 2.02 28.64
CA CYS D 9 -6.79 2.87 28.93
C CYS D 9 -7.15 3.79 30.09
N GLN D 10 -6.56 3.53 31.25
CA GLN D 10 -6.78 4.40 32.41
C GLN D 10 -6.08 5.73 32.21
N LEU D 11 -6.79 6.82 32.49
CA LEU D 11 -6.30 8.16 32.23
C LEU D 11 -5.94 8.88 33.52
N TYR D 12 -5.25 10.01 33.35
CA TYR D 12 -4.91 10.91 34.45
C TYR D 12 -4.90 12.32 33.86
N ILE D 13 -5.96 13.08 34.14
CA ILE D 13 -6.16 14.39 33.55
C ILE D 13 -5.81 15.45 34.57
N GLN D 14 -4.92 16.36 34.20
CA GLN D 14 -4.52 17.49 35.02
C GLN D 14 -4.94 18.79 34.34
N THR D 15 -5.37 19.77 35.13
CA THR D 15 -5.71 21.09 34.63
C THR D 15 -4.95 22.13 35.44
N ASP D 16 -4.39 23.12 34.74
CA ASP D 16 -3.63 24.17 35.39
C ASP D 16 -4.59 25.28 35.83
N HIS D 17 -4.03 26.41 36.27
CA HIS D 17 -4.85 27.51 36.76
C HIS D 17 -5.54 28.29 35.64
N LEU D 18 -5.00 28.26 34.43
CA LEU D 18 -5.62 28.99 33.32
C LEU D 18 -6.89 28.29 32.85
N PHE D 19 -6.89 26.95 32.84
CA PHE D 19 -8.10 26.22 32.48
C PHE D 19 -9.21 26.43 33.50
N PHE D 20 -8.84 26.48 34.79
CA PHE D 20 -9.81 26.79 35.82
C PHE D 20 -10.27 28.24 35.76
N LYS D 21 -9.37 29.15 35.39
CA LYS D 21 -9.72 30.56 35.32
C LYS D 21 -10.79 30.83 34.26
N TYR D 22 -10.77 30.07 33.17
CA TYR D 22 -11.75 30.30 32.11
C TYR D 22 -13.14 29.83 32.52
N TYR D 23 -13.23 28.61 33.05
CA TYR D 23 -14.53 28.01 33.33
C TYR D 23 -15.07 28.36 34.71
N GLY D 24 -14.27 28.97 35.58
CA GLY D 24 -14.78 29.54 36.80
C GLY D 24 -14.76 28.64 38.02
N THR D 25 -15.47 27.52 37.96
CA THR D 25 -15.63 26.63 39.10
C THR D 25 -14.92 25.31 38.86
N ARG D 26 -14.65 24.61 39.98
CA ARG D 26 -14.01 23.29 39.88
C ARG D 26 -14.96 22.27 39.29
N GLU D 27 -16.27 22.42 39.50
CA GLU D 27 -17.24 21.47 38.97
C GLU D 27 -17.44 21.65 37.46
N ALA D 28 -17.27 22.87 36.95
CA ALA D 28 -17.40 23.09 35.51
C ALA D 28 -16.18 22.57 34.76
N VAL D 29 -15.03 22.50 35.42
CA VAL D 29 -13.86 21.92 34.80
C VAL D 29 -13.99 20.40 34.73
N ILE D 30 -14.51 19.78 35.79
CA ILE D 30 -14.75 18.34 35.78
C ILE D 30 -15.71 17.98 34.66
N ALA D 31 -16.81 18.72 34.54
CA ALA D 31 -17.76 18.45 33.46
C ALA D 31 -17.13 18.66 32.09
N GLN D 32 -16.14 19.55 31.99
CA GLN D 32 -15.47 19.77 30.71
C GLN D 32 -14.61 18.57 30.33
N ILE D 33 -13.73 18.13 31.24
CA ILE D 33 -12.87 16.99 30.92
C ILE D 33 -13.67 15.71 30.85
N SER D 34 -14.81 15.65 31.54
CA SER D 34 -15.68 14.48 31.43
C SER D 34 -16.25 14.36 30.02
N SER D 35 -16.74 15.47 29.47
CA SER D 35 -17.28 15.45 28.11
C SER D 35 -16.19 15.14 27.08
N HIS D 36 -14.94 15.55 27.36
CA HIS D 36 -13.84 15.21 26.46
C HIS D 36 -13.56 13.71 26.48
N VAL D 37 -13.47 13.12 27.68
CA VAL D 37 -13.19 11.69 27.77
C VAL D 37 -14.34 10.88 27.18
N LYS D 38 -15.58 11.30 27.44
CA LYS D 38 -16.73 10.62 26.84
C LYS D 38 -16.72 10.73 25.33
N ALA D 39 -16.26 11.86 24.80
CA ALA D 39 -16.24 12.06 23.35
C ALA D 39 -15.27 11.10 22.67
N ILE D 40 -14.05 10.99 23.20
CA ILE D 40 -13.10 10.03 22.65
C ILE D 40 -13.44 8.60 23.05
N ASP D 41 -14.20 8.41 24.13
CA ASP D 41 -14.65 7.07 24.49
C ASP D 41 -15.59 6.51 23.42
N THR D 42 -16.41 7.37 22.82
CA THR D 42 -17.32 6.93 21.76
C THR D 42 -16.57 6.75 20.44
N ILE D 43 -15.61 7.62 20.16
CA ILE D 43 -14.85 7.52 18.91
C ILE D 43 -14.07 6.21 18.86
N TYR D 44 -13.41 5.86 19.96
CA TYR D 44 -12.56 4.68 19.96
C TYR D 44 -13.35 3.39 20.12
N GLN D 45 -14.51 3.43 20.78
CA GLN D 45 -15.31 2.22 20.93
C GLN D 45 -15.89 1.78 19.59
N THR D 46 -16.32 2.74 18.75
CA THR D 46 -16.90 2.45 17.45
C THR D 46 -15.86 2.41 16.34
N THR D 47 -14.62 2.04 16.65
CA THR D 47 -13.55 1.93 15.66
C THR D 47 -13.14 0.48 15.53
N ASP D 48 -13.10 -0.03 14.29
CA ASP D 48 -12.77 -1.42 14.02
C ASP D 48 -11.25 -1.55 13.91
N PHE D 49 -10.60 -1.71 15.05
CA PHE D 49 -9.13 -1.81 15.12
C PHE D 49 -8.65 -3.20 14.70
N SER D 50 -8.96 -3.56 13.46
CA SER D 50 -8.53 -4.82 12.86
C SER D 50 -8.98 -6.02 13.71
N GLY D 51 -10.21 -5.96 14.21
CA GLY D 51 -10.78 -7.04 14.99
C GLY D 51 -10.94 -6.73 16.45
N ILE D 52 -10.29 -5.69 16.96
CA ILE D 52 -10.37 -5.31 18.37
C ILE D 52 -11.34 -4.13 18.48
N ARG D 53 -12.42 -4.31 19.24
CA ARG D 53 -13.43 -3.28 19.43
C ARG D 53 -13.63 -3.03 20.91
N GLN D 54 -14.44 -2.01 21.21
CA GLN D 54 -14.78 -1.61 22.57
C GLN D 54 -13.55 -1.13 23.34
N ILE D 55 -12.70 -0.35 22.69
CA ILE D 55 -11.60 0.33 23.37
C ILE D 55 -12.16 1.56 24.06
N SER D 56 -11.99 1.64 25.37
CA SER D 56 -12.61 2.68 26.17
C SER D 56 -11.58 3.31 27.10
N PHE D 57 -11.97 4.44 27.67
CA PHE D 57 -11.12 5.20 28.59
C PHE D 57 -11.80 5.34 29.94
N MET D 58 -10.99 5.33 31.00
CA MET D 58 -11.48 5.39 32.36
C MET D 58 -10.61 6.36 33.14
N VAL D 59 -11.22 7.38 33.74
CA VAL D 59 -10.49 8.37 34.50
C VAL D 59 -10.18 7.82 35.88
N LYS D 60 -8.88 7.77 36.22
CA LYS D 60 -8.42 7.17 37.48
C LYS D 60 -8.09 8.21 38.54
N ARG D 61 -7.35 9.25 38.18
CA ARG D 61 -7.00 10.33 39.10
C ARG D 61 -7.26 11.67 38.41
N ILE D 62 -7.67 12.65 39.22
CA ILE D 62 -7.94 14.00 38.74
C ILE D 62 -7.20 14.97 39.65
N ARG D 63 -6.46 15.90 39.05
CA ARG D 63 -5.80 16.98 39.78
C ARG D 63 -6.17 18.30 39.10
N ILE D 64 -7.09 19.03 39.70
CA ILE D 64 -7.55 20.31 39.18
C ILE D 64 -6.91 21.42 40.00
N ASN D 65 -6.23 22.35 39.32
CA ASN D 65 -5.53 23.45 39.95
C ASN D 65 -6.32 24.74 39.79
N THR D 66 -6.41 25.50 40.88
CA THR D 66 -7.07 26.79 40.89
C THR D 66 -6.04 27.90 40.91
N THR D 67 -6.49 29.15 41.09
CA THR D 67 -5.58 30.28 41.16
C THR D 67 -4.73 30.27 42.42
N ALA D 68 -5.05 29.42 43.40
CA ALA D 68 -4.23 29.33 44.60
C ALA D 68 -2.90 28.65 44.33
N ASP D 69 -2.88 27.67 43.42
CA ASP D 69 -1.64 26.99 43.07
C ASP D 69 -0.70 27.85 42.26
N GLU D 70 -1.14 29.02 41.79
CA GLU D 70 -0.27 29.94 41.07
C GLU D 70 0.75 30.60 41.99
N LYS D 71 0.53 30.55 43.30
CA LYS D 71 1.44 31.14 44.27
C LYS D 71 2.40 30.12 44.87
N ASP D 72 2.41 28.89 44.36
CA ASP D 72 3.34 27.86 44.83
C ASP D 72 4.63 27.93 44.04
N PRO D 73 5.76 28.24 44.66
CA PRO D 73 7.02 28.34 43.89
C PRO D 73 7.43 27.02 43.25
N THR D 74 7.24 25.90 43.94
CA THR D 74 7.60 24.60 43.38
C THR D 74 6.71 24.19 42.21
N ASN D 75 5.59 24.85 42.02
CA ASN D 75 4.71 24.55 40.89
C ASN D 75 5.24 25.18 39.62
N PRO D 76 5.63 24.40 38.61
CA PRO D 76 6.21 24.99 37.40
C PRO D 76 5.21 25.40 36.33
N PHE D 77 3.92 25.12 36.52
CA PHE D 77 2.89 25.52 35.57
C PHE D 77 2.37 26.94 35.82
N ARG D 78 2.85 27.61 36.87
CA ARG D 78 2.32 28.92 37.24
C ARG D 78 2.76 30.02 36.28
N PHE D 79 3.84 29.82 35.55
CA PHE D 79 4.31 30.84 34.62
C PHE D 79 3.31 30.98 33.48
N PRO D 80 2.80 32.19 33.21
CA PRO D 80 1.78 32.33 32.17
C PRO D 80 2.28 32.07 30.77
N ASN D 81 3.55 32.39 30.47
CA ASN D 81 4.12 32.21 29.15
C ASN D 81 5.10 31.04 29.21
N ILE D 82 4.67 29.89 28.68
CA ILE D 82 5.49 28.69 28.61
C ILE D 82 5.38 28.13 27.20
N GLY D 83 6.52 27.73 26.63
CA GLY D 83 6.51 27.13 25.32
C GLY D 83 5.76 25.80 25.30
N VAL D 84 5.30 25.43 24.10
CA VAL D 84 4.50 24.22 23.98
C VAL D 84 5.35 22.97 24.17
N GLU D 85 6.64 23.02 23.80
CA GLU D 85 7.50 21.86 23.98
C GLU D 85 7.89 21.66 25.44
N LYS D 86 8.13 22.76 26.17
CA LYS D 86 8.47 22.63 27.58
C LYS D 86 7.24 22.30 28.41
N PHE D 87 6.06 22.76 28.00
CA PHE D 87 4.84 22.46 28.74
C PHE D 87 4.59 20.96 28.78
N LEU D 88 4.82 20.27 27.66
CA LEU D 88 4.68 18.81 27.64
C LEU D 88 5.77 18.14 28.46
N GLU D 89 6.98 18.70 28.46
CA GLU D 89 8.06 18.15 29.28
C GLU D 89 7.71 18.21 30.76
N LEU D 90 7.10 19.32 31.20
CA LEU D 90 6.70 19.42 32.60
C LEU D 90 5.66 18.36 32.96
N ASN D 91 4.83 17.96 32.00
CA ASN D 91 3.92 16.85 32.24
C ASN D 91 4.61 15.50 32.13
N SER D 92 5.72 15.42 31.38
CA SER D 92 6.44 14.17 31.23
C SER D 92 7.35 13.85 32.41
N GLU D 93 7.80 14.86 33.15
CA GLU D 93 8.70 14.64 34.28
C GLU D 93 7.97 14.17 35.54
N GLN D 94 6.97 13.32 35.38
CA GLN D 94 6.22 12.78 36.50
C GLN D 94 6.08 11.27 36.32
N ASN D 95 6.10 10.55 37.44
CA ASN D 95 5.99 9.09 37.42
C ASN D 95 4.56 8.68 37.10
N HIS D 96 4.27 8.42 35.83
CA HIS D 96 2.94 8.03 35.37
C HIS D 96 2.82 6.52 35.15
N ASP D 97 3.44 5.72 36.03
CA ASP D 97 3.41 4.27 35.87
C ASP D 97 2.09 3.65 36.30
N ASP D 98 1.18 4.43 36.88
CA ASP D 98 -0.12 3.94 37.32
C ASP D 98 -1.24 4.26 36.33
N TYR D 99 -0.93 4.94 35.23
CA TYR D 99 -1.93 5.36 34.27
C TYR D 99 -1.45 5.02 32.86
N CYS D 100 -2.39 4.58 32.02
CA CYS D 100 -2.06 4.31 30.62
C CYS D 100 -1.66 5.59 29.89
N LEU D 101 -2.32 6.70 30.22
CA LEU D 101 -1.97 7.99 29.66
C LEU D 101 -2.21 9.08 30.71
N ALA D 102 -1.48 10.18 30.57
CA ALA D 102 -1.59 11.31 31.49
C ALA D 102 -1.57 12.59 30.69
N TYR D 103 -2.67 13.33 30.72
CA TYR D 103 -2.80 14.55 29.94
C TYR D 103 -2.88 15.78 30.84
N VAL D 104 -2.68 16.94 30.23
CA VAL D 104 -2.81 18.22 30.91
C VAL D 104 -3.66 19.14 30.02
N PHE D 105 -4.80 19.57 30.55
CA PHE D 105 -5.68 20.51 29.88
C PHE D 105 -5.36 21.92 30.35
N THR D 106 -5.22 22.85 29.40
CA THR D 106 -4.85 24.22 29.73
C THR D 106 -5.60 25.18 28.81
N ASP D 107 -5.48 26.46 29.13
CA ASP D 107 -6.11 27.54 28.36
C ASP D 107 -5.07 28.64 28.13
N ARG D 108 -4.04 28.32 27.34
CA ARG D 108 -3.03 29.29 26.95
C ARG D 108 -2.81 29.19 25.45
N ASP D 109 -2.78 30.34 24.79
CA ASP D 109 -2.62 30.41 23.34
C ASP D 109 -1.17 30.09 22.99
N PHE D 110 -0.92 28.86 22.55
CA PHE D 110 0.42 28.47 22.16
C PHE D 110 0.78 29.07 20.80
N ASP D 111 2.08 29.23 20.57
CA ASP D 111 2.56 29.82 19.33
C ASP D 111 2.39 28.84 18.16
N ASP D 112 2.45 29.39 16.95
CA ASP D 112 2.36 28.62 15.71
C ASP D 112 1.05 27.88 15.55
N GLY D 113 -0.01 28.33 16.23
CA GLY D 113 -1.30 27.68 16.11
C GLY D 113 -1.36 26.27 16.62
N VAL D 114 -0.49 25.91 17.56
CA VAL D 114 -0.42 24.54 18.07
C VAL D 114 -1.57 24.32 19.04
N LEU D 115 -2.45 23.36 18.72
CA LEU D 115 -3.56 23.01 19.59
C LEU D 115 -3.22 21.92 20.60
N GLY D 116 -2.16 21.15 20.36
CA GLY D 116 -1.81 20.09 21.27
C GLY D 116 -0.50 19.45 20.88
N LEU D 117 0.07 18.71 21.84
CA LEU D 117 1.32 17.98 21.66
C LEU D 117 1.22 16.62 22.32
N ALA D 118 1.77 15.60 21.67
CA ALA D 118 1.76 14.26 22.22
C ALA D 118 2.89 13.44 21.61
N TRP D 119 3.36 12.46 22.36
CA TRP D 119 4.36 11.53 21.86
C TRP D 119 3.70 10.47 20.98
N VAL D 120 4.37 10.12 19.89
CA VAL D 120 3.85 9.16 18.94
C VAL D 120 4.22 7.75 19.39
N GLY D 121 3.22 6.87 19.45
CA GLY D 121 3.47 5.50 19.84
C GLY D 121 4.06 4.67 18.72
N ALA D 122 4.66 3.55 19.10
CA ALA D 122 5.31 2.66 18.15
C ALA D 122 5.18 1.23 18.69
N PRO D 123 5.16 0.23 17.80
CA PRO D 123 5.11 -1.15 18.28
C PRO D 123 6.41 -1.60 18.94
N SER D 124 7.55 -1.11 18.47
CA SER D 124 8.84 -1.48 19.03
C SER D 124 9.86 -0.42 18.64
N GLY D 125 10.97 -0.41 19.37
CA GLY D 125 12.05 0.51 19.08
C GLY D 125 11.88 1.88 19.71
N SER D 126 11.00 2.69 19.14
CA SER D 126 10.78 4.05 19.65
C SER D 126 10.12 4.01 21.02
N SER D 127 10.56 4.91 21.89
CA SER D 127 10.01 5.02 23.25
C SER D 127 9.04 6.20 23.26
N GLY D 128 7.75 5.90 23.21
CA GLY D 128 6.74 6.93 23.21
C GLY D 128 5.36 6.32 23.05
N GLY D 129 4.34 7.14 23.28
CA GLY D 129 2.98 6.71 23.11
C GLY D 129 2.39 6.12 24.38
N ILE D 130 1.35 5.29 24.18
CA ILE D 130 0.62 4.73 25.31
C ILE D 130 1.55 3.85 26.14
N CYS D 131 1.54 4.07 27.45
CA CYS D 131 2.18 3.18 28.40
C CYS D 131 3.69 3.15 28.25
N GLU D 132 4.34 4.27 28.57
CA GLU D 132 5.79 4.36 28.62
C GLU D 132 6.18 4.57 30.09
N LYS D 133 6.69 3.52 30.72
CA LYS D 133 7.14 3.65 32.10
C LYS D 133 8.28 4.65 32.21
N SER D 134 8.41 5.25 33.38
CA SER D 134 9.48 6.22 33.60
C SER D 134 10.83 5.52 33.55
N LYS D 135 11.80 6.17 32.90
CA LYS D 135 13.14 5.63 32.75
C LYS D 135 14.07 6.74 32.32
N LEU D 136 15.37 6.47 32.41
CA LEU D 136 16.37 7.46 32.05
C LEU D 136 16.45 7.64 30.53
N TYR D 137 16.60 8.89 30.10
CA TYR D 137 16.80 9.23 28.70
C TYR D 137 18.15 9.94 28.55
N SER D 138 18.42 10.43 27.34
CA SER D 138 19.66 11.17 27.10
C SER D 138 19.69 12.51 27.82
N ASP D 139 18.55 12.99 28.32
CA ASP D 139 18.51 14.22 29.10
C ASP D 139 18.98 14.01 30.54
N GLY D 140 18.98 12.77 31.02
CA GLY D 140 19.37 12.47 32.37
C GLY D 140 18.26 12.47 33.39
N LYS D 141 17.06 12.91 33.02
CA LYS D 141 15.93 13.01 33.92
C LYS D 141 14.93 11.88 33.62
N LYS D 142 14.37 11.31 34.69
CA LYS D 142 13.34 10.29 34.53
C LYS D 142 12.06 10.92 34.01
N LYS D 143 11.60 10.46 32.84
CA LYS D 143 10.40 10.98 32.22
C LYS D 143 9.48 9.84 31.83
N SER D 144 8.18 10.12 31.87
CA SER D 144 7.15 9.18 31.43
C SER D 144 6.56 9.74 30.15
N LEU D 145 6.87 9.12 29.01
CA LEU D 145 6.45 9.62 27.71
C LEU D 145 5.07 9.10 27.29
N ASN D 146 4.25 8.70 28.25
CA ASN D 146 2.84 8.39 27.99
C ASN D 146 1.96 9.60 28.26
N THR D 147 2.36 10.75 27.73
CA THR D 147 1.77 12.03 28.09
C THR D 147 1.31 12.79 26.86
N GLY D 148 0.45 13.77 27.09
CA GLY D 148 -0.03 14.67 26.05
C GLY D 148 -0.58 15.93 26.67
N ILE D 149 -0.75 16.95 25.82
CA ILE D 149 -1.32 18.23 26.25
C ILE D 149 -2.21 18.76 25.14
N ILE D 150 -3.27 19.48 25.54
CA ILE D 150 -4.13 20.18 24.62
C ILE D 150 -4.48 21.54 25.23
N THR D 151 -4.83 22.48 24.35
CA THR D 151 -5.25 23.82 24.76
C THR D 151 -6.62 24.13 24.16
N VAL D 152 -7.36 25.00 24.84
CA VAL D 152 -8.69 25.39 24.42
C VAL D 152 -8.71 26.82 23.89
N GLN D 153 -7.55 27.37 23.55
CA GLN D 153 -7.45 28.71 23.00
C GLN D 153 -6.43 28.71 21.86
N ASN D 154 -6.79 29.35 20.74
CA ASN D 154 -5.90 29.40 19.59
C ASN D 154 -6.17 30.69 18.84
N TYR D 155 -5.11 31.50 18.67
CA TYR D 155 -5.20 32.81 18.03
C TYR D 155 -6.21 33.71 18.76
N GLY D 156 -6.17 33.69 20.09
CA GLY D 156 -7.05 34.52 20.88
C GLY D 156 -8.51 34.18 20.78
N SER D 157 -8.84 32.93 20.43
CA SER D 157 -10.21 32.51 20.25
C SER D 157 -10.43 31.17 20.95
N HIS D 158 -11.48 31.09 21.75
CA HIS D 158 -11.79 29.86 22.46
C HIS D 158 -12.19 28.76 21.48
N VAL D 159 -11.75 27.54 21.77
CA VAL D 159 -12.06 26.38 20.93
C VAL D 159 -13.37 25.79 21.41
N PRO D 160 -14.37 25.66 20.54
CA PRO D 160 -15.65 25.06 20.95
C PRO D 160 -15.46 23.62 21.42
N PRO D 161 -16.41 23.07 22.17
CA PRO D 161 -16.21 21.71 22.70
C PRO D 161 -16.13 20.64 21.63
N LYS D 162 -16.87 20.79 20.53
CA LYS D 162 -16.83 19.78 19.48
C LYS D 162 -15.49 19.77 18.76
N VAL D 163 -14.82 20.92 18.67
CA VAL D 163 -13.51 20.97 18.06
C VAL D 163 -12.44 20.50 19.04
N SER D 164 -12.59 20.87 20.32
CA SER D 164 -11.62 20.44 21.33
C SER D 164 -11.64 18.94 21.54
N HIS D 165 -12.81 18.30 21.37
CA HIS D 165 -12.88 16.85 21.51
C HIS D 165 -12.09 16.15 20.42
N ILE D 166 -12.11 16.69 19.20
CA ILE D 166 -11.30 16.12 18.12
C ILE D 166 -9.82 16.31 18.41
N THR D 167 -9.44 17.46 18.94
CA THR D 167 -8.04 17.68 19.32
C THR D 167 -7.58 16.67 20.36
N PHE D 168 -8.44 16.35 21.32
CA PHE D 168 -8.10 15.35 22.33
C PHE D 168 -7.80 14.00 21.69
N ALA D 169 -8.75 13.49 20.90
CA ALA D 169 -8.54 12.21 20.24
C ALA D 169 -7.43 12.26 19.20
N HIS D 170 -7.14 13.44 18.66
CA HIS D 170 -6.03 13.57 17.72
C HIS D 170 -4.69 13.35 18.44
N GLU D 171 -4.53 13.93 19.62
CA GLU D 171 -3.30 13.70 20.38
C GLU D 171 -3.24 12.28 20.94
N VAL D 172 -4.37 11.77 21.43
CA VAL D 172 -4.44 10.38 21.86
C VAL D 172 -4.18 9.45 20.68
N GLY D 173 -4.59 9.86 19.47
CA GLY D 173 -4.26 9.08 18.29
C GLY D 173 -2.76 8.94 18.09
N HIS D 174 -2.01 10.04 18.31
CA HIS D 174 -0.56 9.95 18.29
C HIS D 174 -0.06 8.99 19.36
N ASN D 175 -0.63 9.06 20.57
CA ASN D 175 -0.24 8.13 21.62
C ASN D 175 -0.55 6.68 21.25
N PHE D 176 -1.54 6.46 20.40
CA PHE D 176 -1.91 5.12 19.95
C PHE D 176 -1.14 4.69 18.70
N GLY D 177 -0.08 5.42 18.34
CA GLY D 177 0.76 5.03 17.23
C GLY D 177 0.37 5.58 15.88
N SER D 178 -0.70 6.36 15.80
CA SER D 178 -1.17 6.87 14.52
C SER D 178 -0.38 8.12 14.12
N PRO D 179 0.31 8.12 12.99
CA PRO D 179 0.94 9.35 12.51
C PRO D 179 -0.05 10.20 11.73
N HIS D 180 0.44 11.26 11.08
CA HIS D 180 -0.43 12.10 10.28
C HIS D 180 -0.80 11.41 8.97
N ASP D 181 -2.03 11.67 8.51
CA ASP D 181 -2.52 11.01 7.31
C ASP D 181 -1.86 11.58 6.07
N SER D 182 -1.41 10.70 5.18
CA SER D 182 -0.81 11.08 3.91
C SER D 182 -1.46 10.28 2.80
N GLY D 183 -1.80 10.96 1.71
CA GLY D 183 -2.48 10.31 0.60
C GLY D 183 -3.97 10.60 0.60
N THR D 184 -4.53 10.89 -0.58
CA THR D 184 -5.94 11.25 -0.67
C THR D 184 -6.86 10.13 -0.21
N GLU D 185 -6.38 8.89 -0.14
CA GLU D 185 -7.18 7.81 0.42
C GLU D 185 -7.45 8.05 1.90
N CYS D 186 -6.47 8.60 2.62
CA CYS D 186 -6.63 8.96 4.03
C CYS D 186 -6.77 10.45 4.23
N THR D 187 -6.84 11.22 3.14
CA THR D 187 -7.01 12.68 3.18
C THR D 187 -8.00 13.07 2.11
N PRO D 188 -9.30 12.86 2.35
CA PRO D 188 -10.28 13.13 1.28
C PRO D 188 -10.54 14.60 1.04
N GLY D 189 -10.37 15.46 2.05
CA GLY D 189 -10.62 16.88 1.89
C GLY D 189 -9.67 17.58 0.93
N GLU D 190 -8.60 16.91 0.50
CA GLU D 190 -7.67 17.45 -0.47
C GLU D 190 -7.83 16.83 -1.85
N SER D 191 -8.84 15.99 -2.04
CA SER D 191 -9.02 15.28 -3.30
C SER D 191 -9.59 16.21 -4.37
N LYS D 192 -9.39 15.82 -5.63
CA LYS D 192 -9.87 16.60 -6.76
C LYS D 192 -11.33 16.36 -7.07
N ASN D 193 -11.97 15.39 -6.43
CA ASN D 193 -13.36 15.04 -6.70
C ASN D 193 -14.26 15.64 -5.63
N LEU D 194 -15.37 16.26 -6.07
CA LEU D 194 -16.27 16.90 -5.13
C LEU D 194 -16.91 15.90 -4.18
N GLY D 195 -17.18 14.68 -4.67
CA GLY D 195 -17.79 13.68 -3.81
C GLY D 195 -16.94 13.30 -2.62
N GLN D 196 -15.64 13.13 -2.84
CA GLN D 196 -14.73 12.78 -1.76
C GLN D 196 -14.32 13.99 -0.93
N LYS D 197 -14.36 15.20 -1.50
CA LYS D 197 -13.93 16.38 -0.76
C LYS D 197 -15.02 16.91 0.15
N GLU D 198 -16.28 16.67 -0.17
CA GLU D 198 -17.38 17.16 0.66
C GLU D 198 -17.44 16.48 2.02
N ASN D 199 -16.88 15.27 2.14
CA ASN D 199 -16.89 14.56 3.41
C ASN D 199 -15.76 14.98 4.34
N GLY D 200 -14.80 15.77 3.85
CA GLY D 200 -13.75 16.29 4.70
C GLY D 200 -12.66 15.28 5.00
N ASN D 201 -11.68 15.75 5.78
CA ASN D 201 -10.55 14.93 6.16
C ASN D 201 -10.86 14.14 7.44
N TYR D 202 -9.98 13.21 7.76
CA TYR D 202 -10.17 12.35 8.92
C TYR D 202 -9.64 13.05 10.18
N ILE D 203 -9.63 12.33 11.29
CA ILE D 203 -9.30 12.94 12.58
C ILE D 203 -7.80 13.14 12.73
N MET D 204 -6.98 12.27 12.15
CA MET D 204 -5.53 12.42 12.20
C MET D 204 -4.99 13.27 11.06
N TYR D 205 -5.81 14.15 10.50
CA TYR D 205 -5.35 15.07 9.47
C TYR D 205 -4.29 16.01 10.05
N ALA D 206 -3.31 16.35 9.22
CA ALA D 206 -2.17 17.13 9.72
C ALA D 206 -2.52 18.61 9.86
N ARG D 207 -3.29 19.16 8.91
CA ARG D 207 -3.57 20.59 8.93
C ARG D 207 -4.85 20.91 9.69
N ALA D 208 -5.54 21.98 9.28
CA ALA D 208 -6.64 22.51 10.06
C ALA D 208 -7.90 21.68 9.90
N THR D 209 -8.75 21.73 10.93
CA THR D 209 -10.03 21.02 10.94
C THR D 209 -11.05 21.86 11.68
N SER D 210 -12.29 21.85 11.17
CA SER D 210 -13.39 22.54 11.84
C SER D 210 -14.34 21.60 12.57
N GLY D 211 -14.27 20.30 12.28
CA GLY D 211 -15.13 19.32 12.90
C GLY D 211 -16.54 19.28 12.35
N ASP D 212 -16.89 20.17 11.43
CA ASP D 212 -18.24 20.24 10.87
C ASP D 212 -18.39 19.39 9.61
N LYS D 213 -17.53 18.39 9.41
CA LYS D 213 -17.62 17.51 8.26
C LYS D 213 -17.63 16.05 8.74
N LEU D 214 -18.07 15.17 7.84
CA LEU D 214 -18.41 13.80 8.23
C LEU D 214 -17.18 13.05 8.73
N ASN D 215 -16.10 13.09 7.97
CA ASN D 215 -14.92 12.28 8.29
C ASN D 215 -14.10 12.81 9.46
N ASN D 216 -14.42 14.02 9.96
CA ASN D 216 -13.64 14.62 11.02
C ASN D 216 -13.74 13.87 12.35
N ASN D 217 -14.66 12.92 12.47
CA ASN D 217 -14.88 12.20 13.71
C ASN D 217 -14.19 10.84 13.77
N LYS D 218 -13.80 10.29 12.62
CA LYS D 218 -13.39 8.89 12.52
C LYS D 218 -11.97 8.80 12.01
N PHE D 219 -11.28 7.73 12.43
CA PHE D 219 -9.93 7.48 11.97
C PHE D 219 -9.95 6.98 10.53
N SER D 220 -8.89 7.29 9.79
CA SER D 220 -8.73 6.84 8.43
C SER D 220 -8.25 5.39 8.40
N LEU D 221 -8.21 4.81 7.20
CA LEU D 221 -7.63 3.48 7.05
C LEU D 221 -6.17 3.47 7.47
N CYS D 222 -5.43 4.54 7.16
CA CYS D 222 -4.05 4.65 7.60
C CYS D 222 -3.94 4.63 9.12
N SER D 223 -4.81 5.38 9.80
CA SER D 223 -4.71 5.50 11.25
C SER D 223 -5.04 4.18 11.93
N ILE D 224 -6.10 3.49 11.48
CA ILE D 224 -6.48 2.22 12.08
C ILE D 224 -5.40 1.17 11.84
N ARG D 225 -4.78 1.20 10.65
CA ARG D 225 -3.74 0.24 10.33
C ARG D 225 -2.53 0.40 11.24
N GLN D 226 -2.24 1.63 11.68
CA GLN D 226 -1.09 1.87 12.52
C GLN D 226 -1.41 1.63 13.99
N ILE D 227 -2.61 2.01 14.44
CA ILE D 227 -2.98 1.81 15.83
C ILE D 227 -3.11 0.33 16.15
N SER D 228 -3.58 -0.47 15.17
CA SER D 228 -3.75 -1.91 15.41
C SER D 228 -2.42 -2.59 15.69
N GLN D 229 -1.35 -2.15 15.01
CA GLN D 229 -0.03 -2.72 15.28
C GLN D 229 0.43 -2.38 16.69
N VAL D 230 0.16 -1.16 17.15
CA VAL D 230 0.58 -0.76 18.48
C VAL D 230 -0.29 -1.42 19.55
N LEU D 231 -1.59 -1.57 19.26
CA LEU D 231 -2.47 -2.23 20.21
C LEU D 231 -2.10 -3.69 20.41
N GLU D 232 -1.71 -4.38 19.34
CA GLU D 232 -1.40 -5.80 19.44
C GLU D 232 -0.08 -6.08 20.14
N LYS D 233 0.68 -5.04 20.53
CA LYS D 233 1.94 -5.22 21.24
C LYS D 233 2.06 -4.44 22.53
N LYS D 234 1.23 -3.41 22.76
CA LYS D 234 1.30 -2.60 23.95
C LYS D 234 0.06 -2.69 24.84
N ARG D 235 -0.98 -3.40 24.41
CA ARG D 235 -2.23 -3.42 25.17
C ARG D 235 -2.08 -4.22 26.46
N ASN D 236 -1.49 -5.42 26.37
CA ASN D 236 -1.38 -6.28 27.54
C ASN D 236 -0.41 -5.78 28.58
N ASN D 237 0.23 -4.62 28.36
CA ASN D 237 1.13 -4.05 29.35
C ASN D 237 0.42 -3.18 30.38
N CYS D 238 -0.73 -2.62 30.03
CA CYS D 238 -1.34 -1.58 30.86
C CYS D 238 -2.86 -1.58 30.82
N PHE D 239 -3.44 -1.95 29.68
CA PHE D 239 -4.90 -1.92 29.54
C PHE D 239 -5.56 -2.84 30.55
N VAL D 240 -6.51 -2.29 31.30
CA VAL D 240 -7.27 -3.05 32.28
C VAL D 240 -8.61 -3.44 31.67
N GLU D 241 -9.36 -4.27 32.38
CA GLU D 241 -10.63 -4.73 31.87
C GLU D 241 -11.69 -3.63 31.98
N SER D 242 -12.72 -3.75 31.13
CA SER D 242 -13.81 -2.78 31.15
C SER D 242 -14.65 -2.93 32.41
N GLY D 243 -15.38 -1.88 32.73
CA GLY D 243 -16.12 -1.85 33.98
C GLY D 243 -15.21 -1.61 35.17
N GLN D 244 -15.68 -2.05 36.34
CA GLN D 244 -14.96 -1.88 37.60
C GLN D 244 -14.60 -0.41 37.81
N PRO D 245 -15.56 0.43 38.20
CA PRO D 245 -15.26 1.86 38.38
C PRO D 245 -14.42 2.10 39.61
N ILE D 246 -13.98 3.34 39.75
CA ILE D 246 -13.22 3.79 40.91
C ILE D 246 -13.75 5.14 41.35
N CYS D 247 -13.74 5.38 42.66
CA CYS D 247 -14.11 6.68 43.20
C CYS D 247 -12.85 7.48 43.53
N GLY D 248 -13.04 8.79 43.64
CA GLY D 248 -11.95 9.72 43.85
C GLY D 248 -11.50 10.44 42.60
N ASN D 249 -12.02 10.05 41.44
CA ASN D 249 -11.71 10.71 40.18
C ASN D 249 -12.72 11.81 39.83
N GLY D 250 -13.61 12.15 40.77
CA GLY D 250 -14.59 13.18 40.50
C GLY D 250 -15.57 12.87 39.40
N MET D 251 -15.79 11.59 39.11
CA MET D 251 -16.68 11.16 38.04
C MET D 251 -17.80 10.31 38.64
N VAL D 252 -19.04 10.78 38.53
CA VAL D 252 -20.18 10.01 38.98
C VAL D 252 -20.41 8.86 38.01
N GLU D 253 -20.28 7.62 38.50
CA GLU D 253 -20.39 6.45 37.64
C GLU D 253 -21.35 5.43 38.22
N GLN D 254 -21.42 4.25 37.61
CA GLN D 254 -22.35 3.22 38.07
C GLN D 254 -22.00 2.75 39.47
N GLY D 255 -23.03 2.57 40.29
CA GLY D 255 -22.87 2.13 41.66
C GLY D 255 -22.52 3.20 42.66
N GLU D 256 -22.02 4.35 42.21
CA GLU D 256 -21.66 5.45 43.08
C GLU D 256 -22.74 6.53 43.05
N GLU D 257 -23.08 7.06 44.22
CA GLU D 257 -24.06 8.14 44.29
C GLU D 257 -23.45 9.49 43.97
N CYS D 258 -22.19 9.70 44.32
CA CYS D 258 -21.50 10.96 44.06
C CYS D 258 -20.00 10.72 44.15
N ASP D 259 -19.24 11.75 43.79
CA ASP D 259 -17.77 11.65 43.75
C ASP D 259 -17.20 13.07 43.79
N CYS D 260 -16.83 13.53 44.99
CA CYS D 260 -16.16 14.80 45.13
C CYS D 260 -14.65 14.69 45.00
N GLY D 261 -14.09 13.50 45.20
CA GLY D 261 -12.66 13.30 45.14
C GLY D 261 -12.11 12.67 46.39
N TYR D 262 -10.81 12.81 46.62
CA TYR D 262 -10.18 12.32 47.85
C TYR D 262 -10.25 13.41 48.91
N SER D 263 -9.62 13.18 50.06
CA SER D 263 -9.68 14.15 51.14
C SER D 263 -8.98 15.45 50.78
N ASP D 264 -7.97 15.39 49.91
CA ASP D 264 -7.22 16.56 49.50
C ASP D 264 -7.94 17.42 48.48
N GLN D 265 -9.17 17.06 48.09
CA GLN D 265 -9.86 17.80 47.05
C GLN D 265 -11.39 17.72 47.15
N CYS D 266 -11.94 17.44 48.33
CA CYS D 266 -13.38 17.35 48.53
C CYS D 266 -13.82 18.53 49.39
N LYS D 267 -14.03 19.68 48.75
CA LYS D 267 -14.62 20.85 49.41
C LYS D 267 -16.13 20.91 49.22
N ASP D 268 -16.78 19.75 49.21
CA ASP D 268 -18.22 19.63 48.98
C ASP D 268 -18.84 18.95 50.18
N GLU D 269 -19.76 19.64 50.84
CA GLU D 269 -20.43 19.12 52.04
C GLU D 269 -21.60 18.20 51.73
N CYS D 270 -21.66 17.64 50.52
CA CYS D 270 -22.74 16.73 50.13
C CYS D 270 -22.31 15.29 50.04
N CYS D 271 -21.02 15.03 49.76
CA CYS D 271 -20.54 13.69 49.47
C CYS D 271 -19.37 13.35 50.39
N PHE D 272 -19.27 12.07 50.74
CA PHE D 272 -18.10 11.59 51.45
C PHE D 272 -16.93 11.43 50.49
N ASP D 273 -15.76 11.88 50.93
CA ASP D 273 -14.58 11.76 50.09
C ASP D 273 -14.19 10.29 49.91
N ALA D 274 -13.28 10.05 48.97
CA ALA D 274 -12.86 8.68 48.68
C ALA D 274 -11.97 8.09 49.76
N ASN D 275 -11.72 8.80 50.85
CA ASN D 275 -10.92 8.30 51.96
C ASN D 275 -11.77 7.89 53.16
N GLN D 276 -13.09 7.92 53.02
CA GLN D 276 -13.96 7.40 54.06
C GLN D 276 -13.95 5.88 54.04
N PRO D 277 -14.34 5.23 55.14
CA PRO D 277 -14.37 3.76 55.17
C PRO D 277 -15.19 3.16 54.03
N GLU D 278 -14.93 1.89 53.73
CA GLU D 278 -15.50 1.22 52.55
C GLU D 278 -17.02 1.11 52.57
N GLY D 279 -17.70 1.70 53.55
CA GLY D 279 -19.14 1.80 53.55
C GLY D 279 -19.62 3.18 53.20
N ARG D 280 -19.18 4.18 53.96
CA ARG D 280 -19.48 5.58 53.66
C ARG D 280 -18.79 6.07 52.38
N LYS D 281 -17.82 5.33 51.87
CA LYS D 281 -17.00 5.77 50.75
C LYS D 281 -17.85 6.17 49.54
N CYS D 282 -17.94 7.48 49.29
CA CYS D 282 -18.56 8.02 48.07
C CYS D 282 -20.04 7.70 48.00
N LYS D 283 -20.73 7.83 49.14
CA LYS D 283 -22.18 7.76 49.21
C LYS D 283 -22.71 9.10 49.73
N LEU D 284 -23.99 9.36 49.45
CA LEU D 284 -24.60 10.60 49.88
C LEU D 284 -24.66 10.68 51.40
N LYS D 285 -24.46 11.89 51.93
CA LYS D 285 -24.55 12.11 53.36
C LYS D 285 -25.97 11.82 53.85
N PRO D 286 -26.14 11.56 55.17
CA PRO D 286 -27.44 11.10 55.67
C PRO D 286 -28.63 11.95 55.27
N GLY D 287 -28.60 13.25 55.56
CA GLY D 287 -29.73 14.09 55.28
C GLY D 287 -29.70 14.85 53.97
N LYS D 288 -28.62 14.74 53.21
CA LYS D 288 -28.52 15.49 51.96
C LYS D 288 -29.24 14.76 50.83
N GLN D 289 -29.57 15.52 49.79
CA GLN D 289 -30.38 15.01 48.68
C GLN D 289 -29.61 14.81 47.39
N CYS D 290 -28.73 15.75 47.03
CA CYS D 290 -27.93 15.64 45.82
C CYS D 290 -26.53 16.21 46.09
N SER D 291 -25.72 16.24 45.05
CA SER D 291 -24.36 16.78 45.11
C SER D 291 -24.05 17.50 43.82
N PRO D 292 -23.25 18.57 43.88
CA PRO D 292 -22.84 19.25 42.65
C PRO D 292 -22.01 18.37 41.72
N SER D 293 -21.49 17.24 42.21
CA SER D 293 -20.78 16.31 41.35
C SER D 293 -21.72 15.63 40.36
N GLN D 294 -22.99 15.44 40.73
CA GLN D 294 -23.94 14.78 39.84
C GLN D 294 -24.36 15.72 38.71
N GLY D 295 -24.48 17.01 39.00
CA GLY D 295 -24.88 17.97 38.00
C GLY D 295 -24.94 19.37 38.57
N PRO D 296 -24.93 20.39 37.69
CA PRO D 296 -24.97 21.78 38.18
C PRO D 296 -26.32 22.20 38.74
N CYS D 297 -27.37 21.41 38.55
CA CYS D 297 -28.68 21.73 39.11
C CYS D 297 -28.81 21.35 40.57
N CYS D 298 -27.72 21.02 41.25
CA CYS D 298 -27.72 20.78 42.68
C CYS D 298 -27.04 21.97 43.34
N THR D 299 -27.80 22.71 44.14
CA THR D 299 -27.27 23.88 44.82
C THR D 299 -26.10 23.47 45.74
N ALA D 300 -25.22 24.43 46.00
CA ALA D 300 -24.05 24.17 46.83
C ALA D 300 -24.43 23.66 48.23
N GLN D 301 -25.67 23.86 48.65
CA GLN D 301 -26.16 23.40 49.94
C GLN D 301 -26.84 22.03 49.85
N CYS D 302 -26.55 21.26 48.79
CA CYS D 302 -27.05 19.90 48.62
C CYS D 302 -28.58 19.86 48.53
N ALA D 303 -29.10 20.58 47.53
CA ALA D 303 -30.53 20.63 47.30
C ALA D 303 -30.79 20.90 45.82
N PHE D 304 -31.85 20.30 45.29
CA PHE D 304 -32.22 20.52 43.90
C PHE D 304 -32.51 22.00 43.66
N LYS D 305 -31.97 22.54 42.58
CA LYS D 305 -32.15 23.94 42.27
C LYS D 305 -33.62 24.23 41.90
N SER D 306 -33.94 25.53 41.86
CA SER D 306 -35.29 25.96 41.55
C SER D 306 -35.65 25.62 40.10
N LYS D 307 -36.94 25.73 39.80
CA LYS D 307 -37.44 25.44 38.46
C LYS D 307 -37.15 26.56 37.46
N SER D 308 -36.53 27.65 37.90
CA SER D 308 -36.20 28.78 37.02
C SER D 308 -34.78 29.26 37.31
N GLU D 309 -33.81 28.38 37.09
CA GLU D 309 -32.40 28.72 37.23
C GLU D 309 -31.63 28.15 36.04
N LYS D 310 -30.40 28.61 35.87
CA LYS D 310 -29.66 28.39 34.64
C LYS D 310 -28.90 27.07 34.63
N CYS D 311 -28.90 26.41 33.48
CA CYS D 311 -28.04 25.27 33.20
C CYS D 311 -26.83 25.68 32.36
N ARG D 312 -27.09 26.25 31.18
CA ARG D 312 -26.05 26.77 30.31
C ARG D 312 -26.46 28.16 29.84
N ASP D 313 -25.47 28.92 29.41
CA ASP D 313 -25.72 30.29 28.98
C ASP D 313 -26.21 30.30 27.53
N ASP D 314 -26.83 31.43 27.16
CA ASP D 314 -27.37 31.61 25.81
C ASP D 314 -26.22 31.68 24.82
N SER D 315 -26.01 30.60 24.08
CA SER D 315 -24.97 30.56 23.05
C SER D 315 -25.51 31.24 21.78
N ASP D 316 -24.76 31.12 20.69
CA ASP D 316 -25.19 31.71 19.42
C ASP D 316 -26.18 30.82 18.68
N CYS D 317 -26.23 29.53 18.99
CA CYS D 317 -27.15 28.60 18.34
C CYS D 317 -27.99 27.78 19.30
N ALA D 318 -27.77 27.90 20.62
CA ALA D 318 -28.48 27.12 21.61
C ALA D 318 -29.17 28.04 22.60
N ARG D 319 -30.46 27.81 22.81
CA ARG D 319 -31.21 28.57 23.81
C ARG D 319 -30.71 28.23 25.21
N GLU D 320 -30.99 29.13 26.14
CA GLU D 320 -30.57 28.93 27.53
C GLU D 320 -31.10 27.62 28.08
N GLY D 321 -30.33 27.02 28.98
CA GLY D 321 -30.72 25.81 29.66
C GLY D 321 -31.22 26.13 31.06
N ILE D 322 -32.37 25.55 31.41
CA ILE D 322 -33.01 25.77 32.69
C ILE D 322 -33.28 24.43 33.35
N CYS D 323 -32.96 24.32 34.63
CA CYS D 323 -33.18 23.08 35.36
C CYS D 323 -34.67 22.76 35.47
N ASN D 324 -34.97 21.47 35.55
CA ASN D 324 -36.36 21.06 35.80
C ASN D 324 -36.82 21.47 37.19
N GLY D 325 -35.90 21.50 38.15
CA GLY D 325 -36.23 21.79 39.54
C GLY D 325 -36.16 20.58 40.45
N PHE D 326 -35.97 19.38 39.91
CA PHE D 326 -35.96 18.18 40.73
C PHE D 326 -34.89 17.17 40.31
N THR D 327 -34.00 17.53 39.39
CA THR D 327 -32.90 16.66 38.99
C THR D 327 -31.63 17.49 38.86
N ALA D 328 -30.50 16.92 39.30
CA ALA D 328 -29.23 17.63 39.18
C ALA D 328 -28.73 17.65 37.75
N LEU D 329 -29.12 16.67 36.95
CA LEU D 329 -28.73 16.62 35.54
C LEU D 329 -29.42 17.74 34.76
N CYS D 330 -28.72 18.29 33.77
CA CYS D 330 -29.30 19.38 33.00
C CYS D 330 -30.01 18.83 31.77
N PRO D 331 -31.24 19.27 31.51
CA PRO D 331 -31.95 18.82 30.31
C PRO D 331 -31.37 19.46 29.06
N ALA D 332 -31.61 18.80 27.93
CA ALA D 332 -31.12 19.31 26.65
C ALA D 332 -31.87 20.58 26.28
N SER D 333 -31.13 21.67 26.08
CA SER D 333 -31.74 22.94 25.75
C SER D 333 -32.31 22.92 24.33
N ASP D 334 -33.33 23.75 24.11
CA ASP D 334 -33.97 23.80 22.80
C ASP D 334 -33.06 24.49 21.79
N PRO D 335 -32.97 23.97 20.56
CA PRO D 335 -32.12 24.61 19.56
C PRO D 335 -32.76 25.89 19.02
N LYS D 336 -31.90 26.80 18.60
CA LYS D 336 -32.35 28.04 17.97
C LYS D 336 -32.79 27.76 16.53
N PRO D 337 -33.60 28.65 15.94
CA PRO D 337 -34.10 28.40 14.58
C PRO D 337 -32.97 28.19 13.59
N GLN D 338 -33.30 27.48 12.50
CA GLN D 338 -32.32 27.13 11.49
C GLN D 338 -31.81 28.38 10.76
N PHE D 339 -30.55 28.32 10.35
CA PHE D 339 -29.90 29.38 9.57
C PHE D 339 -29.91 30.71 10.34
N THR D 340 -29.26 30.70 11.50
CA THR D 340 -29.10 31.88 12.33
C THR D 340 -27.62 32.24 12.39
N ASP D 341 -27.32 33.53 12.28
CA ASP D 341 -25.94 33.98 12.28
C ASP D 341 -25.26 33.64 13.60
N CYS D 342 -24.08 33.03 13.50
CA CYS D 342 -23.28 32.69 14.66
C CYS D 342 -21.80 32.89 14.32
N ASN D 343 -20.98 32.94 15.37
CA ASN D 343 -19.54 33.15 15.23
C ASN D 343 -19.26 34.46 14.47
N ARG D 344 -19.94 35.52 14.89
CA ARG D 344 -19.83 36.85 14.27
C ARG D 344 -20.17 36.79 12.79
N HIS D 345 -21.36 36.26 12.50
CA HIS D 345 -21.92 36.23 11.15
C HIS D 345 -21.02 35.50 10.17
N THR D 346 -20.28 34.50 10.66
CA THR D 346 -19.41 33.68 9.81
C THR D 346 -20.05 32.35 9.43
N GLN D 347 -20.71 31.69 10.37
CA GLN D 347 -21.36 30.41 10.15
C GLN D 347 -22.84 30.52 10.45
N VAL D 348 -23.59 29.49 10.09
CA VAL D 348 -25.02 29.43 10.34
C VAL D 348 -25.29 28.39 11.43
N CYS D 349 -26.51 28.43 11.97
CA CYS D 349 -26.93 27.48 12.98
C CYS D 349 -27.55 26.26 12.33
N ILE D 350 -27.09 25.07 12.71
CA ILE D 350 -27.59 23.81 12.17
C ILE D 350 -28.04 22.97 13.35
N ASN D 351 -29.35 23.01 13.65
CA ASN D 351 -29.96 22.19 14.69
C ASN D 351 -29.38 22.45 16.07
N GLY D 352 -28.85 23.66 16.28
CA GLY D 352 -28.32 24.06 17.58
C GLY D 352 -26.81 24.12 17.66
N GLN D 353 -26.09 23.80 16.60
CA GLN D 353 -24.63 23.85 16.58
C GLN D 353 -24.17 24.79 15.47
N CYS D 354 -23.28 25.71 15.82
CA CYS D 354 -22.73 26.66 14.86
C CYS D 354 -21.84 25.92 13.86
N ALA D 355 -22.44 25.38 12.79
CA ALA D 355 -21.73 24.59 11.81
C ALA D 355 -21.96 25.15 10.41
N GLY D 356 -21.04 24.83 9.51
CA GLY D 356 -21.17 25.27 8.14
C GLY D 356 -20.63 26.67 7.90
N SER D 357 -21.13 27.30 6.85
CA SER D 357 -20.73 28.63 6.45
C SER D 357 -21.95 29.53 6.35
N ILE D 358 -21.70 30.84 6.30
CA ILE D 358 -22.78 31.81 6.18
C ILE D 358 -23.41 31.78 4.79
N CYS D 359 -22.74 31.15 3.81
CA CYS D 359 -23.31 31.03 2.47
C CYS D 359 -24.57 30.17 2.46
N GLU D 360 -24.72 29.26 3.42
CA GLU D 360 -25.87 28.36 3.44
C GLU D 360 -27.18 29.09 3.78
N LYS D 361 -27.10 30.29 4.36
CA LYS D 361 -28.30 31.04 4.70
C LYS D 361 -29.01 31.60 3.48
N TYR D 362 -28.37 31.58 2.30
CA TYR D 362 -28.97 32.06 1.07
C TYR D 362 -28.98 30.99 -0.01
N GLY D 363 -28.83 29.73 0.37
CA GLY D 363 -28.79 28.65 -0.61
C GLY D 363 -27.50 28.58 -1.39
N LEU D 364 -26.39 29.00 -0.78
CA LEU D 364 -25.09 28.98 -1.42
C LEU D 364 -24.14 28.10 -0.61
N GLU D 365 -22.95 27.88 -1.16
CA GLU D 365 -21.91 27.09 -0.50
C GLU D 365 -20.63 27.90 -0.39
N GLU D 366 -19.75 27.46 0.50
CA GLU D 366 -18.48 28.13 0.71
C GLU D 366 -17.44 27.67 -0.30
N CYS D 367 -16.78 28.63 -0.95
CA CYS D 367 -15.71 28.37 -1.89
C CYS D 367 -14.50 29.21 -1.52
N THR D 368 -13.31 28.69 -1.79
CA THR D 368 -12.09 29.44 -1.54
C THR D 368 -12.01 30.63 -2.49
N CYS D 369 -11.71 31.80 -1.93
CA CYS D 369 -11.63 33.02 -2.72
C CYS D 369 -10.51 32.91 -3.76
N ALA D 370 -10.52 33.86 -4.71
CA ALA D 370 -9.54 33.88 -5.78
C ALA D 370 -8.15 34.17 -5.21
N SER D 371 -7.28 33.17 -5.26
CA SER D 371 -5.93 33.31 -4.73
C SER D 371 -5.04 34.06 -5.74
N ASP D 377 -3.59 39.25 -1.81
CA ASP D 377 -3.21 39.50 -0.42
C ASP D 377 -4.44 39.75 0.45
N LYS D 378 -4.44 39.17 1.65
CA LYS D 378 -5.55 39.31 2.60
C LYS D 378 -6.87 38.85 2.02
N GLU D 379 -6.84 37.88 1.11
CA GLU D 379 -8.06 37.39 0.47
C GLU D 379 -8.48 36.01 0.93
N LEU D 380 -7.59 35.25 1.59
CA LEU D 380 -7.94 33.91 2.03
C LEU D 380 -8.77 33.89 3.30
N CYS D 381 -8.76 34.96 4.09
CA CYS D 381 -9.59 35.05 5.28
C CYS D 381 -10.89 35.82 5.02
N HIS D 382 -11.26 35.98 3.76
CA HIS D 382 -12.55 36.51 3.37
C HIS D 382 -13.49 35.37 2.99
N VAL D 383 -14.77 35.57 3.23
CA VAL D 383 -15.78 34.58 2.85
C VAL D 383 -16.16 34.79 1.40
N CYS D 384 -16.08 33.72 0.61
CA CYS D 384 -16.48 33.75 -0.79
C CYS D 384 -17.50 32.64 -1.03
N CYS D 385 -18.66 33.02 -1.57
CA CYS D 385 -19.76 32.10 -1.80
C CYS D 385 -19.86 31.72 -3.27
N MET D 386 -20.58 30.62 -3.52
CA MET D 386 -20.79 30.12 -4.86
C MET D 386 -22.14 29.40 -4.92
N LYS D 387 -22.65 29.25 -6.14
CA LYS D 387 -23.84 28.44 -6.34
C LYS D 387 -23.48 26.95 -6.19
N LYS D 388 -24.46 26.17 -5.76
CA LYS D 388 -24.22 24.76 -5.47
C LYS D 388 -23.76 24.02 -6.72
N MET D 389 -22.64 23.30 -6.60
CA MET D 389 -22.08 22.51 -7.69
C MET D 389 -21.75 23.37 -8.90
N ASP D 390 -21.15 24.53 -8.64
CA ASP D 390 -20.74 25.45 -9.69
C ASP D 390 -19.58 26.31 -9.20
N PRO D 391 -18.34 25.97 -9.54
CA PRO D 391 -17.18 26.73 -9.04
C PRO D 391 -16.76 27.89 -9.93
N SER D 392 -17.42 28.10 -11.08
CA SER D 392 -17.12 29.24 -11.93
C SER D 392 -17.83 30.52 -11.48
N THR D 393 -18.69 30.43 -10.47
CA THR D 393 -19.42 31.58 -9.97
C THR D 393 -18.95 32.00 -8.58
N CYS D 394 -17.82 31.46 -8.11
CA CYS D 394 -17.30 31.82 -6.81
C CYS D 394 -16.90 33.29 -6.78
N ALA D 395 -17.50 34.05 -5.86
CA ALA D 395 -17.21 35.48 -5.75
C ALA D 395 -17.30 35.89 -4.28
N SER D 396 -16.76 37.07 -4.01
CA SER D 396 -16.73 37.59 -2.65
C SER D 396 -18.15 37.90 -2.16
N THR D 397 -18.29 37.93 -0.82
CA THR D 397 -19.57 38.30 -0.23
C THR D 397 -19.90 39.77 -0.51
N GLY D 398 -18.88 40.62 -0.59
CA GLY D 398 -19.10 42.04 -0.85
C GLY D 398 -19.12 42.38 -2.32
N SER D 399 -19.32 41.38 -3.16
CA SER D 399 -19.33 41.57 -4.61
C SER D 399 -20.73 41.91 -5.09
N VAL D 400 -20.81 42.34 -6.36
CA VAL D 400 -22.09 42.67 -6.96
C VAL D 400 -22.96 41.42 -7.11
N GLN D 401 -22.33 40.26 -7.36
CA GLN D 401 -23.08 39.04 -7.60
C GLN D 401 -23.91 38.63 -6.37
N TRP D 402 -23.36 38.84 -5.18
CA TRP D 402 -24.05 38.52 -3.94
C TRP D 402 -24.46 39.77 -3.18
N SER D 403 -24.67 40.88 -3.91
CA SER D 403 -25.08 42.13 -3.27
C SER D 403 -26.48 42.02 -2.68
N ARG D 404 -27.35 41.20 -3.28
CA ARG D 404 -28.69 41.02 -2.75
C ARG D 404 -28.68 40.37 -1.38
N HIS D 405 -27.68 39.54 -1.09
CA HIS D 405 -27.61 38.78 0.15
C HIS D 405 -26.79 39.48 1.23
N PHE D 406 -25.62 40.03 0.90
CA PHE D 406 -24.72 40.59 1.89
C PHE D 406 -24.62 42.10 1.85
N SER D 407 -25.22 42.76 0.86
CA SER D 407 -25.30 44.22 0.79
C SER D 407 -23.90 44.86 0.76
N GLY D 408 -23.04 44.34 -0.10
CA GLY D 408 -21.74 44.93 -0.35
C GLY D 408 -20.70 44.76 0.74
N ARG D 409 -21.09 44.31 1.94
CA ARG D 409 -20.13 44.14 3.01
C ARG D 409 -19.35 42.85 2.85
N THR D 410 -18.06 42.91 3.13
CA THR D 410 -17.16 41.76 3.00
C THR D 410 -17.03 41.09 4.37
N ILE D 411 -17.50 39.86 4.47
CA ILE D 411 -17.41 39.10 5.70
C ILE D 411 -16.00 38.53 5.83
N THR D 412 -15.42 38.64 7.02
CA THR D 412 -14.07 38.17 7.29
C THR D 412 -14.11 37.05 8.31
N LEU D 413 -13.35 35.98 8.06
CA LEU D 413 -13.30 34.86 8.98
C LEU D 413 -12.69 35.30 10.32
N GLN D 414 -13.18 34.70 11.40
CA GLN D 414 -12.67 35.00 12.72
C GLN D 414 -11.28 34.39 12.91
N PRO D 415 -10.46 34.99 13.78
CA PRO D 415 -9.14 34.40 14.07
C PRO D 415 -9.29 32.98 14.59
N GLY D 416 -8.48 32.07 14.05
CA GLY D 416 -8.54 30.68 14.42
C GLY D 416 -9.45 29.83 13.57
N SER D 417 -9.86 30.31 12.41
CA SER D 417 -10.73 29.62 11.47
C SER D 417 -9.93 29.03 10.32
N PRO D 418 -10.29 27.83 9.86
CA PRO D 418 -9.58 27.23 8.72
C PRO D 418 -9.69 28.08 7.48
N CYS D 419 -8.63 28.04 6.66
CA CYS D 419 -8.58 28.84 5.44
C CYS D 419 -7.80 28.08 4.37
N ASN D 420 -8.06 28.45 3.11
CA ASN D 420 -7.37 27.87 1.96
C ASN D 420 -7.56 26.36 1.91
N ASP D 421 -8.81 25.92 2.02
CA ASP D 421 -9.17 24.50 2.07
C ASP D 421 -8.47 23.78 3.21
N PHE D 422 -8.62 24.35 4.42
CA PHE D 422 -8.14 23.76 5.67
C PHE D 422 -6.62 23.62 5.72
N ARG D 423 -5.88 24.32 4.85
CA ARG D 423 -4.44 24.26 4.90
C ARG D 423 -3.86 25.00 6.10
N GLY D 424 -4.66 25.83 6.76
CA GLY D 424 -4.15 26.57 7.90
C GLY D 424 -5.25 27.41 8.52
N TYR D 425 -4.85 28.23 9.49
CA TYR D 425 -5.77 29.08 10.22
C TYR D 425 -5.51 30.55 9.90
N CYS D 426 -6.55 31.37 10.10
CA CYS D 426 -6.42 32.81 9.96
C CYS D 426 -6.07 33.42 11.31
N ASP D 427 -5.06 34.29 11.33
CA ASP D 427 -4.64 34.95 12.55
C ASP D 427 -5.45 36.22 12.75
N VAL D 428 -5.07 37.04 13.74
CA VAL D 428 -5.79 38.26 14.04
C VAL D 428 -5.57 39.34 12.99
N PHE D 429 -4.58 39.18 12.12
CA PHE D 429 -4.28 40.15 11.08
C PHE D 429 -4.88 39.76 9.72
N MET D 430 -5.86 38.85 9.73
CA MET D 430 -6.55 38.42 8.50
C MET D 430 -5.59 37.79 7.50
N ARG D 431 -4.69 36.94 8.00
CA ARG D 431 -3.73 36.22 7.18
C ARG D 431 -3.86 34.72 7.42
N CYS D 432 -3.82 33.94 6.34
CA CYS D 432 -3.94 32.49 6.45
C CYS D 432 -2.56 31.91 6.76
N ARG D 433 -2.38 31.46 8.00
CA ARG D 433 -1.11 30.91 8.48
C ARG D 433 -1.12 29.40 8.27
N LEU D 434 -0.45 28.93 7.22
CA LEU D 434 -0.45 27.51 6.88
C LEU D 434 0.32 26.70 7.92
N VAL D 435 -0.02 25.41 8.02
CA VAL D 435 0.50 24.53 9.04
C VAL D 435 1.65 23.70 8.48
N ASP D 436 2.72 23.57 9.27
CA ASP D 436 3.86 22.72 8.95
C ASP D 436 4.20 21.85 10.17
N ALA D 437 3.19 21.12 10.65
CA ALA D 437 3.36 20.33 11.87
C ALA D 437 4.37 19.20 11.72
N ASP D 438 4.58 18.72 10.50
CA ASP D 438 5.57 17.67 10.24
C ASP D 438 6.91 18.33 9.93
N GLY D 439 7.79 18.34 10.92
CA GLY D 439 9.05 19.03 10.80
C GLY D 439 10.08 18.24 10.02
N PRO D 440 11.25 18.84 9.84
CA PRO D 440 12.33 18.17 9.10
C PRO D 440 12.98 17.08 9.93
N LEU D 441 13.45 16.06 9.24
CA LEU D 441 14.14 14.94 9.85
C LEU D 441 15.63 15.01 9.59
N GLY D 442 16.40 14.44 10.51
CA GLY D 442 17.85 14.43 10.38
C GLY D 442 18.33 13.62 9.20
#